data_1XJT
# 
_entry.id   1XJT 
# 
_audit_conform.dict_name       mmcif_pdbx.dic 
_audit_conform.dict_version    5.397 
_audit_conform.dict_location   http://mmcif.pdb.org/dictionaries/ascii/mmcif_pdbx.dic 
# 
loop_
_database_2.database_id 
_database_2.database_code 
_database_2.pdbx_database_accession 
_database_2.pdbx_DOI 
PDB   1XJT         pdb_00001xjt 10.2210/pdb1xjt/pdb 
RCSB  RCSB030435   ?            ?                   
WWPDB D_1000030435 ?            ?                   
# 
loop_
_pdbx_audit_revision_history.ordinal 
_pdbx_audit_revision_history.data_content_type 
_pdbx_audit_revision_history.major_revision 
_pdbx_audit_revision_history.minor_revision 
_pdbx_audit_revision_history.revision_date 
1 'Structure model' 1 0 2005-01-11 
2 'Structure model' 1 1 2008-04-30 
3 'Structure model' 1 2 2011-07-13 
4 'Structure model' 1 3 2017-10-11 
5 'Structure model' 1 4 2024-10-09 
# 
_pdbx_audit_revision_details.ordinal             1 
_pdbx_audit_revision_details.revision_ordinal    1 
_pdbx_audit_revision_details.data_content_type   'Structure model' 
_pdbx_audit_revision_details.provider            repository 
_pdbx_audit_revision_details.type                'Initial release' 
_pdbx_audit_revision_details.description         ? 
_pdbx_audit_revision_details.details             ? 
# 
loop_
_pdbx_audit_revision_group.ordinal 
_pdbx_audit_revision_group.revision_ordinal 
_pdbx_audit_revision_group.data_content_type 
_pdbx_audit_revision_group.group 
1 2 'Structure model' 'Version format compliance' 
2 3 'Structure model' 'Version format compliance' 
3 4 'Structure model' 'Refinement description'    
4 5 'Structure model' 'Data collection'           
5 5 'Structure model' 'Database references'       
6 5 'Structure model' 'Derived calculations'      
7 5 'Structure model' 'Structure summary'         
# 
loop_
_pdbx_audit_revision_category.ordinal 
_pdbx_audit_revision_category.revision_ordinal 
_pdbx_audit_revision_category.data_content_type 
_pdbx_audit_revision_category.category 
1 4 'Structure model' software                  
2 5 'Structure model' chem_comp_atom            
3 5 'Structure model' chem_comp_bond            
4 5 'Structure model' database_2                
5 5 'Structure model' pdbx_entry_details        
6 5 'Structure model' pdbx_modification_feature 
7 5 'Structure model' struct_conn               
8 5 'Structure model' struct_ref_seq_dif        
9 5 'Structure model' struct_site               
# 
loop_
_pdbx_audit_revision_item.ordinal 
_pdbx_audit_revision_item.revision_ordinal 
_pdbx_audit_revision_item.data_content_type 
_pdbx_audit_revision_item.item 
1  4 'Structure model' '_software.classification'            
2  4 'Structure model' '_software.contact_author'            
3  4 'Structure model' '_software.contact_author_email'      
4  4 'Structure model' '_software.date'                      
5  4 'Structure model' '_software.language'                  
6  4 'Structure model' '_software.location'                  
7  4 'Structure model' '_software.name'                      
8  4 'Structure model' '_software.type'                      
9  4 'Structure model' '_software.version'                   
10 5 'Structure model' '_database_2.pdbx_DOI'                
11 5 'Structure model' '_database_2.pdbx_database_accession' 
12 5 'Structure model' '_struct_conn.pdbx_leaving_atom_flag' 
13 5 'Structure model' '_struct_ref_seq_dif.details'         
14 5 'Structure model' '_struct_site.pdbx_auth_asym_id'      
15 5 'Structure model' '_struct_site.pdbx_auth_comp_id'      
16 5 'Structure model' '_struct_site.pdbx_auth_seq_id'       
# 
_pdbx_database_status.entry_id                        1XJT 
_pdbx_database_status.deposit_site                    RCSB 
_pdbx_database_status.process_site                    RCSB 
_pdbx_database_status.recvd_initial_deposition_date   2004-09-24 
_pdbx_database_status.status_code                     REL 
_pdbx_database_status.status_code_sf                  ? 
_pdbx_database_status.status_code_mr                  ? 
_pdbx_database_status.SG_entry                        ? 
_pdbx_database_status.pdb_format_compatible           Y 
_pdbx_database_status.status_code_cs                  ? 
_pdbx_database_status.methods_development_category    ? 
_pdbx_database_status.status_code_nmr_data            ? 
# 
_pdbx_database_related.db_name        PDB 
_pdbx_database_related.db_id          1XJU 
_pdbx_database_related.details        'P1 phage endolysin Lyz (secreted inactive form)' 
_pdbx_database_related.content_type   unspecified 
# 
loop_
_audit_author.name 
_audit_author.pdbx_ordinal 
'Arockiasamy, A.'   1 
'Sacchettini, J.C.' 2 
# 
_citation.id                        primary 
_citation.title                     'Disulfide isomerization after membrane release of its SAR domain activates P1 lysozyme.' 
_citation.journal_abbrev            Science 
_citation.journal_volume            307 
_citation.page_first                113 
_citation.page_last                 117 
_citation.year                      2005 
_citation.journal_id_ASTM           SCIEAS 
_citation.country                   US 
_citation.journal_id_ISSN           0036-8075 
_citation.journal_id_CSD            0038 
_citation.book_publisher            ? 
_citation.pdbx_database_id_PubMed   15637279 
_citation.pdbx_database_id_DOI      10.1126/science.1105143 
# 
loop_
_citation_author.citation_id 
_citation_author.name 
_citation_author.ordinal 
_citation_author.identifier_ORCID 
primary 'Xu, M.'            1 ? 
primary 'Arulandu, A.'      2 ? 
primary 'Struck, D.K.'      3 ? 
primary 'Swanson, S.'       4 ? 
primary 'Sacchettini, J.C.' 5 ? 
primary 'Young, R.'         6 ? 
# 
loop_
_entity.id 
_entity.type 
_entity.src_method 
_entity.pdbx_description 
_entity.formula_weight 
_entity.pdbx_number_of_molecules 
_entity.pdbx_ec 
_entity.pdbx_mutation 
_entity.pdbx_fragment 
_entity.details 
1 polymer     man Lysozyme      21487.357 1   3.2.1.17 ? ? ? 
2 non-polymer syn 'CITRIC ACID' 192.124   2   ?        ? ? ? 
3 water       nat water         18.015    149 ?        ? ? ? 
# 
_entity_name_com.entity_id   1 
_entity_name_com.name        'Lysis protein, Muramidase, Endolysin, Protein gp17' 
# 
_entity_poly.entity_id                      1 
_entity_poly.type                           'polypeptide(L)' 
_entity_poly.nstd_linkage                   no 
_entity_poly.nstd_monomer                   yes 
_entity_poly.pdbx_seq_one_letter_code       
;MKGKTAAGGGAICAIAV(MSE)ITIV(MSE)GNGNVRTNQAGLELIGNAEGCRRDPY(MSE)CPAGVWTDGIGNTHGVTP
GVRKTDQQIAADWEKNILIAERCINQHFRGKD(MSE)PDNAFSA(MSE)TSAAFN(MSE)GCNSLRTYYSKARG(MSE)R
VETSIHKWAQKGEWVN(MSE)CNHLPDFVNSNGVPLRGLKIRREKERQLCLTGLVNEHHHHHH
;
_entity_poly.pdbx_seq_one_letter_code_can   
;MKGKTAAGGGAICAIAVMITIVMGNGNVRTNQAGLELIGNAEGCRRDPYMCPAGVWTDGIGNTHGVTPGVRKTDQQIAAD
WEKNILIAERCINQHFRGKDMPDNAFSAMTSAAFNMGCNSLRTYYSKARGMRVETSIHKWAQKGEWVNMCNHLPDFVNSN
GVPLRGLKIRREKERQLCLTGLVNEHHHHHH
;
_entity_poly.pdbx_strand_id                 A 
_entity_poly.pdbx_target_identifier         ? 
# 
loop_
_pdbx_entity_nonpoly.entity_id 
_pdbx_entity_nonpoly.name 
_pdbx_entity_nonpoly.comp_id 
2 'CITRIC ACID' CIT 
3 water         HOH 
# 
loop_
_entity_poly_seq.entity_id 
_entity_poly_seq.num 
_entity_poly_seq.mon_id 
_entity_poly_seq.hetero 
1 1   MET n 
1 2   LYS n 
1 3   GLY n 
1 4   LYS n 
1 5   THR n 
1 6   ALA n 
1 7   ALA n 
1 8   GLY n 
1 9   GLY n 
1 10  GLY n 
1 11  ALA n 
1 12  ILE n 
1 13  CYS n 
1 14  ALA n 
1 15  ILE n 
1 16  ALA n 
1 17  VAL n 
1 18  MSE n 
1 19  ILE n 
1 20  THR n 
1 21  ILE n 
1 22  VAL n 
1 23  MSE n 
1 24  GLY n 
1 25  ASN n 
1 26  GLY n 
1 27  ASN n 
1 28  VAL n 
1 29  ARG n 
1 30  THR n 
1 31  ASN n 
1 32  GLN n 
1 33  ALA n 
1 34  GLY n 
1 35  LEU n 
1 36  GLU n 
1 37  LEU n 
1 38  ILE n 
1 39  GLY n 
1 40  ASN n 
1 41  ALA n 
1 42  GLU n 
1 43  GLY n 
1 44  CYS n 
1 45  ARG n 
1 46  ARG n 
1 47  ASP n 
1 48  PRO n 
1 49  TYR n 
1 50  MSE n 
1 51  CYS n 
1 52  PRO n 
1 53  ALA n 
1 54  GLY n 
1 55  VAL n 
1 56  TRP n 
1 57  THR n 
1 58  ASP n 
1 59  GLY n 
1 60  ILE n 
1 61  GLY n 
1 62  ASN n 
1 63  THR n 
1 64  HIS n 
1 65  GLY n 
1 66  VAL n 
1 67  THR n 
1 68  PRO n 
1 69  GLY n 
1 70  VAL n 
1 71  ARG n 
1 72  LYS n 
1 73  THR n 
1 74  ASP n 
1 75  GLN n 
1 76  GLN n 
1 77  ILE n 
1 78  ALA n 
1 79  ALA n 
1 80  ASP n 
1 81  TRP n 
1 82  GLU n 
1 83  LYS n 
1 84  ASN n 
1 85  ILE n 
1 86  LEU n 
1 87  ILE n 
1 88  ALA n 
1 89  GLU n 
1 90  ARG n 
1 91  CYS n 
1 92  ILE n 
1 93  ASN n 
1 94  GLN n 
1 95  HIS n 
1 96  PHE n 
1 97  ARG n 
1 98  GLY n 
1 99  LYS n 
1 100 ASP n 
1 101 MSE n 
1 102 PRO n 
1 103 ASP n 
1 104 ASN n 
1 105 ALA n 
1 106 PHE n 
1 107 SER n 
1 108 ALA n 
1 109 MSE n 
1 110 THR n 
1 111 SER n 
1 112 ALA n 
1 113 ALA n 
1 114 PHE n 
1 115 ASN n 
1 116 MSE n 
1 117 GLY n 
1 118 CYS n 
1 119 ASN n 
1 120 SER n 
1 121 LEU n 
1 122 ARG n 
1 123 THR n 
1 124 TYR n 
1 125 TYR n 
1 126 SER n 
1 127 LYS n 
1 128 ALA n 
1 129 ARG n 
1 130 GLY n 
1 131 MSE n 
1 132 ARG n 
1 133 VAL n 
1 134 GLU n 
1 135 THR n 
1 136 SER n 
1 137 ILE n 
1 138 HIS n 
1 139 LYS n 
1 140 TRP n 
1 141 ALA n 
1 142 GLN n 
1 143 LYS n 
1 144 GLY n 
1 145 GLU n 
1 146 TRP n 
1 147 VAL n 
1 148 ASN n 
1 149 MSE n 
1 150 CYS n 
1 151 ASN n 
1 152 HIS n 
1 153 LEU n 
1 154 PRO n 
1 155 ASP n 
1 156 PHE n 
1 157 VAL n 
1 158 ASN n 
1 159 SER n 
1 160 ASN n 
1 161 GLY n 
1 162 VAL n 
1 163 PRO n 
1 164 LEU n 
1 165 ARG n 
1 166 GLY n 
1 167 LEU n 
1 168 LYS n 
1 169 ILE n 
1 170 ARG n 
1 171 ARG n 
1 172 GLU n 
1 173 LYS n 
1 174 GLU n 
1 175 ARG n 
1 176 GLN n 
1 177 LEU n 
1 178 CYS n 
1 179 LEU n 
1 180 THR n 
1 181 GLY n 
1 182 LEU n 
1 183 VAL n 
1 184 ASN n 
1 185 GLU n 
1 186 HIS n 
1 187 HIS n 
1 188 HIS n 
1 189 HIS n 
1 190 HIS n 
1 191 HIS n 
# 
_entity_src_gen.entity_id                          1 
_entity_src_gen.pdbx_src_id                        1 
_entity_src_gen.pdbx_alt_source_flag               sample 
_entity_src_gen.pdbx_seq_type                      ? 
_entity_src_gen.pdbx_beg_seq_num                   ? 
_entity_src_gen.pdbx_end_seq_num                   ? 
_entity_src_gen.gene_src_common_name               ? 
_entity_src_gen.gene_src_genus                     'P1-like viruses' 
_entity_src_gen.pdbx_gene_src_gene                 '17, LYSA, lyZ' 
_entity_src_gen.gene_src_species                   ? 
_entity_src_gen.gene_src_strain                    ? 
_entity_src_gen.gene_src_tissue                    ? 
_entity_src_gen.gene_src_tissue_fraction           ? 
_entity_src_gen.gene_src_details                   ? 
_entity_src_gen.pdbx_gene_src_fragment             ? 
_entity_src_gen.pdbx_gene_src_scientific_name      'Enterobacteria phage P1' 
_entity_src_gen.pdbx_gene_src_ncbi_taxonomy_id     10678 
_entity_src_gen.pdbx_gene_src_variant              ? 
_entity_src_gen.pdbx_gene_src_cell_line            ? 
_entity_src_gen.pdbx_gene_src_atcc                 ? 
_entity_src_gen.pdbx_gene_src_organ                ? 
_entity_src_gen.pdbx_gene_src_organelle            ? 
_entity_src_gen.pdbx_gene_src_cell                 ? 
_entity_src_gen.pdbx_gene_src_cellular_location    ? 
_entity_src_gen.host_org_common_name               ? 
_entity_src_gen.pdbx_host_org_scientific_name      'Escherichia coli' 
_entity_src_gen.pdbx_host_org_ncbi_taxonomy_id     562 
_entity_src_gen.host_org_genus                     Escherichia 
_entity_src_gen.pdbx_host_org_gene                 ? 
_entity_src_gen.pdbx_host_org_organ                ? 
_entity_src_gen.host_org_species                   ? 
_entity_src_gen.pdbx_host_org_tissue               ? 
_entity_src_gen.pdbx_host_org_tissue_fraction      ? 
_entity_src_gen.pdbx_host_org_strain               'Bl21(DE3)slyD-, B834(DE3)' 
_entity_src_gen.pdbx_host_org_variant              ? 
_entity_src_gen.pdbx_host_org_cell_line            ? 
_entity_src_gen.pdbx_host_org_atcc                 ? 
_entity_src_gen.pdbx_host_org_culture_collection   ? 
_entity_src_gen.pdbx_host_org_cell                 ? 
_entity_src_gen.pdbx_host_org_organelle            ? 
_entity_src_gen.pdbx_host_org_cellular_location    ? 
_entity_src_gen.pdbx_host_org_vector_type          pET11a 
_entity_src_gen.pdbx_host_org_vector               ? 
_entity_src_gen.host_org_details                   ? 
_entity_src_gen.expression_system_id               ? 
_entity_src_gen.plasmid_name                       ? 
_entity_src_gen.plasmid_details                    ? 
_entity_src_gen.pdbx_description                   ? 
# 
loop_
_chem_comp.id 
_chem_comp.type 
_chem_comp.mon_nstd_flag 
_chem_comp.name 
_chem_comp.pdbx_synonyms 
_chem_comp.formula 
_chem_comp.formula_weight 
ALA 'L-peptide linking' y ALANINE          ? 'C3 H7 N O2'     89.093  
ARG 'L-peptide linking' y ARGININE         ? 'C6 H15 N4 O2 1' 175.209 
ASN 'L-peptide linking' y ASPARAGINE       ? 'C4 H8 N2 O3'    132.118 
ASP 'L-peptide linking' y 'ASPARTIC ACID'  ? 'C4 H7 N O4'     133.103 
CIT non-polymer         . 'CITRIC ACID'    ? 'C6 H8 O7'       192.124 
CYS 'L-peptide linking' y CYSTEINE         ? 'C3 H7 N O2 S'   121.158 
GLN 'L-peptide linking' y GLUTAMINE        ? 'C5 H10 N2 O3'   146.144 
GLU 'L-peptide linking' y 'GLUTAMIC ACID'  ? 'C5 H9 N O4'     147.129 
GLY 'peptide linking'   y GLYCINE          ? 'C2 H5 N O2'     75.067  
HIS 'L-peptide linking' y HISTIDINE        ? 'C6 H10 N3 O2 1' 156.162 
HOH non-polymer         . WATER            ? 'H2 O'           18.015  
ILE 'L-peptide linking' y ISOLEUCINE       ? 'C6 H13 N O2'    131.173 
LEU 'L-peptide linking' y LEUCINE          ? 'C6 H13 N O2'    131.173 
LYS 'L-peptide linking' y LYSINE           ? 'C6 H15 N2 O2 1' 147.195 
MET 'L-peptide linking' y METHIONINE       ? 'C5 H11 N O2 S'  149.211 
MSE 'L-peptide linking' n SELENOMETHIONINE ? 'C5 H11 N O2 Se' 196.106 
PHE 'L-peptide linking' y PHENYLALANINE    ? 'C9 H11 N O2'    165.189 
PRO 'L-peptide linking' y PROLINE          ? 'C5 H9 N O2'     115.130 
SER 'L-peptide linking' y SERINE           ? 'C3 H7 N O3'     105.093 
THR 'L-peptide linking' y THREONINE        ? 'C4 H9 N O3'     119.119 
TRP 'L-peptide linking' y TRYPTOPHAN       ? 'C11 H12 N2 O2'  204.225 
TYR 'L-peptide linking' y TYROSINE         ? 'C9 H11 N O3'    181.189 
VAL 'L-peptide linking' y VALINE           ? 'C5 H11 N O2'    117.146 
# 
loop_
_pdbx_poly_seq_scheme.asym_id 
_pdbx_poly_seq_scheme.entity_id 
_pdbx_poly_seq_scheme.seq_id 
_pdbx_poly_seq_scheme.mon_id 
_pdbx_poly_seq_scheme.ndb_seq_num 
_pdbx_poly_seq_scheme.pdb_seq_num 
_pdbx_poly_seq_scheme.auth_seq_num 
_pdbx_poly_seq_scheme.pdb_mon_id 
_pdbx_poly_seq_scheme.auth_mon_id 
_pdbx_poly_seq_scheme.pdb_strand_id 
_pdbx_poly_seq_scheme.pdb_ins_code 
_pdbx_poly_seq_scheme.hetero 
A 1 1   MET 1   1   ?   ?   ?   A . n 
A 1 2   LYS 2   2   ?   ?   ?   A . n 
A 1 3   GLY 3   3   ?   ?   ?   A . n 
A 1 4   LYS 4   4   ?   ?   ?   A . n 
A 1 5   THR 5   5   ?   ?   ?   A . n 
A 1 6   ALA 6   6   ?   ?   ?   A . n 
A 1 7   ALA 7   7   ?   ?   ?   A . n 
A 1 8   GLY 8   8   ?   ?   ?   A . n 
A 1 9   GLY 9   9   9   GLY GLY A . n 
A 1 10  GLY 10  10  10  GLY GLY A . n 
A 1 11  ALA 11  11  11  ALA ALA A . n 
A 1 12  ILE 12  12  12  ILE ILE A . n 
A 1 13  CYS 13  13  13  CYS CYS A . n 
A 1 14  ALA 14  14  14  ALA ALA A . n 
A 1 15  ILE 15  15  15  ILE ILE A . n 
A 1 16  ALA 16  16  16  ALA ALA A . n 
A 1 17  VAL 17  17  17  VAL VAL A . n 
A 1 18  MSE 18  18  18  MSE MSE A . n 
A 1 19  ILE 19  19  19  ILE ILE A . n 
A 1 20  THR 20  20  20  THR THR A . n 
A 1 21  ILE 21  21  21  ILE ILE A . n 
A 1 22  VAL 22  22  22  VAL VAL A . n 
A 1 23  MSE 23  23  23  MSE MSE A . n 
A 1 24  GLY 24  24  24  GLY GLY A . n 
A 1 25  ASN 25  25  25  ASN ASN A . n 
A 1 26  GLY 26  26  26  GLY GLY A . n 
A 1 27  ASN 27  27  27  ASN ASN A . n 
A 1 28  VAL 28  28  28  VAL VAL A . n 
A 1 29  ARG 29  29  29  ARG ARG A . n 
A 1 30  THR 30  30  30  THR THR A . n 
A 1 31  ASN 31  31  31  ASN ASN A . n 
A 1 32  GLN 32  32  32  GLN GLN A . n 
A 1 33  ALA 33  33  33  ALA ALA A . n 
A 1 34  GLY 34  34  34  GLY GLY A . n 
A 1 35  LEU 35  35  35  LEU LEU A . n 
A 1 36  GLU 36  36  36  GLU GLU A . n 
A 1 37  LEU 37  37  37  LEU LEU A . n 
A 1 38  ILE 38  38  38  ILE ILE A . n 
A 1 39  GLY 39  39  39  GLY GLY A . n 
A 1 40  ASN 40  40  40  ASN ASN A . n 
A 1 41  ALA 41  41  41  ALA ALA A . n 
A 1 42  GLU 42  42  42  GLU GLU A . n 
A 1 43  GLY 43  43  43  GLY GLY A . n 
A 1 44  CYS 44  44  44  CYS CYS A . n 
A 1 45  ARG 45  45  45  ARG ARG A . n 
A 1 46  ARG 46  46  46  ARG ARG A . n 
A 1 47  ASP 47  47  47  ASP ASP A . n 
A 1 48  PRO 48  48  48  PRO PRO A . n 
A 1 49  TYR 49  49  49  TYR TYR A . n 
A 1 50  MSE 50  50  50  MSE MSE A . n 
A 1 51  CYS 51  51  51  CYS CYS A . n 
A 1 52  PRO 52  52  52  PRO PRO A . n 
A 1 53  ALA 53  53  53  ALA ALA A . n 
A 1 54  GLY 54  54  54  GLY GLY A . n 
A 1 55  VAL 55  55  55  VAL VAL A . n 
A 1 56  TRP 56  56  56  TRP TRP A . n 
A 1 57  THR 57  57  57  THR THR A . n 
A 1 58  ASP 58  58  58  ASP ASP A . n 
A 1 59  GLY 59  59  59  GLY GLY A . n 
A 1 60  ILE 60  60  60  ILE ILE A . n 
A 1 61  GLY 61  61  61  GLY GLY A . n 
A 1 62  ASN 62  62  62  ASN ASN A . n 
A 1 63  THR 63  63  63  THR THR A . n 
A 1 64  HIS 64  64  64  HIS HIS A . n 
A 1 65  GLY 65  65  65  GLY GLY A . n 
A 1 66  VAL 66  66  66  VAL VAL A . n 
A 1 67  THR 67  67  67  THR THR A . n 
A 1 68  PRO 68  68  68  PRO PRO A . n 
A 1 69  GLY 69  69  69  GLY GLY A . n 
A 1 70  VAL 70  70  70  VAL VAL A . n 
A 1 71  ARG 71  71  71  ARG ARG A . n 
A 1 72  LYS 72  72  72  LYS LYS A . n 
A 1 73  THR 73  73  73  THR THR A . n 
A 1 74  ASP 74  74  74  ASP ASP A . n 
A 1 75  GLN 75  75  75  GLN GLN A . n 
A 1 76  GLN 76  76  76  GLN GLN A . n 
A 1 77  ILE 77  77  77  ILE ILE A . n 
A 1 78  ALA 78  78  78  ALA ALA A . n 
A 1 79  ALA 79  79  79  ALA ALA A . n 
A 1 80  ASP 80  80  80  ASP ASP A . n 
A 1 81  TRP 81  81  81  TRP TRP A . n 
A 1 82  GLU 82  82  82  GLU GLU A . n 
A 1 83  LYS 83  83  83  LYS LYS A . n 
A 1 84  ASN 84  84  84  ASN ASN A . n 
A 1 85  ILE 85  85  85  ILE ILE A . n 
A 1 86  LEU 86  86  86  LEU LEU A . n 
A 1 87  ILE 87  87  87  ILE ILE A . n 
A 1 88  ALA 88  88  88  ALA ALA A . n 
A 1 89  GLU 89  89  89  GLU GLU A . n 
A 1 90  ARG 90  90  90  ARG ARG A . n 
A 1 91  CYS 91  91  91  CYS CYS A . n 
A 1 92  ILE 92  92  92  ILE ILE A . n 
A 1 93  ASN 93  93  93  ASN ASN A . n 
A 1 94  GLN 94  94  94  GLN GLN A . n 
A 1 95  HIS 95  95  95  HIS HIS A . n 
A 1 96  PHE 96  96  96  PHE PHE A . n 
A 1 97  ARG 97  97  97  ARG ARG A . n 
A 1 98  GLY 98  98  98  GLY GLY A . n 
A 1 99  LYS 99  99  99  LYS LYS A . n 
A 1 100 ASP 100 100 100 ASP ASP A . n 
A 1 101 MSE 101 101 101 MSE MSE A . n 
A 1 102 PRO 102 102 102 PRO PRO A . n 
A 1 103 ASP 103 103 103 ASP ASP A . n 
A 1 104 ASN 104 104 104 ASN ASN A . n 
A 1 105 ALA 105 105 105 ALA ALA A . n 
A 1 106 PHE 106 106 106 PHE PHE A . n 
A 1 107 SER 107 107 107 SER SER A . n 
A 1 108 ALA 108 108 108 ALA ALA A . n 
A 1 109 MSE 109 109 109 MSE MSE A . n 
A 1 110 THR 110 110 110 THR THR A . n 
A 1 111 SER 111 111 111 SER SER A . n 
A 1 112 ALA 112 112 112 ALA ALA A . n 
A 1 113 ALA 113 113 113 ALA ALA A . n 
A 1 114 PHE 114 114 114 PHE PHE A . n 
A 1 115 ASN 115 115 115 ASN ASN A . n 
A 1 116 MSE 116 116 116 MSE MSE A . n 
A 1 117 GLY 117 117 117 GLY GLY A . n 
A 1 118 CYS 118 118 118 CYS CYS A . n 
A 1 119 ASN 119 119 119 ASN ASN A . n 
A 1 120 SER 120 120 120 SER SER A . n 
A 1 121 LEU 121 121 121 LEU LEU A . n 
A 1 122 ARG 122 122 122 ARG ARG A . n 
A 1 123 THR 123 123 123 THR THR A . n 
A 1 124 TYR 124 124 124 TYR TYR A . n 
A 1 125 TYR 125 125 125 TYR TYR A . n 
A 1 126 SER 126 126 126 SER SER A . n 
A 1 127 LYS 127 127 127 LYS LYS A . n 
A 1 128 ALA 128 128 128 ALA ALA A . n 
A 1 129 ARG 129 129 129 ARG ARG A . n 
A 1 130 GLY 130 130 130 GLY GLY A . n 
A 1 131 MSE 131 131 131 MSE MSE A . n 
A 1 132 ARG 132 132 132 ARG ARG A . n 
A 1 133 VAL 133 133 133 VAL VAL A . n 
A 1 134 GLU 134 134 134 GLU GLU A . n 
A 1 135 THR 135 135 135 THR THR A . n 
A 1 136 SER 136 136 136 SER SER A . n 
A 1 137 ILE 137 137 137 ILE ILE A . n 
A 1 138 HIS 138 138 138 HIS HIS A . n 
A 1 139 LYS 139 139 139 LYS LYS A . n 
A 1 140 TRP 140 140 140 TRP TRP A . n 
A 1 141 ALA 141 141 141 ALA ALA A . n 
A 1 142 GLN 142 142 142 GLN GLN A . n 
A 1 143 LYS 143 143 143 LYS LYS A . n 
A 1 144 GLY 144 144 144 GLY GLY A . n 
A 1 145 GLU 145 145 145 GLU GLU A . n 
A 1 146 TRP 146 146 146 TRP TRP A . n 
A 1 147 VAL 147 147 147 VAL VAL A . n 
A 1 148 ASN 148 148 148 ASN ASN A . n 
A 1 149 MSE 149 149 149 MSE MSE A . n 
A 1 150 CYS 150 150 150 CYS CYS A . n 
A 1 151 ASN 151 151 151 ASN ASN A . n 
A 1 152 HIS 152 152 152 HIS HIS A . n 
A 1 153 LEU 153 153 153 LEU LEU A . n 
A 1 154 PRO 154 154 154 PRO PRO A . n 
A 1 155 ASP 155 155 155 ASP ASP A . n 
A 1 156 PHE 156 156 156 PHE PHE A . n 
A 1 157 VAL 157 157 157 VAL VAL A . n 
A 1 158 ASN 158 158 158 ASN ASN A . n 
A 1 159 SER 159 159 159 SER SER A . n 
A 1 160 ASN 160 160 160 ASN ASN A . n 
A 1 161 GLY 161 161 161 GLY GLY A . n 
A 1 162 VAL 162 162 162 VAL VAL A . n 
A 1 163 PRO 163 163 163 PRO PRO A . n 
A 1 164 LEU 164 164 164 LEU LEU A . n 
A 1 165 ARG 165 165 165 ARG ARG A . n 
A 1 166 GLY 166 166 166 GLY GLY A . n 
A 1 167 LEU 167 167 167 LEU LEU A . n 
A 1 168 LYS 168 168 168 LYS LYS A . n 
A 1 169 ILE 169 169 169 ILE ILE A . n 
A 1 170 ARG 170 170 170 ARG ARG A . n 
A 1 171 ARG 171 171 171 ARG ARG A . n 
A 1 172 GLU 172 172 172 GLU GLU A . n 
A 1 173 LYS 173 173 173 LYS LYS A . n 
A 1 174 GLU 174 174 174 GLU GLU A . n 
A 1 175 ARG 175 175 175 ARG ARG A . n 
A 1 176 GLN 176 176 176 GLN GLN A . n 
A 1 177 LEU 177 177 177 LEU LEU A . n 
A 1 178 CYS 178 178 178 CYS CYS A . n 
A 1 179 LEU 179 179 179 LEU LEU A . n 
A 1 180 THR 180 180 180 THR THR A . n 
A 1 181 GLY 181 181 181 GLY GLY A . n 
A 1 182 LEU 182 182 182 LEU LEU A . n 
A 1 183 VAL 183 183 183 VAL VAL A . n 
A 1 184 ASN 184 184 184 ASN ASN A . n 
A 1 185 GLU 185 185 185 GLU GLU A . n 
A 1 186 HIS 186 186 186 HIS ALA A . n 
A 1 187 HIS 187 187 ?   ?   ?   A . n 
A 1 188 HIS 188 188 ?   ?   ?   A . n 
A 1 189 HIS 189 189 ?   ?   ?   A . n 
A 1 190 HIS 190 190 ?   ?   ?   A . n 
A 1 191 HIS 191 191 ?   ?   ?   A . n 
# 
loop_
_pdbx_nonpoly_scheme.asym_id 
_pdbx_nonpoly_scheme.entity_id 
_pdbx_nonpoly_scheme.mon_id 
_pdbx_nonpoly_scheme.ndb_seq_num 
_pdbx_nonpoly_scheme.pdb_seq_num 
_pdbx_nonpoly_scheme.auth_seq_num 
_pdbx_nonpoly_scheme.pdb_mon_id 
_pdbx_nonpoly_scheme.auth_mon_id 
_pdbx_nonpoly_scheme.pdb_strand_id 
_pdbx_nonpoly_scheme.pdb_ins_code 
B 2 CIT 1   192 150 CIT CIT A . 
C 2 CIT 1   250 250 CIT CIT A . 
D 3 HOH 1   251 1   HOH HOH A . 
D 3 HOH 2   252 2   HOH HOH A . 
D 3 HOH 3   253 3   HOH HOH A . 
D 3 HOH 4   254 4   HOH HOH A . 
D 3 HOH 5   255 5   HOH HOH A . 
D 3 HOH 6   256 6   HOH HOH A . 
D 3 HOH 7   257 7   HOH HOH A . 
D 3 HOH 8   258 8   HOH HOH A . 
D 3 HOH 9   259 9   HOH HOH A . 
D 3 HOH 10  260 10  HOH HOH A . 
D 3 HOH 11  261 11  HOH HOH A . 
D 3 HOH 12  262 12  HOH HOH A . 
D 3 HOH 13  263 13  HOH HOH A . 
D 3 HOH 14  264 14  HOH HOH A . 
D 3 HOH 15  265 15  HOH HOH A . 
D 3 HOH 16  266 16  HOH HOH A . 
D 3 HOH 17  267 17  HOH HOH A . 
D 3 HOH 18  268 18  HOH HOH A . 
D 3 HOH 19  269 19  HOH HOH A . 
D 3 HOH 20  270 20  HOH HOH A . 
D 3 HOH 21  271 21  HOH HOH A . 
D 3 HOH 22  272 22  HOH HOH A . 
D 3 HOH 23  273 23  HOH HOH A . 
D 3 HOH 24  274 24  HOH HOH A . 
D 3 HOH 25  275 25  HOH HOH A . 
D 3 HOH 26  276 26  HOH HOH A . 
D 3 HOH 27  277 27  HOH HOH A . 
D 3 HOH 28  278 28  HOH HOH A . 
D 3 HOH 29  279 29  HOH HOH A . 
D 3 HOH 30  280 30  HOH HOH A . 
D 3 HOH 31  281 31  HOH HOH A . 
D 3 HOH 32  282 32  HOH HOH A . 
D 3 HOH 33  283 33  HOH HOH A . 
D 3 HOH 34  284 34  HOH HOH A . 
D 3 HOH 35  285 35  HOH HOH A . 
D 3 HOH 36  286 36  HOH HOH A . 
D 3 HOH 37  287 37  HOH HOH A . 
D 3 HOH 38  288 38  HOH HOH A . 
D 3 HOH 39  289 39  HOH HOH A . 
D 3 HOH 40  290 40  HOH HOH A . 
D 3 HOH 41  291 41  HOH HOH A . 
D 3 HOH 42  292 42  HOH HOH A . 
D 3 HOH 43  293 43  HOH HOH A . 
D 3 HOH 44  294 44  HOH HOH A . 
D 3 HOH 45  295 45  HOH HOH A . 
D 3 HOH 46  296 46  HOH HOH A . 
D 3 HOH 47  297 47  HOH HOH A . 
D 3 HOH 48  298 48  HOH HOH A . 
D 3 HOH 49  299 49  HOH HOH A . 
D 3 HOH 50  300 50  HOH HOH A . 
D 3 HOH 51  301 51  HOH HOH A . 
D 3 HOH 52  302 52  HOH HOH A . 
D 3 HOH 53  303 53  HOH HOH A . 
D 3 HOH 54  304 54  HOH HOH A . 
D 3 HOH 55  305 55  HOH HOH A . 
D 3 HOH 56  306 56  HOH HOH A . 
D 3 HOH 57  307 57  HOH HOH A . 
D 3 HOH 58  308 58  HOH HOH A . 
D 3 HOH 59  309 59  HOH HOH A . 
D 3 HOH 60  310 60  HOH HOH A . 
D 3 HOH 61  311 61  HOH HOH A . 
D 3 HOH 62  312 62  HOH HOH A . 
D 3 HOH 63  313 63  HOH HOH A . 
D 3 HOH 64  314 64  HOH HOH A . 
D 3 HOH 65  315 65  HOH HOH A . 
D 3 HOH 66  316 66  HOH HOH A . 
D 3 HOH 67  317 67  HOH HOH A . 
D 3 HOH 68  318 68  HOH HOH A . 
D 3 HOH 69  319 69  HOH HOH A . 
D 3 HOH 70  320 70  HOH HOH A . 
D 3 HOH 71  321 71  HOH HOH A . 
D 3 HOH 72  322 72  HOH HOH A . 
D 3 HOH 73  323 73  HOH HOH A . 
D 3 HOH 74  324 74  HOH HOH A . 
D 3 HOH 75  325 75  HOH HOH A . 
D 3 HOH 76  326 76  HOH HOH A . 
D 3 HOH 77  327 77  HOH HOH A . 
D 3 HOH 78  328 78  HOH HOH A . 
D 3 HOH 79  329 79  HOH HOH A . 
D 3 HOH 80  330 80  HOH HOH A . 
D 3 HOH 81  331 81  HOH HOH A . 
D 3 HOH 82  332 82  HOH HOH A . 
D 3 HOH 83  333 83  HOH HOH A . 
D 3 HOH 84  334 84  HOH HOH A . 
D 3 HOH 85  335 85  HOH HOH A . 
D 3 HOH 86  336 86  HOH HOH A . 
D 3 HOH 87  337 87  HOH HOH A . 
D 3 HOH 88  338 88  HOH HOH A . 
D 3 HOH 89  339 89  HOH HOH A . 
D 3 HOH 90  340 90  HOH HOH A . 
D 3 HOH 91  341 91  HOH HOH A . 
D 3 HOH 92  342 92  HOH HOH A . 
D 3 HOH 93  343 93  HOH HOH A . 
D 3 HOH 94  344 94  HOH HOH A . 
D 3 HOH 95  345 95  HOH HOH A . 
D 3 HOH 96  346 96  HOH HOH A . 
D 3 HOH 97  347 97  HOH HOH A . 
D 3 HOH 98  348 98  HOH HOH A . 
D 3 HOH 99  349 99  HOH HOH A . 
D 3 HOH 100 350 100 HOH HOH A . 
D 3 HOH 101 351 101 HOH HOH A . 
D 3 HOH 102 352 102 HOH HOH A . 
D 3 HOH 103 353 103 HOH HOH A . 
D 3 HOH 104 354 104 HOH HOH A . 
D 3 HOH 105 355 105 HOH HOH A . 
D 3 HOH 106 356 106 HOH HOH A . 
D 3 HOH 107 357 107 HOH HOH A . 
D 3 HOH 108 358 108 HOH HOH A . 
D 3 HOH 109 359 109 HOH HOH A . 
D 3 HOH 110 360 110 HOH HOH A . 
D 3 HOH 111 361 111 HOH HOH A . 
D 3 HOH 112 362 112 HOH HOH A . 
D 3 HOH 113 363 113 HOH HOH A . 
D 3 HOH 114 364 114 HOH HOH A . 
D 3 HOH 115 365 115 HOH HOH A . 
D 3 HOH 116 366 116 HOH HOH A . 
D 3 HOH 117 367 117 HOH HOH A . 
D 3 HOH 118 368 118 HOH HOH A . 
D 3 HOH 119 369 119 HOH HOH A . 
D 3 HOH 120 370 120 HOH HOH A . 
D 3 HOH 121 371 121 HOH HOH A . 
D 3 HOH 122 372 122 HOH HOH A . 
D 3 HOH 123 373 123 HOH HOH A . 
D 3 HOH 124 374 124 HOH HOH A . 
D 3 HOH 125 375 125 HOH HOH A . 
D 3 HOH 126 376 126 HOH HOH A . 
D 3 HOH 127 377 127 HOH HOH A . 
D 3 HOH 128 378 128 HOH HOH A . 
D 3 HOH 129 379 129 HOH HOH A . 
D 3 HOH 130 380 130 HOH HOH A . 
D 3 HOH 131 381 131 HOH HOH A . 
D 3 HOH 132 382 132 HOH HOH A . 
D 3 HOH 133 383 133 HOH HOH A . 
D 3 HOH 134 384 134 HOH HOH A . 
D 3 HOH 135 385 135 HOH HOH A . 
D 3 HOH 136 386 136 HOH HOH A . 
D 3 HOH 137 387 137 HOH HOH A . 
D 3 HOH 138 388 138 HOH HOH A . 
D 3 HOH 139 389 139 HOH HOH A . 
D 3 HOH 140 390 140 HOH HOH A . 
D 3 HOH 141 391 141 HOH HOH A . 
D 3 HOH 142 392 142 HOH HOH A . 
D 3 HOH 143 393 143 HOH HOH A . 
D 3 HOH 144 394 144 HOH HOH A . 
D 3 HOH 145 395 145 HOH HOH A . 
D 3 HOH 146 396 146 HOH HOH A . 
D 3 HOH 147 397 147 HOH HOH A . 
D 3 HOH 148 398 148 HOH HOH A . 
D 3 HOH 149 399 149 HOH HOH A . 
# 
loop_
_pdbx_unobs_or_zero_occ_atoms.id 
_pdbx_unobs_or_zero_occ_atoms.PDB_model_num 
_pdbx_unobs_or_zero_occ_atoms.polymer_flag 
_pdbx_unobs_or_zero_occ_atoms.occupancy_flag 
_pdbx_unobs_or_zero_occ_atoms.auth_asym_id 
_pdbx_unobs_or_zero_occ_atoms.auth_comp_id 
_pdbx_unobs_or_zero_occ_atoms.auth_seq_id 
_pdbx_unobs_or_zero_occ_atoms.PDB_ins_code 
_pdbx_unobs_or_zero_occ_atoms.auth_atom_id 
_pdbx_unobs_or_zero_occ_atoms.label_alt_id 
_pdbx_unobs_or_zero_occ_atoms.label_asym_id 
_pdbx_unobs_or_zero_occ_atoms.label_comp_id 
_pdbx_unobs_or_zero_occ_atoms.label_seq_id 
_pdbx_unobs_or_zero_occ_atoms.label_atom_id 
1 1 Y 1 A HIS 186 ? CG  ? A HIS 186 CG  
2 1 Y 1 A HIS 186 ? ND1 ? A HIS 186 ND1 
3 1 Y 1 A HIS 186 ? CD2 ? A HIS 186 CD2 
4 1 Y 1 A HIS 186 ? CE1 ? A HIS 186 CE1 
5 1 Y 1 A HIS 186 ? NE2 ? A HIS 186 NE2 
# 
loop_
_software.name 
_software.version 
_software.date 
_software.type 
_software.contact_author 
_software.contact_author_email 
_software.classification 
_software.location 
_software.language 
_software.citation_id 
_software.pdbx_ordinal 
DENZO       .     ?               package 'Zbyszek Otwinowski' zbyszek@mix.swmed.edu    'data reduction'  
http://www.lnls.br/infra/linhasluz/denzo-hkl.htm ?       ? 1 
SCALEPACK   .     ?               package 'Zbyszek Otwinowski' zbyszek@mix.swmed.edu    'data scaling'    
http://www.lnls.br/infra/linhasluz/denzo-hkl.htm ?       ? 2 
REFMAC      .     ?               program 'Murshudov, G.N.'    ccp4@dl.ac.uk            refinement        
http://www.ccp4.ac.uk/main.html                  Fortran ? 3 
PDB_EXTRACT 1.501 'July 12, 2004' program H.Yang               sw-help@rcsb.rutgers.edu 'data extraction' 
http://pdb.rutgers.edu/software/                 C++     ? 4 
Adxv        .     ?               ?       ?                    ?                        'data processing' ? ?       ? 5 
SHARP       .     ?               ?       ?                    ?                        phasing           ? ?       ? 6 
# 
_cell.length_a           66.871 
_cell.length_b           66.871 
_cell.length_c           166.796 
_cell.angle_alpha        90.00 
_cell.angle_beta         90.00 
_cell.angle_gamma        120.00 
_cell.entry_id           1XJT 
_cell.pdbx_unique_axis   ? 
_cell.Z_PDB              12 
# 
_symmetry.space_group_name_H-M             'P 65 2 2' 
_symmetry.entry_id                         1XJT 
_symmetry.pdbx_full_space_group_name_H-M   ? 
_symmetry.Int_Tables_number                179 
_symmetry.cell_setting                     ? 
_symmetry.space_group_name_Hall            ? 
# 
_exptl.method            'X-RAY DIFFRACTION' 
_exptl.entry_id          1XJT 
_exptl.crystals_number   2 
# 
_exptl_crystal.id                    1 
_exptl_crystal.density_meas          ? 
_exptl_crystal.density_percent_sol   50.90 
_exptl_crystal.density_Matthews      2.51 
_exptl_crystal.description           ? 
_exptl_crystal.F_000                 ? 
_exptl_crystal.preparation           ? 
# 
_exptl_crystal_grow.crystal_id      1 
_exptl_crystal_grow.method          'VAPOR DIFFUSION' 
_exptl_crystal_grow.pH              4.5 
_exptl_crystal_grow.temp            291.15 
_exptl_crystal_grow.temp_details    ? 
_exptl_crystal_grow.pdbx_details    'PEG400, Sodium citrate, pH 4.5, VAPOR DIFFUSION, temperature 291.15K' 
_exptl_crystal_grow.pdbx_pH_range   . 
# 
loop_
_diffrn.id 
_diffrn.ambient_temp 
_diffrn.ambient_temp_details 
_diffrn.crystal_id 
1 ? ? 1 
2 ? ? 1 
# 
loop_
_diffrn_detector.diffrn_id 
_diffrn_detector.detector 
_diffrn_detector.type 
_diffrn_detector.pdbx_collection_date 
_diffrn_detector.details 
1 CCD CUSTOM-MADE      ? ? 
2 CCD 'ADSC QUANTUM 4' ? ? 
# 
loop_
_diffrn_radiation.diffrn_id 
_diffrn_radiation.wavelength_id 
_diffrn_radiation.pdbx_diffrn_protocol 
_diffrn_radiation.monochromator 
_diffrn_radiation.pdbx_monochromatic_or_laue_m_l 
_diffrn_radiation.pdbx_scattering_type 
1 1 MAD                 ? M x-ray 
2 2 'SINGLE WAVELENGTH' ? M x-ray 
# 
loop_
_diffrn_radiation_wavelength.id 
_diffrn_radiation_wavelength.wavelength 
_diffrn_radiation_wavelength.wt 
1 0.979316 1.0 
2 0.97945  1.0 
3 0.953    1.0 
4 0.9      1.0 
# 
loop_
_diffrn_source.diffrn_id 
_diffrn_source.source 
_diffrn_source.type 
_diffrn_source.pdbx_wavelength 
_diffrn_source.pdbx_wavelength_list 
_diffrn_source.pdbx_synchrotron_site 
_diffrn_source.pdbx_synchrotron_beamline 
1 SYNCHROTRON 'APS BEAMLINE 19-ID'   ? '0.979316, 0.97945, 0.953' APS 19-ID   
2 SYNCHROTRON 'APS BEAMLINE 14-BM-C' ? 0.9                        APS 14-BM-C 
# 
_reflns.d_resolution_low             50.00 
_reflns.d_resolution_high            1.75 
_reflns.number_obs                   22274 
_reflns.percent_possible_obs         96.1 
_reflns.pdbx_Rmerge_I_obs            0.064 
_reflns.pdbx_redundancy              17.40 
_reflns.pdbx_chi_squared             1.026 
_reflns.entry_id                     1XJT 
_reflns.observed_criterion_sigma_F   ? 
_reflns.observed_criterion_sigma_I   ? 
_reflns.number_all                   ? 
_reflns.pdbx_Rsym_value              ? 
_reflns.pdbx_netI_over_sigmaI        ? 
_reflns.B_iso_Wilson_estimate        ? 
_reflns.R_free_details               ? 
_reflns.limit_h_max                  ? 
_reflns.limit_h_min                  ? 
_reflns.limit_k_max                  ? 
_reflns.limit_k_min                  ? 
_reflns.limit_l_max                  ? 
_reflns.limit_l_min                  ? 
_reflns.observed_criterion_F_max     ? 
_reflns.observed_criterion_F_min     ? 
_reflns.pdbx_scaling_rejects         ? 
_reflns.pdbx_diffrn_id               1,2 
_reflns.pdbx_ordinal                 1 
# 
loop_
_reflns_shell.d_res_low 
_reflns_shell.d_res_high 
_reflns_shell.number_unique_all 
_reflns_shell.percent_possible_all 
_reflns_shell.Rmerge_I_obs 
_reflns_shell.pdbx_redundancy 
_reflns_shell.pdbx_chi_squared 
_reflns_shell.number_unique_obs 
_reflns_shell.meanI_over_sigI_obs 
_reflns_shell.pdbx_Rsym_value 
_reflns_shell.percent_possible_obs 
_reflns_shell.number_measured_all 
_reflns_shell.number_measured_obs 
_reflns_shell.pdbx_diffrn_id 
_reflns_shell.pdbx_ordinal 
1.81  1.75 2053 91.0 0.406 10.5 0.552 ? ? ? ? ? ? ? 1  
1.89  1.81 2095 94.1 0.346 14.5 0.612 ? ? ? ? ? ? ? 2  
1.97  1.89 2152 94.8 0.256 16.4 0.690 ? ? ? ? ? ? ? 3  
2.07  1.97 2175 96.1 0.2   17.2 0.788 ? ? ? ? ? ? ? 4  
2.20  2.07 2201 96.7 0.14  18.0 0.853 ? ? ? ? ? ? ? 5  
2.38  2.20 2223 97.0 0.105 18.9 0.875 ? ? ? ? ? ? ? 6  
2.61  2.38 2253 97.9 0.081 19.3 0.937 ? ? ? ? ? ? ? 7  
2.99  2.61 2294 98.2 0.063 19.7 1.073 ? ? ? ? ? ? ? 8  
3.77  2.99 2338 98.4 0.053 19.7 1.479 ? ? ? ? ? ? ? 9  
50.00 3.77 2490 96.5 0.051 18.6 1.816 ? ? ? ? ? ? ? 10 
# 
_refine.ls_d_res_high                            1.750 
_refine.ls_d_res_low                             50.00 
_refine.pdbx_ls_sigma_F                          0 
_refine.ls_percent_reflns_obs                    96.440 
_refine.ls_number_reflns_obs                     22274 
_refine.pdbx_ls_cross_valid_method               THROUGHOUT 
_refine.pdbx_R_Free_selection_details            RANDOM 
_refine.ls_R_factor_all                          0.209 
_refine.ls_R_factor_R_work                       0.208 
_refine.ls_R_factor_R_free                       0.238 
_refine.ls_percent_reflns_R_free                 5.200 
_refine.ls_number_reflns_R_free                  1149 
_refine.B_iso_mean                               38.337 
_refine.aniso_B[1][1]                            -1.410 
_refine.aniso_B[2][2]                            -1.410 
_refine.aniso_B[3][3]                            2.120 
_refine.aniso_B[1][2]                            -0.710 
_refine.aniso_B[1][3]                            0.000 
_refine.aniso_B[2][3]                            0.000 
_refine.correlation_coeff_Fo_to_Fc               0.951 
_refine.correlation_coeff_Fo_to_Fc_free          0.942 
_refine.overall_SU_R_Cruickshank_DPI             0.120 
_refine.pdbx_overall_ESU_R_Free                  0.116 
_refine.overall_SU_ML                            0.088 
_refine.overall_SU_B                             5.985 
_refine.solvent_model_details                    'BABINET MODEL WITH MASK' 
_refine.pdbx_solvent_vdw_probe_radii             1.200 
_refine.pdbx_solvent_ion_probe_radii             0.800 
_refine.pdbx_solvent_shrinkage_radii             0.800 
_refine.entry_id                                 1XJT 
_refine.pdbx_ls_sigma_I                          ? 
_refine.ls_number_reflns_all                     22274 
_refine.ls_R_factor_obs                          0.209 
_refine.ls_redundancy_reflns_obs                 ? 
_refine.pdbx_data_cutoff_high_absF               ? 
_refine.pdbx_data_cutoff_low_absF                ? 
_refine.ls_number_parameters                     ? 
_refine.ls_number_restraints                     ? 
_refine.ls_R_factor_R_free_error                 ? 
_refine.ls_R_factor_R_free_error_details         ? 
_refine.pdbx_method_to_determine_struct          MAD 
_refine.pdbx_starting_model                      ? 
_refine.pdbx_stereochem_target_val_spec_case     ? 
_refine.pdbx_stereochemistry_target_values       'Engh & Huber' 
_refine.solvent_model_param_bsol                 ? 
_refine.solvent_model_param_ksol                 ? 
_refine.occupancy_max                            ? 
_refine.occupancy_min                            ? 
_refine.pdbx_isotropic_thermal_model             ? 
_refine.details                                  ? 
_refine.B_iso_min                                ? 
_refine.B_iso_max                                ? 
_refine.overall_SU_R_free                        ? 
_refine.pdbx_overall_ESU_R                       ? 
_refine.pdbx_data_cutoff_high_rms_absF           ? 
_refine.ls_wR_factor_R_free                      ? 
_refine.ls_wR_factor_R_work                      ? 
_refine.overall_FOM_free_R_set                   ? 
_refine.overall_FOM_work_R_set                   ? 
_refine.pdbx_refine_id                           'X-RAY DIFFRACTION' 
_refine.pdbx_diffrn_id                           1 
_refine.pdbx_TLS_residual_ADP_flag               ? 
_refine.pdbx_overall_phase_error                 ? 
_refine.pdbx_overall_SU_R_free_Cruickshank_DPI   ? 
_refine.pdbx_overall_SU_R_Blow_DPI               ? 
_refine.pdbx_overall_SU_R_free_Blow_DPI          ? 
# 
_refine_hist.pdbx_refine_id                   'X-RAY DIFFRACTION' 
_refine_hist.cycle_id                         LAST 
_refine_hist.pdbx_number_atoms_protein        1365 
_refine_hist.pdbx_number_atoms_nucleic_acid   0 
_refine_hist.pdbx_number_atoms_ligand         26 
_refine_hist.number_atoms_solvent             149 
_refine_hist.number_atoms_total               1540 
_refine_hist.d_res_high                       1.750 
_refine_hist.d_res_low                        50.00 
# 
loop_
_refine_ls_restr.type 
_refine_ls_restr.number 
_refine_ls_restr.dev_ideal 
_refine_ls_restr.weight 
_refine_ls_restr.dev_ideal_target 
_refine_ls_restr.pdbx_refine_id 
_refine_ls_restr.pdbx_restraint_function 
r_bond_refined_d         1416 0.013  0.022  ? 'X-RAY DIFFRACTION' ? 
r_bond_other_d           1265 0.001  0.020  ? 'X-RAY DIFFRACTION' ? 
r_angle_refined_deg      1914 1.485  1.940  ? 'X-RAY DIFFRACTION' ? 
r_angle_other_deg        2936 0.797  3.000  ? 'X-RAY DIFFRACTION' ? 
r_dihedral_angle_1_deg   177  5.789  5.000  ? 'X-RAY DIFFRACTION' ? 
r_dihedral_angle_2_deg   65   28.233 23.692 ? 'X-RAY DIFFRACTION' ? 
r_dihedral_angle_3_deg   240  16.006 15.000 ? 'X-RAY DIFFRACTION' ? 
r_dihedral_angle_4_deg   13   18.051 15.000 ? 'X-RAY DIFFRACTION' ? 
r_chiral_restr           202  0.101  0.200  ? 'X-RAY DIFFRACTION' ? 
r_gen_planes_refined     1598 0.005  0.020  ? 'X-RAY DIFFRACTION' ? 
r_gen_planes_other       283  0.000  0.020  ? 'X-RAY DIFFRACTION' ? 
r_nbd_refined            349  0.241  0.300  ? 'X-RAY DIFFRACTION' ? 
r_nbd_other              1373 0.218  0.300  ? 'X-RAY DIFFRACTION' ? 
r_nbtor_other            789  0.091  0.500  ? 'X-RAY DIFFRACTION' ? 
r_xyhbond_nbd_refined    169  0.188  0.500  ? 'X-RAY DIFFRACTION' ? 
r_xyhbond_nbd_other      2    0.056  0.500  ? 'X-RAY DIFFRACTION' ? 
r_symmetry_vdw_refined   10   0.121  0.300  ? 'X-RAY DIFFRACTION' ? 
r_symmetry_vdw_other     32   0.272  0.300  ? 'X-RAY DIFFRACTION' ? 
r_symmetry_hbond_refined 17   0.303  0.500  ? 'X-RAY DIFFRACTION' ? 
r_symmetry_hbond_other   1    0.179  0.500  ? 'X-RAY DIFFRACTION' ? 
r_mcbond_it              1036 0.787  1.500  ? 'X-RAY DIFFRACTION' ? 
r_mcbond_other           371  0.179  1.500  ? 'X-RAY DIFFRACTION' ? 
r_mcangle_it             1399 1.013  2.000  ? 'X-RAY DIFFRACTION' ? 
r_scbond_it              596  1.941  3.000  ? 'X-RAY DIFFRACTION' ? 
r_scangle_it             515  2.694  4.500  ? 'X-RAY DIFFRACTION' ? 
# 
_refine_ls_shell.d_res_high                       1.75 
_refine_ls_shell.d_res_low                        1.796 
_refine_ls_shell.pdbx_total_number_of_bins_used   20 
_refine_ls_shell.percent_reflns_obs               ? 
_refine_ls_shell.number_reflns_R_work             1393 
_refine_ls_shell.R_factor_R_work                  0.239 
_refine_ls_shell.R_factor_R_free                  0.297 
_refine_ls_shell.percent_reflns_R_free            ? 
_refine_ls_shell.number_reflns_R_free             86 
_refine_ls_shell.R_factor_R_free_error            ? 
_refine_ls_shell.number_reflns_obs                ? 
_refine_ls_shell.redundancy_reflns_obs            ? 
_refine_ls_shell.number_reflns_all                ? 
_refine_ls_shell.pdbx_refine_id                   'X-RAY DIFFRACTION' 
_refine_ls_shell.R_factor_all                     ? 
# 
_struct.entry_id                  1XJT 
_struct.title                     'Crystal structure of active form of P1 phage endolysin Lyz' 
_struct.pdbx_model_details        ? 
_struct.pdbx_CASP_flag            ? 
_struct.pdbx_model_type_details   ? 
# 
_struct_keywords.entry_id        1XJT 
_struct_keywords.pdbx_keywords   HYDROLASE 
_struct_keywords.text            'open conformation, HYDROLASE' 
# 
loop_
_struct_asym.id 
_struct_asym.pdbx_blank_PDB_chainid_flag 
_struct_asym.pdbx_modified 
_struct_asym.entity_id 
_struct_asym.details 
A N N 1 ? 
B N N 2 ? 
C N N 2 ? 
D N N 3 ? 
# 
_struct_ref.id                         1 
_struct_ref.db_name                    UNP 
_struct_ref.db_code                    LYS_BPP1 
_struct_ref.pdbx_db_accession          Q37875 
_struct_ref.entity_id                  1 
_struct_ref.pdbx_seq_one_letter_code   
;MKGKTAAGGGAICAIAVMITIVMGNGNVRTNQAGLELIGNAEGCRRDPYMCPAGVWTDGIGNTHGVTPGVRKTDQQIAAD
WEKNILIAERCINQHFRGKDMPDNAFSAMTSAAFNMGCNSLRTYYSKARGMRVETSIHKWAQKGEWVNMCNHLPDFVNSN
GVPLRGLKIRREKERQLCLTGLVNE
;
_struct_ref.pdbx_align_begin           1 
_struct_ref.pdbx_db_isoform            ? 
# 
_struct_ref_seq.align_id                      1 
_struct_ref_seq.ref_id                        1 
_struct_ref_seq.pdbx_PDB_id_code              1XJT 
_struct_ref_seq.pdbx_strand_id                A 
_struct_ref_seq.seq_align_beg                 1 
_struct_ref_seq.pdbx_seq_align_beg_ins_code   ? 
_struct_ref_seq.seq_align_end                 185 
_struct_ref_seq.pdbx_seq_align_end_ins_code   ? 
_struct_ref_seq.pdbx_db_accession             Q37875 
_struct_ref_seq.db_align_beg                  1 
_struct_ref_seq.pdbx_db_align_beg_ins_code    ? 
_struct_ref_seq.db_align_end                  185 
_struct_ref_seq.pdbx_db_align_end_ins_code    ? 
_struct_ref_seq.pdbx_auth_seq_align_beg       1 
_struct_ref_seq.pdbx_auth_seq_align_end       185 
# 
loop_
_struct_ref_seq_dif.align_id 
_struct_ref_seq_dif.pdbx_pdb_id_code 
_struct_ref_seq_dif.mon_id 
_struct_ref_seq_dif.pdbx_pdb_strand_id 
_struct_ref_seq_dif.seq_num 
_struct_ref_seq_dif.pdbx_pdb_ins_code 
_struct_ref_seq_dif.pdbx_seq_db_name 
_struct_ref_seq_dif.pdbx_seq_db_accession_code 
_struct_ref_seq_dif.db_mon_id 
_struct_ref_seq_dif.pdbx_seq_db_seq_num 
_struct_ref_seq_dif.details 
_struct_ref_seq_dif.pdbx_auth_seq_num 
_struct_ref_seq_dif.pdbx_ordinal 
1 1XJT MSE A 18  ? UNP Q37875 MET 18  'modified residue' 18  1  
1 1XJT MSE A 23  ? UNP Q37875 MET 23  'modified residue' 23  2  
1 1XJT MSE A 50  ? UNP Q37875 MET 50  'modified residue' 50  3  
1 1XJT MSE A 101 ? UNP Q37875 MET 101 'modified residue' 101 4  
1 1XJT MSE A 109 ? UNP Q37875 MET 109 'modified residue' 109 5  
1 1XJT MSE A 116 ? UNP Q37875 MET 116 'modified residue' 116 6  
1 1XJT MSE A 131 ? UNP Q37875 MET 131 'modified residue' 131 7  
1 1XJT MSE A 149 ? UNP Q37875 MET 149 'modified residue' 149 8  
1 1XJT HIS A 186 ? UNP Q37875 ?   ?   'expression tag'   186 9  
1 1XJT HIS A 187 ? UNP Q37875 ?   ?   'expression tag'   187 10 
1 1XJT HIS A 188 ? UNP Q37875 ?   ?   'expression tag'   188 11 
1 1XJT HIS A 189 ? UNP Q37875 ?   ?   'expression tag'   189 12 
1 1XJT HIS A 190 ? UNP Q37875 ?   ?   'expression tag'   190 13 
1 1XJT HIS A 191 ? UNP Q37875 ?   ?   'expression tag'   191 14 
# 
_pdbx_struct_assembly.id                   1 
_pdbx_struct_assembly.details              author_defined_assembly 
_pdbx_struct_assembly.method_details       ? 
_pdbx_struct_assembly.oligomeric_details   monomeric 
_pdbx_struct_assembly.oligomeric_count     1 
# 
_pdbx_struct_assembly_gen.assembly_id       1 
_pdbx_struct_assembly_gen.oper_expression   1 
_pdbx_struct_assembly_gen.asym_id_list      A,B,C,D 
# 
_pdbx_struct_oper_list.id                   1 
_pdbx_struct_oper_list.type                 'identity operation' 
_pdbx_struct_oper_list.name                 1_555 
_pdbx_struct_oper_list.symmetry_operation   x,y,z 
_pdbx_struct_oper_list.matrix[1][1]         1.0000000000 
_pdbx_struct_oper_list.matrix[1][2]         0.0000000000 
_pdbx_struct_oper_list.matrix[1][3]         0.0000000000 
_pdbx_struct_oper_list.vector[1]            0.0000000000 
_pdbx_struct_oper_list.matrix[2][1]         0.0000000000 
_pdbx_struct_oper_list.matrix[2][2]         1.0000000000 
_pdbx_struct_oper_list.matrix[2][3]         0.0000000000 
_pdbx_struct_oper_list.vector[2]            0.0000000000 
_pdbx_struct_oper_list.matrix[3][1]         0.0000000000 
_pdbx_struct_oper_list.matrix[3][2]         0.0000000000 
_pdbx_struct_oper_list.matrix[3][3]         1.0000000000 
_pdbx_struct_oper_list.vector[3]            0.0000000000 
# 
_struct_biol.id                    1 
_struct_biol.pdbx_parent_biol_id   ? 
_struct_biol.details               ? 
# 
loop_
_struct_conf.conf_type_id 
_struct_conf.id 
_struct_conf.pdbx_PDB_helix_id 
_struct_conf.beg_label_comp_id 
_struct_conf.beg_label_asym_id 
_struct_conf.beg_label_seq_id 
_struct_conf.pdbx_beg_PDB_ins_code 
_struct_conf.end_label_comp_id 
_struct_conf.end_label_asym_id 
_struct_conf.end_label_seq_id 
_struct_conf.pdbx_end_PDB_ins_code 
_struct_conf.beg_auth_comp_id 
_struct_conf.beg_auth_asym_id 
_struct_conf.beg_auth_seq_id 
_struct_conf.end_auth_comp_id 
_struct_conf.end_auth_asym_id 
_struct_conf.end_auth_seq_id 
_struct_conf.pdbx_PDB_helix_class 
_struct_conf.details 
_struct_conf.pdbx_PDB_helix_length 
HELX_P HELX_P1  1  ALA A 14  ? GLY A 26  ? ALA A 14  GLY A 26  1 ? 13 
HELX_P HELX_P2  2  ASN A 31  ? GLY A 43  ? ASN A 31  GLY A 43  1 ? 13 
HELX_P HELX_P3  3  THR A 73  ? PHE A 96  ? THR A 73  PHE A 96  1 ? 24 
HELX_P HELX_P4  4  ARG A 97  ? MSE A 101 ? ARG A 97  MSE A 101 5 ? 5  
HELX_P HELX_P5  5  PRO A 102 ? GLY A 117 ? PRO A 102 GLY A 117 1 ? 16 
HELX_P HELX_P6  6  GLY A 117 ? ARG A 122 ? GLY A 117 ARG A 122 1 ? 6  
HELX_P HELX_P7  7  THR A 135 ? LYS A 143 ? THR A 135 LYS A 143 1 ? 9  
HELX_P HELX_P8  8  GLU A 145 ? ASN A 151 ? GLU A 145 ASN A 151 1 ? 7  
HELX_P HELX_P9  9  HIS A 152 ? PHE A 156 ? HIS A 152 PHE A 156 5 ? 5  
HELX_P HELX_P10 10 LEU A 164 ? THR A 180 ? LEU A 164 THR A 180 1 ? 17 
# 
_struct_conf_type.id          HELX_P 
_struct_conf_type.criteria    ? 
_struct_conf_type.reference   ? 
# 
loop_
_struct_conn.id 
_struct_conn.conn_type_id 
_struct_conn.pdbx_leaving_atom_flag 
_struct_conn.pdbx_PDB_id 
_struct_conn.ptnr1_label_asym_id 
_struct_conn.ptnr1_label_comp_id 
_struct_conn.ptnr1_label_seq_id 
_struct_conn.ptnr1_label_atom_id 
_struct_conn.pdbx_ptnr1_label_alt_id 
_struct_conn.pdbx_ptnr1_PDB_ins_code 
_struct_conn.pdbx_ptnr1_standard_comp_id 
_struct_conn.ptnr1_symmetry 
_struct_conn.ptnr2_label_asym_id 
_struct_conn.ptnr2_label_comp_id 
_struct_conn.ptnr2_label_seq_id 
_struct_conn.ptnr2_label_atom_id 
_struct_conn.pdbx_ptnr2_label_alt_id 
_struct_conn.pdbx_ptnr2_PDB_ins_code 
_struct_conn.ptnr1_auth_asym_id 
_struct_conn.ptnr1_auth_comp_id 
_struct_conn.ptnr1_auth_seq_id 
_struct_conn.ptnr2_auth_asym_id 
_struct_conn.ptnr2_auth_comp_id 
_struct_conn.ptnr2_auth_seq_id 
_struct_conn.ptnr2_symmetry 
_struct_conn.pdbx_ptnr3_label_atom_id 
_struct_conn.pdbx_ptnr3_label_seq_id 
_struct_conn.pdbx_ptnr3_label_comp_id 
_struct_conn.pdbx_ptnr3_label_asym_id 
_struct_conn.pdbx_ptnr3_label_alt_id 
_struct_conn.pdbx_ptnr3_PDB_ins_code 
_struct_conn.details 
_struct_conn.pdbx_dist_value 
_struct_conn.pdbx_value_order 
_struct_conn.pdbx_role 
disulf1  disulf ?    ? A CYS 13  SG ? ? ? 1_555 A CYS 44  SG ? ? A CYS 13  A CYS 44  1_555 ? ? ? ? ? ? ? 2.040 ? ? 
disulf2  disulf ?    ? A CYS 91  SG ? ? ? 1_555 A CYS 118 SG ? ? A CYS 91  A CYS 118 1_555 ? ? ? ? ? ? ? 2.032 ? ? 
disulf3  disulf ?    ? A CYS 150 SG ? ? ? 1_555 A CYS 178 SG ? ? A CYS 150 A CYS 178 1_555 ? ? ? ? ? ? ? 2.021 ? ? 
covale1  covale both ? A VAL 17  C  ? ? ? 1_555 A MSE 18  N  ? ? A VAL 17  A MSE 18  1_555 ? ? ? ? ? ? ? 1.327 ? ? 
covale2  covale both ? A MSE 18  C  ? ? ? 1_555 A ILE 19  N  ? ? A MSE 18  A ILE 19  1_555 ? ? ? ? ? ? ? 1.317 ? ? 
covale3  covale both ? A VAL 22  C  ? ? ? 1_555 A MSE 23  N  ? ? A VAL 22  A MSE 23  1_555 ? ? ? ? ? ? ? 1.332 ? ? 
covale4  covale both ? A MSE 23  C  ? ? ? 1_555 A GLY 24  N  ? ? A MSE 23  A GLY 24  1_555 ? ? ? ? ? ? ? 1.326 ? ? 
covale5  covale both ? A TYR 49  C  ? ? ? 1_555 A MSE 50  N  ? ? A TYR 49  A MSE 50  1_555 ? ? ? ? ? ? ? 1.335 ? ? 
covale6  covale both ? A MSE 50  C  ? ? ? 1_555 A CYS 51  N  ? ? A MSE 50  A CYS 51  1_555 ? ? ? ? ? ? ? 1.329 ? ? 
covale7  covale both ? A ASP 100 C  ? ? ? 1_555 A MSE 101 N  ? ? A ASP 100 A MSE 101 1_555 ? ? ? ? ? ? ? 1.327 ? ? 
covale8  covale both ? A MSE 101 C  ? ? ? 1_555 A PRO 102 N  ? ? A MSE 101 A PRO 102 1_555 ? ? ? ? ? ? ? 1.320 ? ? 
covale9  covale both ? A ALA 108 C  ? ? ? 1_555 A MSE 109 N  ? ? A ALA 108 A MSE 109 1_555 ? ? ? ? ? ? ? 1.317 ? ? 
covale10 covale both ? A MSE 109 C  ? ? ? 1_555 A THR 110 N  ? ? A MSE 109 A THR 110 1_555 ? ? ? ? ? ? ? 1.346 ? ? 
covale11 covale both ? A ASN 115 C  ? ? ? 1_555 A MSE 116 N  ? ? A ASN 115 A MSE 116 1_555 ? ? ? ? ? ? ? 1.328 ? ? 
covale12 covale both ? A MSE 116 C  ? ? ? 1_555 A GLY 117 N  ? ? A MSE 116 A GLY 117 1_555 ? ? ? ? ? ? ? 1.331 ? ? 
covale13 covale both ? A GLY 130 C  ? ? ? 1_555 A MSE 131 N  ? ? A GLY 130 A MSE 131 1_555 ? ? ? ? ? ? ? 1.325 ? ? 
covale14 covale both ? A MSE 131 C  ? ? ? 1_555 A ARG 132 N  ? ? A MSE 131 A ARG 132 1_555 ? ? ? ? ? ? ? 1.333 ? ? 
covale15 covale both ? A ASN 148 C  ? ? ? 1_555 A MSE 149 N  ? ? A ASN 148 A MSE 149 1_555 ? ? ? ? ? ? ? 1.327 ? ? 
covale16 covale both ? A MSE 149 C  ? ? ? 1_555 A CYS 150 N  ? ? A MSE 149 A CYS 150 1_555 ? ? ? ? ? ? ? 1.324 ? ? 
# 
loop_
_struct_conn_type.id 
_struct_conn_type.criteria 
_struct_conn_type.reference 
disulf ? ? 
covale ? ? 
# 
loop_
_pdbx_modification_feature.ordinal 
_pdbx_modification_feature.label_comp_id 
_pdbx_modification_feature.label_asym_id 
_pdbx_modification_feature.label_seq_id 
_pdbx_modification_feature.label_alt_id 
_pdbx_modification_feature.modified_residue_label_comp_id 
_pdbx_modification_feature.modified_residue_label_asym_id 
_pdbx_modification_feature.modified_residue_label_seq_id 
_pdbx_modification_feature.modified_residue_label_alt_id 
_pdbx_modification_feature.auth_comp_id 
_pdbx_modification_feature.auth_asym_id 
_pdbx_modification_feature.auth_seq_id 
_pdbx_modification_feature.PDB_ins_code 
_pdbx_modification_feature.symmetry 
_pdbx_modification_feature.modified_residue_auth_comp_id 
_pdbx_modification_feature.modified_residue_auth_asym_id 
_pdbx_modification_feature.modified_residue_auth_seq_id 
_pdbx_modification_feature.modified_residue_PDB_ins_code 
_pdbx_modification_feature.modified_residue_symmetry 
_pdbx_modification_feature.comp_id_linking_atom 
_pdbx_modification_feature.modified_residue_id_linking_atom 
_pdbx_modification_feature.modified_residue_id 
_pdbx_modification_feature.ref_pcm_id 
_pdbx_modification_feature.ref_comp_id 
_pdbx_modification_feature.type 
_pdbx_modification_feature.category 
1  MSE A 18  ? .   . .   . MSE A 18  ? 1_555 .   . .   . .     .  .  MET 1 MSE Selenomethionine 'Named protein modification' 
2  MSE A 23  ? .   . .   . MSE A 23  ? 1_555 .   . .   . .     .  .  MET 1 MSE Selenomethionine 'Named protein modification' 
3  MSE A 50  ? .   . .   . MSE A 50  ? 1_555 .   . .   . .     .  .  MET 1 MSE Selenomethionine 'Named protein modification' 
4  MSE A 101 ? .   . .   . MSE A 101 ? 1_555 .   . .   . .     .  .  MET 1 MSE Selenomethionine 'Named protein modification' 
5  MSE A 109 ? .   . .   . MSE A 109 ? 1_555 .   . .   . .     .  .  MET 1 MSE Selenomethionine 'Named protein modification' 
6  MSE A 116 ? .   . .   . MSE A 116 ? 1_555 .   . .   . .     .  .  MET 1 MSE Selenomethionine 'Named protein modification' 
7  MSE A 131 ? .   . .   . MSE A 131 ? 1_555 .   . .   . .     .  .  MET 1 MSE Selenomethionine 'Named protein modification' 
8  MSE A 149 ? .   . .   . MSE A 149 ? 1_555 .   . .   . .     .  .  MET 1 MSE Selenomethionine 'Named protein modification' 
9  CYS A 13  ? CYS A 44  ? CYS A 13  ? 1_555 CYS A 44  ? 1_555 SG SG .   . .   None             'Disulfide bridge'           
10 CYS A 91  ? CYS A 118 ? CYS A 91  ? 1_555 CYS A 118 ? 1_555 SG SG .   . .   None             'Disulfide bridge'           
11 CYS A 150 ? CYS A 178 ? CYS A 150 ? 1_555 CYS A 178 ? 1_555 SG SG .   . .   None             'Disulfide bridge'           
# 
loop_
_struct_sheet.id 
_struct_sheet.type 
_struct_sheet.number_strands 
_struct_sheet.details 
A ? 2 ? 
B ? 2 ? 
C ? 2 ? 
# 
loop_
_struct_sheet_order.sheet_id 
_struct_sheet_order.range_id_1 
_struct_sheet_order.range_id_2 
_struct_sheet_order.offset 
_struct_sheet_order.sense 
A 1 2 ? anti-parallel 
B 1 2 ? anti-parallel 
C 1 2 ? anti-parallel 
# 
loop_
_struct_sheet_range.sheet_id 
_struct_sheet_range.id 
_struct_sheet_range.beg_label_comp_id 
_struct_sheet_range.beg_label_asym_id 
_struct_sheet_range.beg_label_seq_id 
_struct_sheet_range.pdbx_beg_PDB_ins_code 
_struct_sheet_range.end_label_comp_id 
_struct_sheet_range.end_label_asym_id 
_struct_sheet_range.end_label_seq_id 
_struct_sheet_range.pdbx_end_PDB_ins_code 
_struct_sheet_range.beg_auth_comp_id 
_struct_sheet_range.beg_auth_asym_id 
_struct_sheet_range.beg_auth_seq_id 
_struct_sheet_range.end_auth_comp_id 
_struct_sheet_range.end_auth_asym_id 
_struct_sheet_range.end_auth_seq_id 
A 1 ARG A 45  ? MSE A 50  ? ARG A 45  MSE A 50  
A 2 TRP A 56  ? GLY A 59  ? TRP A 56  GLY A 59  
B 1 THR A 123 ? SER A 126 ? THR A 123 SER A 126 
B 2 MSE A 131 ? GLU A 134 ? MSE A 131 GLU A 134 
C 1 ASN A 158 ? SER A 159 ? ASN A 158 SER A 159 
C 2 VAL A 162 ? PRO A 163 ? VAL A 162 PRO A 163 
# 
loop_
_pdbx_struct_sheet_hbond.sheet_id 
_pdbx_struct_sheet_hbond.range_id_1 
_pdbx_struct_sheet_hbond.range_id_2 
_pdbx_struct_sheet_hbond.range_1_label_atom_id 
_pdbx_struct_sheet_hbond.range_1_label_comp_id 
_pdbx_struct_sheet_hbond.range_1_label_asym_id 
_pdbx_struct_sheet_hbond.range_1_label_seq_id 
_pdbx_struct_sheet_hbond.range_1_PDB_ins_code 
_pdbx_struct_sheet_hbond.range_1_auth_atom_id 
_pdbx_struct_sheet_hbond.range_1_auth_comp_id 
_pdbx_struct_sheet_hbond.range_1_auth_asym_id 
_pdbx_struct_sheet_hbond.range_1_auth_seq_id 
_pdbx_struct_sheet_hbond.range_2_label_atom_id 
_pdbx_struct_sheet_hbond.range_2_label_comp_id 
_pdbx_struct_sheet_hbond.range_2_label_asym_id 
_pdbx_struct_sheet_hbond.range_2_label_seq_id 
_pdbx_struct_sheet_hbond.range_2_PDB_ins_code 
_pdbx_struct_sheet_hbond.range_2_auth_atom_id 
_pdbx_struct_sheet_hbond.range_2_auth_comp_id 
_pdbx_struct_sheet_hbond.range_2_auth_asym_id 
_pdbx_struct_sheet_hbond.range_2_auth_seq_id 
A 1 2 N TYR A 49  ? N TYR A 49  O THR A 57  ? O THR A 57  
B 1 2 N SER A 126 ? N SER A 126 O MSE A 131 ? O MSE A 131 
C 1 2 N SER A 159 ? N SER A 159 O VAL A 162 ? O VAL A 162 
# 
loop_
_struct_site.id 
_struct_site.pdbx_evidence_code 
_struct_site.pdbx_auth_asym_id 
_struct_site.pdbx_auth_comp_id 
_struct_site.pdbx_auth_seq_id 
_struct_site.pdbx_auth_ins_code 
_struct_site.pdbx_num_residues 
_struct_site.details 
AC1 Software A CIT 192 ? 10 'BINDING SITE FOR RESIDUE CIT A 192' 
AC2 Software A CIT 250 ? 6  'BINDING SITE FOR RESIDUE CIT A 250' 
# 
loop_
_struct_site_gen.id 
_struct_site_gen.site_id 
_struct_site_gen.pdbx_num_res 
_struct_site_gen.label_comp_id 
_struct_site_gen.label_asym_id 
_struct_site_gen.label_seq_id 
_struct_site_gen.pdbx_auth_ins_code 
_struct_site_gen.auth_comp_id 
_struct_site_gen.auth_asym_id 
_struct_site_gen.auth_seq_id 
_struct_site_gen.label_atom_id 
_struct_site_gen.label_alt_id 
_struct_site_gen.symmetry 
_struct_site_gen.details 
1  AC1 10 ILE A 21  ? ILE A 21  . ? 8_665 ? 
2  AC1 10 GLN A 94  ? GLN A 94  . ? 1_555 ? 
3  AC1 10 HIS A 95  ? HIS A 95  . ? 1_555 ? 
4  AC1 10 ARG A 122 ? ARG A 122 . ? 1_555 ? 
5  AC1 10 HIS A 138 ? HIS A 138 . ? 1_555 ? 
6  AC1 10 GLN A 142 ? GLN A 142 . ? 1_555 ? 
7  AC1 10 HOH D .   ? HOH A 334 . ? 1_555 ? 
8  AC1 10 HOH D .   ? HOH A 378 . ? 1_555 ? 
9  AC1 10 HOH D .   ? HOH A 379 . ? 1_555 ? 
10 AC1 10 HOH D .   ? HOH A 386 . ? 1_555 ? 
11 AC2 6  TYR A 124 ? TYR A 124 . ? 1_555 ? 
12 AC2 6  THR A 135 ? THR A 135 . ? 1_555 ? 
13 AC2 6  SER A 136 ? SER A 136 . ? 1_555 ? 
14 AC2 6  ASP A 155 ? ASP A 155 . ? 1_555 ? 
15 AC2 6  HOH D .   ? HOH A 285 . ? 1_555 ? 
16 AC2 6  HOH D .   ? HOH A 354 . ? 1_555 ? 
# 
_pdbx_entry_details.entry_id                   1XJT 
_pdbx_entry_details.compound_details           ? 
_pdbx_entry_details.source_details             ? 
_pdbx_entry_details.nonpolymer_details         ? 
_pdbx_entry_details.sequence_details           ? 
_pdbx_entry_details.has_ligand_of_interest     ? 
_pdbx_entry_details.has_protein_modification   Y 
# 
loop_
_pdbx_validate_rmsd_angle.id 
_pdbx_validate_rmsd_angle.PDB_model_num 
_pdbx_validate_rmsd_angle.auth_atom_id_1 
_pdbx_validate_rmsd_angle.auth_asym_id_1 
_pdbx_validate_rmsd_angle.auth_comp_id_1 
_pdbx_validate_rmsd_angle.auth_seq_id_1 
_pdbx_validate_rmsd_angle.PDB_ins_code_1 
_pdbx_validate_rmsd_angle.label_alt_id_1 
_pdbx_validate_rmsd_angle.auth_atom_id_2 
_pdbx_validate_rmsd_angle.auth_asym_id_2 
_pdbx_validate_rmsd_angle.auth_comp_id_2 
_pdbx_validate_rmsd_angle.auth_seq_id_2 
_pdbx_validate_rmsd_angle.PDB_ins_code_2 
_pdbx_validate_rmsd_angle.label_alt_id_2 
_pdbx_validate_rmsd_angle.auth_atom_id_3 
_pdbx_validate_rmsd_angle.auth_asym_id_3 
_pdbx_validate_rmsd_angle.auth_comp_id_3 
_pdbx_validate_rmsd_angle.auth_seq_id_3 
_pdbx_validate_rmsd_angle.PDB_ins_code_3 
_pdbx_validate_rmsd_angle.label_alt_id_3 
_pdbx_validate_rmsd_angle.angle_value 
_pdbx_validate_rmsd_angle.angle_target_value 
_pdbx_validate_rmsd_angle.angle_deviation 
_pdbx_validate_rmsd_angle.angle_standard_deviation 
_pdbx_validate_rmsd_angle.linker_flag 
1 1 CB A ASP 47  ? ? CG A ASP 47  ? ? OD2 A ASP 47  ? ? 123.74 118.30 5.44  0.90 N 
2 1 NE A ARG 175 ? ? CZ A ARG 175 ? ? NH1 A ARG 175 ? ? 117.24 120.30 -3.06 0.50 N 
3 1 NE A ARG 175 ? ? CZ A ARG 175 ? ? NH2 A ARG 175 ? ? 123.34 120.30 3.04  0.50 N 
# 
loop_
_pdbx_validate_torsion.id 
_pdbx_validate_torsion.PDB_model_num 
_pdbx_validate_torsion.auth_comp_id 
_pdbx_validate_torsion.auth_asym_id 
_pdbx_validate_torsion.auth_seq_id 
_pdbx_validate_torsion.PDB_ins_code 
_pdbx_validate_torsion.label_alt_id 
_pdbx_validate_torsion.phi 
_pdbx_validate_torsion.psi 
1 1 ALA A 53  ? ? 63.01   63.85  
2 1 ILE A 60  ? ? -109.53 76.05  
3 1 THR A 73  ? ? -47.37  157.63 
4 1 PHE A 156 ? ? -102.91 70.70  
# 
loop_
_pdbx_struct_mod_residue.id 
_pdbx_struct_mod_residue.label_asym_id 
_pdbx_struct_mod_residue.label_comp_id 
_pdbx_struct_mod_residue.label_seq_id 
_pdbx_struct_mod_residue.auth_asym_id 
_pdbx_struct_mod_residue.auth_comp_id 
_pdbx_struct_mod_residue.auth_seq_id 
_pdbx_struct_mod_residue.PDB_ins_code 
_pdbx_struct_mod_residue.parent_comp_id 
_pdbx_struct_mod_residue.details 
1 A MSE 18  A MSE 18  ? MET SELENOMETHIONINE 
2 A MSE 23  A MSE 23  ? MET SELENOMETHIONINE 
3 A MSE 50  A MSE 50  ? MET SELENOMETHIONINE 
4 A MSE 101 A MSE 101 ? MET SELENOMETHIONINE 
5 A MSE 109 A MSE 109 ? MET SELENOMETHIONINE 
6 A MSE 116 A MSE 116 ? MET SELENOMETHIONINE 
7 A MSE 131 A MSE 131 ? MET SELENOMETHIONINE 
8 A MSE 149 A MSE 149 ? MET SELENOMETHIONINE 
# 
_pdbx_struct_special_symmetry.id              1 
_pdbx_struct_special_symmetry.PDB_model_num   1 
_pdbx_struct_special_symmetry.auth_asym_id    A 
_pdbx_struct_special_symmetry.auth_comp_id    HOH 
_pdbx_struct_special_symmetry.auth_seq_id     376 
_pdbx_struct_special_symmetry.PDB_ins_code    ? 
_pdbx_struct_special_symmetry.label_asym_id   D 
_pdbx_struct_special_symmetry.label_comp_id   HOH 
_pdbx_struct_special_symmetry.label_seq_id    . 
# 
loop_
_pdbx_refine_tls.id 
_pdbx_refine_tls.details 
_pdbx_refine_tls.method 
_pdbx_refine_tls.origin_x 
_pdbx_refine_tls.origin_y 
_pdbx_refine_tls.origin_z 
_pdbx_refine_tls.T[1][1] 
_pdbx_refine_tls.T[2][2] 
_pdbx_refine_tls.T[3][3] 
_pdbx_refine_tls.T[1][2] 
_pdbx_refine_tls.T[1][3] 
_pdbx_refine_tls.T[2][3] 
_pdbx_refine_tls.L[1][1] 
_pdbx_refine_tls.L[2][2] 
_pdbx_refine_tls.L[3][3] 
_pdbx_refine_tls.L[1][2] 
_pdbx_refine_tls.L[1][3] 
_pdbx_refine_tls.L[2][3] 
_pdbx_refine_tls.S[1][1] 
_pdbx_refine_tls.S[2][2] 
_pdbx_refine_tls.S[3][3] 
_pdbx_refine_tls.S[1][2] 
_pdbx_refine_tls.S[1][3] 
_pdbx_refine_tls.S[2][3] 
_pdbx_refine_tls.S[2][1] 
_pdbx_refine_tls.S[3][1] 
_pdbx_refine_tls.S[3][2] 
_pdbx_refine_tls.pdbx_refine_id 
1 ? refined -3.8746 6.8985  5.0987  0.1089  -0.0536 0.2329  -0.0806 0.1060  -0.2350 5.6225 4.6737 4.2869 0.0681 -2.5394 0.8506  0.4919 0.0503  -0.5423 -1.2410 1.2515  -0.0069 1.0819 -0.4261 0.4922 'X-RAY DIFFRACTION' 
2 ? refined 3.4383  -7.5279 -6.2400 -0.1734 -0.2992 -0.0825 0.0327  -0.0327 -0.0302 8.0613 3.3793 2.4643 2.5921 -2.0449 -0.6650 0.0378 -0.0135 -0.0243 -0.4432 -0.0392 -0.3944 0.1938 0.2496  0.2843 'X-RAY DIFFRACTION' 
# 
loop_
_pdbx_refine_tls_group.id 
_pdbx_refine_tls_group.refine_tls_id 
_pdbx_refine_tls_group.beg_label_asym_id 
_pdbx_refine_tls_group.beg_label_seq_id 
_pdbx_refine_tls_group.end_label_asym_id 
_pdbx_refine_tls_group.end_label_seq_id 
_pdbx_refine_tls_group.selection 
_pdbx_refine_tls_group.beg_auth_asym_id 
_pdbx_refine_tls_group.beg_auth_seq_id 
_pdbx_refine_tls_group.end_auth_asym_id 
_pdbx_refine_tls_group.end_auth_seq_id 
_pdbx_refine_tls_group.pdbx_refine_id 
_pdbx_refine_tls_group.selection_details 
1 1 A 9  A 97  ALL A 9  A 97  'X-RAY DIFFRACTION' ? 
2 2 A 98 A 186 ALL A 98 A 186 'X-RAY DIFFRACTION' ? 
# 
loop_
_pdbx_unobs_or_zero_occ_residues.id 
_pdbx_unobs_or_zero_occ_residues.PDB_model_num 
_pdbx_unobs_or_zero_occ_residues.polymer_flag 
_pdbx_unobs_or_zero_occ_residues.occupancy_flag 
_pdbx_unobs_or_zero_occ_residues.auth_asym_id 
_pdbx_unobs_or_zero_occ_residues.auth_comp_id 
_pdbx_unobs_or_zero_occ_residues.auth_seq_id 
_pdbx_unobs_or_zero_occ_residues.PDB_ins_code 
_pdbx_unobs_or_zero_occ_residues.label_asym_id 
_pdbx_unobs_or_zero_occ_residues.label_comp_id 
_pdbx_unobs_or_zero_occ_residues.label_seq_id 
1  1 Y 1 A MET 1   ? A MET 1   
2  1 Y 1 A LYS 2   ? A LYS 2   
3  1 Y 1 A GLY 3   ? A GLY 3   
4  1 Y 1 A LYS 4   ? A LYS 4   
5  1 Y 1 A THR 5   ? A THR 5   
6  1 Y 1 A ALA 6   ? A ALA 6   
7  1 Y 1 A ALA 7   ? A ALA 7   
8  1 Y 1 A GLY 8   ? A GLY 8   
9  1 Y 1 A HIS 187 ? A HIS 187 
10 1 Y 1 A HIS 188 ? A HIS 188 
11 1 Y 1 A HIS 189 ? A HIS 189 
12 1 Y 1 A HIS 190 ? A HIS 190 
13 1 Y 1 A HIS 191 ? A HIS 191 
# 
loop_
_chem_comp_atom.comp_id 
_chem_comp_atom.atom_id 
_chem_comp_atom.type_symbol 
_chem_comp_atom.pdbx_aromatic_flag 
_chem_comp_atom.pdbx_stereo_config 
_chem_comp_atom.pdbx_ordinal 
ALA N    N  N N 1   
ALA CA   C  N S 2   
ALA C    C  N N 3   
ALA O    O  N N 4   
ALA CB   C  N N 5   
ALA OXT  O  N N 6   
ALA H    H  N N 7   
ALA H2   H  N N 8   
ALA HA   H  N N 9   
ALA HB1  H  N N 10  
ALA HB2  H  N N 11  
ALA HB3  H  N N 12  
ALA HXT  H  N N 13  
ARG N    N  N N 14  
ARG CA   C  N S 15  
ARG C    C  N N 16  
ARG O    O  N N 17  
ARG CB   C  N N 18  
ARG CG   C  N N 19  
ARG CD   C  N N 20  
ARG NE   N  N N 21  
ARG CZ   C  N N 22  
ARG NH1  N  N N 23  
ARG NH2  N  N N 24  
ARG OXT  O  N N 25  
ARG H    H  N N 26  
ARG H2   H  N N 27  
ARG HA   H  N N 28  
ARG HB2  H  N N 29  
ARG HB3  H  N N 30  
ARG HG2  H  N N 31  
ARG HG3  H  N N 32  
ARG HD2  H  N N 33  
ARG HD3  H  N N 34  
ARG HE   H  N N 35  
ARG HH11 H  N N 36  
ARG HH12 H  N N 37  
ARG HH21 H  N N 38  
ARG HH22 H  N N 39  
ARG HXT  H  N N 40  
ASN N    N  N N 41  
ASN CA   C  N S 42  
ASN C    C  N N 43  
ASN O    O  N N 44  
ASN CB   C  N N 45  
ASN CG   C  N N 46  
ASN OD1  O  N N 47  
ASN ND2  N  N N 48  
ASN OXT  O  N N 49  
ASN H    H  N N 50  
ASN H2   H  N N 51  
ASN HA   H  N N 52  
ASN HB2  H  N N 53  
ASN HB3  H  N N 54  
ASN HD21 H  N N 55  
ASN HD22 H  N N 56  
ASN HXT  H  N N 57  
ASP N    N  N N 58  
ASP CA   C  N S 59  
ASP C    C  N N 60  
ASP O    O  N N 61  
ASP CB   C  N N 62  
ASP CG   C  N N 63  
ASP OD1  O  N N 64  
ASP OD2  O  N N 65  
ASP OXT  O  N N 66  
ASP H    H  N N 67  
ASP H2   H  N N 68  
ASP HA   H  N N 69  
ASP HB2  H  N N 70  
ASP HB3  H  N N 71  
ASP HD2  H  N N 72  
ASP HXT  H  N N 73  
CIT C1   C  N N 74  
CIT O1   O  N N 75  
CIT O2   O  N N 76  
CIT C2   C  N N 77  
CIT C3   C  N N 78  
CIT O7   O  N N 79  
CIT C4   C  N N 80  
CIT C5   C  N N 81  
CIT O3   O  N N 82  
CIT O4   O  N N 83  
CIT C6   C  N N 84  
CIT O5   O  N N 85  
CIT O6   O  N N 86  
CIT HO2  H  N N 87  
CIT H21  H  N N 88  
CIT H22  H  N N 89  
CIT HO7  H  N N 90  
CIT H41  H  N N 91  
CIT H42  H  N N 92  
CIT HO4  H  N N 93  
CIT HO6  H  N N 94  
CYS N    N  N N 95  
CYS CA   C  N R 96  
CYS C    C  N N 97  
CYS O    O  N N 98  
CYS CB   C  N N 99  
CYS SG   S  N N 100 
CYS OXT  O  N N 101 
CYS H    H  N N 102 
CYS H2   H  N N 103 
CYS HA   H  N N 104 
CYS HB2  H  N N 105 
CYS HB3  H  N N 106 
CYS HG   H  N N 107 
CYS HXT  H  N N 108 
GLN N    N  N N 109 
GLN CA   C  N S 110 
GLN C    C  N N 111 
GLN O    O  N N 112 
GLN CB   C  N N 113 
GLN CG   C  N N 114 
GLN CD   C  N N 115 
GLN OE1  O  N N 116 
GLN NE2  N  N N 117 
GLN OXT  O  N N 118 
GLN H    H  N N 119 
GLN H2   H  N N 120 
GLN HA   H  N N 121 
GLN HB2  H  N N 122 
GLN HB3  H  N N 123 
GLN HG2  H  N N 124 
GLN HG3  H  N N 125 
GLN HE21 H  N N 126 
GLN HE22 H  N N 127 
GLN HXT  H  N N 128 
GLU N    N  N N 129 
GLU CA   C  N S 130 
GLU C    C  N N 131 
GLU O    O  N N 132 
GLU CB   C  N N 133 
GLU CG   C  N N 134 
GLU CD   C  N N 135 
GLU OE1  O  N N 136 
GLU OE2  O  N N 137 
GLU OXT  O  N N 138 
GLU H    H  N N 139 
GLU H2   H  N N 140 
GLU HA   H  N N 141 
GLU HB2  H  N N 142 
GLU HB3  H  N N 143 
GLU HG2  H  N N 144 
GLU HG3  H  N N 145 
GLU HE2  H  N N 146 
GLU HXT  H  N N 147 
GLY N    N  N N 148 
GLY CA   C  N N 149 
GLY C    C  N N 150 
GLY O    O  N N 151 
GLY OXT  O  N N 152 
GLY H    H  N N 153 
GLY H2   H  N N 154 
GLY HA2  H  N N 155 
GLY HA3  H  N N 156 
GLY HXT  H  N N 157 
HIS N    N  N N 158 
HIS CA   C  N S 159 
HIS C    C  N N 160 
HIS O    O  N N 161 
HIS CB   C  N N 162 
HIS CG   C  Y N 163 
HIS ND1  N  Y N 164 
HIS CD2  C  Y N 165 
HIS CE1  C  Y N 166 
HIS NE2  N  Y N 167 
HIS OXT  O  N N 168 
HIS H    H  N N 169 
HIS H2   H  N N 170 
HIS HA   H  N N 171 
HIS HB2  H  N N 172 
HIS HB3  H  N N 173 
HIS HD1  H  N N 174 
HIS HD2  H  N N 175 
HIS HE1  H  N N 176 
HIS HE2  H  N N 177 
HIS HXT  H  N N 178 
HOH O    O  N N 179 
HOH H1   H  N N 180 
HOH H2   H  N N 181 
ILE N    N  N N 182 
ILE CA   C  N S 183 
ILE C    C  N N 184 
ILE O    O  N N 185 
ILE CB   C  N S 186 
ILE CG1  C  N N 187 
ILE CG2  C  N N 188 
ILE CD1  C  N N 189 
ILE OXT  O  N N 190 
ILE H    H  N N 191 
ILE H2   H  N N 192 
ILE HA   H  N N 193 
ILE HB   H  N N 194 
ILE HG12 H  N N 195 
ILE HG13 H  N N 196 
ILE HG21 H  N N 197 
ILE HG22 H  N N 198 
ILE HG23 H  N N 199 
ILE HD11 H  N N 200 
ILE HD12 H  N N 201 
ILE HD13 H  N N 202 
ILE HXT  H  N N 203 
LEU N    N  N N 204 
LEU CA   C  N S 205 
LEU C    C  N N 206 
LEU O    O  N N 207 
LEU CB   C  N N 208 
LEU CG   C  N N 209 
LEU CD1  C  N N 210 
LEU CD2  C  N N 211 
LEU OXT  O  N N 212 
LEU H    H  N N 213 
LEU H2   H  N N 214 
LEU HA   H  N N 215 
LEU HB2  H  N N 216 
LEU HB3  H  N N 217 
LEU HG   H  N N 218 
LEU HD11 H  N N 219 
LEU HD12 H  N N 220 
LEU HD13 H  N N 221 
LEU HD21 H  N N 222 
LEU HD22 H  N N 223 
LEU HD23 H  N N 224 
LEU HXT  H  N N 225 
LYS N    N  N N 226 
LYS CA   C  N S 227 
LYS C    C  N N 228 
LYS O    O  N N 229 
LYS CB   C  N N 230 
LYS CG   C  N N 231 
LYS CD   C  N N 232 
LYS CE   C  N N 233 
LYS NZ   N  N N 234 
LYS OXT  O  N N 235 
LYS H    H  N N 236 
LYS H2   H  N N 237 
LYS HA   H  N N 238 
LYS HB2  H  N N 239 
LYS HB3  H  N N 240 
LYS HG2  H  N N 241 
LYS HG3  H  N N 242 
LYS HD2  H  N N 243 
LYS HD3  H  N N 244 
LYS HE2  H  N N 245 
LYS HE3  H  N N 246 
LYS HZ1  H  N N 247 
LYS HZ2  H  N N 248 
LYS HZ3  H  N N 249 
LYS HXT  H  N N 250 
MET N    N  N N 251 
MET CA   C  N S 252 
MET C    C  N N 253 
MET O    O  N N 254 
MET CB   C  N N 255 
MET CG   C  N N 256 
MET SD   S  N N 257 
MET CE   C  N N 258 
MET OXT  O  N N 259 
MET H    H  N N 260 
MET H2   H  N N 261 
MET HA   H  N N 262 
MET HB2  H  N N 263 
MET HB3  H  N N 264 
MET HG2  H  N N 265 
MET HG3  H  N N 266 
MET HE1  H  N N 267 
MET HE2  H  N N 268 
MET HE3  H  N N 269 
MET HXT  H  N N 270 
MSE N    N  N N 271 
MSE CA   C  N S 272 
MSE C    C  N N 273 
MSE O    O  N N 274 
MSE OXT  O  N N 275 
MSE CB   C  N N 276 
MSE CG   C  N N 277 
MSE SE   SE N N 278 
MSE CE   C  N N 279 
MSE H    H  N N 280 
MSE H2   H  N N 281 
MSE HA   H  N N 282 
MSE HXT  H  N N 283 
MSE HB2  H  N N 284 
MSE HB3  H  N N 285 
MSE HG2  H  N N 286 
MSE HG3  H  N N 287 
MSE HE1  H  N N 288 
MSE HE2  H  N N 289 
MSE HE3  H  N N 290 
PHE N    N  N N 291 
PHE CA   C  N S 292 
PHE C    C  N N 293 
PHE O    O  N N 294 
PHE CB   C  N N 295 
PHE CG   C  Y N 296 
PHE CD1  C  Y N 297 
PHE CD2  C  Y N 298 
PHE CE1  C  Y N 299 
PHE CE2  C  Y N 300 
PHE CZ   C  Y N 301 
PHE OXT  O  N N 302 
PHE H    H  N N 303 
PHE H2   H  N N 304 
PHE HA   H  N N 305 
PHE HB2  H  N N 306 
PHE HB3  H  N N 307 
PHE HD1  H  N N 308 
PHE HD2  H  N N 309 
PHE HE1  H  N N 310 
PHE HE2  H  N N 311 
PHE HZ   H  N N 312 
PHE HXT  H  N N 313 
PRO N    N  N N 314 
PRO CA   C  N S 315 
PRO C    C  N N 316 
PRO O    O  N N 317 
PRO CB   C  N N 318 
PRO CG   C  N N 319 
PRO CD   C  N N 320 
PRO OXT  O  N N 321 
PRO H    H  N N 322 
PRO HA   H  N N 323 
PRO HB2  H  N N 324 
PRO HB3  H  N N 325 
PRO HG2  H  N N 326 
PRO HG3  H  N N 327 
PRO HD2  H  N N 328 
PRO HD3  H  N N 329 
PRO HXT  H  N N 330 
SER N    N  N N 331 
SER CA   C  N S 332 
SER C    C  N N 333 
SER O    O  N N 334 
SER CB   C  N N 335 
SER OG   O  N N 336 
SER OXT  O  N N 337 
SER H    H  N N 338 
SER H2   H  N N 339 
SER HA   H  N N 340 
SER HB2  H  N N 341 
SER HB3  H  N N 342 
SER HG   H  N N 343 
SER HXT  H  N N 344 
THR N    N  N N 345 
THR CA   C  N S 346 
THR C    C  N N 347 
THR O    O  N N 348 
THR CB   C  N R 349 
THR OG1  O  N N 350 
THR CG2  C  N N 351 
THR OXT  O  N N 352 
THR H    H  N N 353 
THR H2   H  N N 354 
THR HA   H  N N 355 
THR HB   H  N N 356 
THR HG1  H  N N 357 
THR HG21 H  N N 358 
THR HG22 H  N N 359 
THR HG23 H  N N 360 
THR HXT  H  N N 361 
TRP N    N  N N 362 
TRP CA   C  N S 363 
TRP C    C  N N 364 
TRP O    O  N N 365 
TRP CB   C  N N 366 
TRP CG   C  Y N 367 
TRP CD1  C  Y N 368 
TRP CD2  C  Y N 369 
TRP NE1  N  Y N 370 
TRP CE2  C  Y N 371 
TRP CE3  C  Y N 372 
TRP CZ2  C  Y N 373 
TRP CZ3  C  Y N 374 
TRP CH2  C  Y N 375 
TRP OXT  O  N N 376 
TRP H    H  N N 377 
TRP H2   H  N N 378 
TRP HA   H  N N 379 
TRP HB2  H  N N 380 
TRP HB3  H  N N 381 
TRP HD1  H  N N 382 
TRP HE1  H  N N 383 
TRP HE3  H  N N 384 
TRP HZ2  H  N N 385 
TRP HZ3  H  N N 386 
TRP HH2  H  N N 387 
TRP HXT  H  N N 388 
TYR N    N  N N 389 
TYR CA   C  N S 390 
TYR C    C  N N 391 
TYR O    O  N N 392 
TYR CB   C  N N 393 
TYR CG   C  Y N 394 
TYR CD1  C  Y N 395 
TYR CD2  C  Y N 396 
TYR CE1  C  Y N 397 
TYR CE2  C  Y N 398 
TYR CZ   C  Y N 399 
TYR OH   O  N N 400 
TYR OXT  O  N N 401 
TYR H    H  N N 402 
TYR H2   H  N N 403 
TYR HA   H  N N 404 
TYR HB2  H  N N 405 
TYR HB3  H  N N 406 
TYR HD1  H  N N 407 
TYR HD2  H  N N 408 
TYR HE1  H  N N 409 
TYR HE2  H  N N 410 
TYR HH   H  N N 411 
TYR HXT  H  N N 412 
VAL N    N  N N 413 
VAL CA   C  N S 414 
VAL C    C  N N 415 
VAL O    O  N N 416 
VAL CB   C  N N 417 
VAL CG1  C  N N 418 
VAL CG2  C  N N 419 
VAL OXT  O  N N 420 
VAL H    H  N N 421 
VAL H2   H  N N 422 
VAL HA   H  N N 423 
VAL HB   H  N N 424 
VAL HG11 H  N N 425 
VAL HG12 H  N N 426 
VAL HG13 H  N N 427 
VAL HG21 H  N N 428 
VAL HG22 H  N N 429 
VAL HG23 H  N N 430 
VAL HXT  H  N N 431 
# 
loop_
_chem_comp_bond.comp_id 
_chem_comp_bond.atom_id_1 
_chem_comp_bond.atom_id_2 
_chem_comp_bond.value_order 
_chem_comp_bond.pdbx_aromatic_flag 
_chem_comp_bond.pdbx_stereo_config 
_chem_comp_bond.pdbx_ordinal 
ALA N   CA   sing N N 1   
ALA N   H    sing N N 2   
ALA N   H2   sing N N 3   
ALA CA  C    sing N N 4   
ALA CA  CB   sing N N 5   
ALA CA  HA   sing N N 6   
ALA C   O    doub N N 7   
ALA C   OXT  sing N N 8   
ALA CB  HB1  sing N N 9   
ALA CB  HB2  sing N N 10  
ALA CB  HB3  sing N N 11  
ALA OXT HXT  sing N N 12  
ARG N   CA   sing N N 13  
ARG N   H    sing N N 14  
ARG N   H2   sing N N 15  
ARG CA  C    sing N N 16  
ARG CA  CB   sing N N 17  
ARG CA  HA   sing N N 18  
ARG C   O    doub N N 19  
ARG C   OXT  sing N N 20  
ARG CB  CG   sing N N 21  
ARG CB  HB2  sing N N 22  
ARG CB  HB3  sing N N 23  
ARG CG  CD   sing N N 24  
ARG CG  HG2  sing N N 25  
ARG CG  HG3  sing N N 26  
ARG CD  NE   sing N N 27  
ARG CD  HD2  sing N N 28  
ARG CD  HD3  sing N N 29  
ARG NE  CZ   sing N N 30  
ARG NE  HE   sing N N 31  
ARG CZ  NH1  sing N N 32  
ARG CZ  NH2  doub N N 33  
ARG NH1 HH11 sing N N 34  
ARG NH1 HH12 sing N N 35  
ARG NH2 HH21 sing N N 36  
ARG NH2 HH22 sing N N 37  
ARG OXT HXT  sing N N 38  
ASN N   CA   sing N N 39  
ASN N   H    sing N N 40  
ASN N   H2   sing N N 41  
ASN CA  C    sing N N 42  
ASN CA  CB   sing N N 43  
ASN CA  HA   sing N N 44  
ASN C   O    doub N N 45  
ASN C   OXT  sing N N 46  
ASN CB  CG   sing N N 47  
ASN CB  HB2  sing N N 48  
ASN CB  HB3  sing N N 49  
ASN CG  OD1  doub N N 50  
ASN CG  ND2  sing N N 51  
ASN ND2 HD21 sing N N 52  
ASN ND2 HD22 sing N N 53  
ASN OXT HXT  sing N N 54  
ASP N   CA   sing N N 55  
ASP N   H    sing N N 56  
ASP N   H2   sing N N 57  
ASP CA  C    sing N N 58  
ASP CA  CB   sing N N 59  
ASP CA  HA   sing N N 60  
ASP C   O    doub N N 61  
ASP C   OXT  sing N N 62  
ASP CB  CG   sing N N 63  
ASP CB  HB2  sing N N 64  
ASP CB  HB3  sing N N 65  
ASP CG  OD1  doub N N 66  
ASP CG  OD2  sing N N 67  
ASP OD2 HD2  sing N N 68  
ASP OXT HXT  sing N N 69  
CIT C1  O1   doub N N 70  
CIT C1  O2   sing N N 71  
CIT C1  C2   sing N N 72  
CIT O2  HO2  sing N N 73  
CIT C2  C3   sing N N 74  
CIT C2  H21  sing N N 75  
CIT C2  H22  sing N N 76  
CIT C3  O7   sing N N 77  
CIT C3  C4   sing N N 78  
CIT C3  C6   sing N N 79  
CIT O7  HO7  sing N N 80  
CIT C4  C5   sing N N 81  
CIT C4  H41  sing N N 82  
CIT C4  H42  sing N N 83  
CIT C5  O3   doub N N 84  
CIT C5  O4   sing N N 85  
CIT O4  HO4  sing N N 86  
CIT C6  O5   doub N N 87  
CIT C6  O6   sing N N 88  
CIT O6  HO6  sing N N 89  
CYS N   CA   sing N N 90  
CYS N   H    sing N N 91  
CYS N   H2   sing N N 92  
CYS CA  C    sing N N 93  
CYS CA  CB   sing N N 94  
CYS CA  HA   sing N N 95  
CYS C   O    doub N N 96  
CYS C   OXT  sing N N 97  
CYS CB  SG   sing N N 98  
CYS CB  HB2  sing N N 99  
CYS CB  HB3  sing N N 100 
CYS SG  HG   sing N N 101 
CYS OXT HXT  sing N N 102 
GLN N   CA   sing N N 103 
GLN N   H    sing N N 104 
GLN N   H2   sing N N 105 
GLN CA  C    sing N N 106 
GLN CA  CB   sing N N 107 
GLN CA  HA   sing N N 108 
GLN C   O    doub N N 109 
GLN C   OXT  sing N N 110 
GLN CB  CG   sing N N 111 
GLN CB  HB2  sing N N 112 
GLN CB  HB3  sing N N 113 
GLN CG  CD   sing N N 114 
GLN CG  HG2  sing N N 115 
GLN CG  HG3  sing N N 116 
GLN CD  OE1  doub N N 117 
GLN CD  NE2  sing N N 118 
GLN NE2 HE21 sing N N 119 
GLN NE2 HE22 sing N N 120 
GLN OXT HXT  sing N N 121 
GLU N   CA   sing N N 122 
GLU N   H    sing N N 123 
GLU N   H2   sing N N 124 
GLU CA  C    sing N N 125 
GLU CA  CB   sing N N 126 
GLU CA  HA   sing N N 127 
GLU C   O    doub N N 128 
GLU C   OXT  sing N N 129 
GLU CB  CG   sing N N 130 
GLU CB  HB2  sing N N 131 
GLU CB  HB3  sing N N 132 
GLU CG  CD   sing N N 133 
GLU CG  HG2  sing N N 134 
GLU CG  HG3  sing N N 135 
GLU CD  OE1  doub N N 136 
GLU CD  OE2  sing N N 137 
GLU OE2 HE2  sing N N 138 
GLU OXT HXT  sing N N 139 
GLY N   CA   sing N N 140 
GLY N   H    sing N N 141 
GLY N   H2   sing N N 142 
GLY CA  C    sing N N 143 
GLY CA  HA2  sing N N 144 
GLY CA  HA3  sing N N 145 
GLY C   O    doub N N 146 
GLY C   OXT  sing N N 147 
GLY OXT HXT  sing N N 148 
HIS N   CA   sing N N 149 
HIS N   H    sing N N 150 
HIS N   H2   sing N N 151 
HIS CA  C    sing N N 152 
HIS CA  CB   sing N N 153 
HIS CA  HA   sing N N 154 
HIS C   O    doub N N 155 
HIS C   OXT  sing N N 156 
HIS CB  CG   sing N N 157 
HIS CB  HB2  sing N N 158 
HIS CB  HB3  sing N N 159 
HIS CG  ND1  sing Y N 160 
HIS CG  CD2  doub Y N 161 
HIS ND1 CE1  doub Y N 162 
HIS ND1 HD1  sing N N 163 
HIS CD2 NE2  sing Y N 164 
HIS CD2 HD2  sing N N 165 
HIS CE1 NE2  sing Y N 166 
HIS CE1 HE1  sing N N 167 
HIS NE2 HE2  sing N N 168 
HIS OXT HXT  sing N N 169 
HOH O   H1   sing N N 170 
HOH O   H2   sing N N 171 
ILE N   CA   sing N N 172 
ILE N   H    sing N N 173 
ILE N   H2   sing N N 174 
ILE CA  C    sing N N 175 
ILE CA  CB   sing N N 176 
ILE CA  HA   sing N N 177 
ILE C   O    doub N N 178 
ILE C   OXT  sing N N 179 
ILE CB  CG1  sing N N 180 
ILE CB  CG2  sing N N 181 
ILE CB  HB   sing N N 182 
ILE CG1 CD1  sing N N 183 
ILE CG1 HG12 sing N N 184 
ILE CG1 HG13 sing N N 185 
ILE CG2 HG21 sing N N 186 
ILE CG2 HG22 sing N N 187 
ILE CG2 HG23 sing N N 188 
ILE CD1 HD11 sing N N 189 
ILE CD1 HD12 sing N N 190 
ILE CD1 HD13 sing N N 191 
ILE OXT HXT  sing N N 192 
LEU N   CA   sing N N 193 
LEU N   H    sing N N 194 
LEU N   H2   sing N N 195 
LEU CA  C    sing N N 196 
LEU CA  CB   sing N N 197 
LEU CA  HA   sing N N 198 
LEU C   O    doub N N 199 
LEU C   OXT  sing N N 200 
LEU CB  CG   sing N N 201 
LEU CB  HB2  sing N N 202 
LEU CB  HB3  sing N N 203 
LEU CG  CD1  sing N N 204 
LEU CG  CD2  sing N N 205 
LEU CG  HG   sing N N 206 
LEU CD1 HD11 sing N N 207 
LEU CD1 HD12 sing N N 208 
LEU CD1 HD13 sing N N 209 
LEU CD2 HD21 sing N N 210 
LEU CD2 HD22 sing N N 211 
LEU CD2 HD23 sing N N 212 
LEU OXT HXT  sing N N 213 
LYS N   CA   sing N N 214 
LYS N   H    sing N N 215 
LYS N   H2   sing N N 216 
LYS CA  C    sing N N 217 
LYS CA  CB   sing N N 218 
LYS CA  HA   sing N N 219 
LYS C   O    doub N N 220 
LYS C   OXT  sing N N 221 
LYS CB  CG   sing N N 222 
LYS CB  HB2  sing N N 223 
LYS CB  HB3  sing N N 224 
LYS CG  CD   sing N N 225 
LYS CG  HG2  sing N N 226 
LYS CG  HG3  sing N N 227 
LYS CD  CE   sing N N 228 
LYS CD  HD2  sing N N 229 
LYS CD  HD3  sing N N 230 
LYS CE  NZ   sing N N 231 
LYS CE  HE2  sing N N 232 
LYS CE  HE3  sing N N 233 
LYS NZ  HZ1  sing N N 234 
LYS NZ  HZ2  sing N N 235 
LYS NZ  HZ3  sing N N 236 
LYS OXT HXT  sing N N 237 
MET N   CA   sing N N 238 
MET N   H    sing N N 239 
MET N   H2   sing N N 240 
MET CA  C    sing N N 241 
MET CA  CB   sing N N 242 
MET CA  HA   sing N N 243 
MET C   O    doub N N 244 
MET C   OXT  sing N N 245 
MET CB  CG   sing N N 246 
MET CB  HB2  sing N N 247 
MET CB  HB3  sing N N 248 
MET CG  SD   sing N N 249 
MET CG  HG2  sing N N 250 
MET CG  HG3  sing N N 251 
MET SD  CE   sing N N 252 
MET CE  HE1  sing N N 253 
MET CE  HE2  sing N N 254 
MET CE  HE3  sing N N 255 
MET OXT HXT  sing N N 256 
MSE N   CA   sing N N 257 
MSE N   H    sing N N 258 
MSE N   H2   sing N N 259 
MSE CA  C    sing N N 260 
MSE CA  CB   sing N N 261 
MSE CA  HA   sing N N 262 
MSE C   O    doub N N 263 
MSE C   OXT  sing N N 264 
MSE OXT HXT  sing N N 265 
MSE CB  CG   sing N N 266 
MSE CB  HB2  sing N N 267 
MSE CB  HB3  sing N N 268 
MSE CG  SE   sing N N 269 
MSE CG  HG2  sing N N 270 
MSE CG  HG3  sing N N 271 
MSE SE  CE   sing N N 272 
MSE CE  HE1  sing N N 273 
MSE CE  HE2  sing N N 274 
MSE CE  HE3  sing N N 275 
PHE N   CA   sing N N 276 
PHE N   H    sing N N 277 
PHE N   H2   sing N N 278 
PHE CA  C    sing N N 279 
PHE CA  CB   sing N N 280 
PHE CA  HA   sing N N 281 
PHE C   O    doub N N 282 
PHE C   OXT  sing N N 283 
PHE CB  CG   sing N N 284 
PHE CB  HB2  sing N N 285 
PHE CB  HB3  sing N N 286 
PHE CG  CD1  doub Y N 287 
PHE CG  CD2  sing Y N 288 
PHE CD1 CE1  sing Y N 289 
PHE CD1 HD1  sing N N 290 
PHE CD2 CE2  doub Y N 291 
PHE CD2 HD2  sing N N 292 
PHE CE1 CZ   doub Y N 293 
PHE CE1 HE1  sing N N 294 
PHE CE2 CZ   sing Y N 295 
PHE CE2 HE2  sing N N 296 
PHE CZ  HZ   sing N N 297 
PHE OXT HXT  sing N N 298 
PRO N   CA   sing N N 299 
PRO N   CD   sing N N 300 
PRO N   H    sing N N 301 
PRO CA  C    sing N N 302 
PRO CA  CB   sing N N 303 
PRO CA  HA   sing N N 304 
PRO C   O    doub N N 305 
PRO C   OXT  sing N N 306 
PRO CB  CG   sing N N 307 
PRO CB  HB2  sing N N 308 
PRO CB  HB3  sing N N 309 
PRO CG  CD   sing N N 310 
PRO CG  HG2  sing N N 311 
PRO CG  HG3  sing N N 312 
PRO CD  HD2  sing N N 313 
PRO CD  HD3  sing N N 314 
PRO OXT HXT  sing N N 315 
SER N   CA   sing N N 316 
SER N   H    sing N N 317 
SER N   H2   sing N N 318 
SER CA  C    sing N N 319 
SER CA  CB   sing N N 320 
SER CA  HA   sing N N 321 
SER C   O    doub N N 322 
SER C   OXT  sing N N 323 
SER CB  OG   sing N N 324 
SER CB  HB2  sing N N 325 
SER CB  HB3  sing N N 326 
SER OG  HG   sing N N 327 
SER OXT HXT  sing N N 328 
THR N   CA   sing N N 329 
THR N   H    sing N N 330 
THR N   H2   sing N N 331 
THR CA  C    sing N N 332 
THR CA  CB   sing N N 333 
THR CA  HA   sing N N 334 
THR C   O    doub N N 335 
THR C   OXT  sing N N 336 
THR CB  OG1  sing N N 337 
THR CB  CG2  sing N N 338 
THR CB  HB   sing N N 339 
THR OG1 HG1  sing N N 340 
THR CG2 HG21 sing N N 341 
THR CG2 HG22 sing N N 342 
THR CG2 HG23 sing N N 343 
THR OXT HXT  sing N N 344 
TRP N   CA   sing N N 345 
TRP N   H    sing N N 346 
TRP N   H2   sing N N 347 
TRP CA  C    sing N N 348 
TRP CA  CB   sing N N 349 
TRP CA  HA   sing N N 350 
TRP C   O    doub N N 351 
TRP C   OXT  sing N N 352 
TRP CB  CG   sing N N 353 
TRP CB  HB2  sing N N 354 
TRP CB  HB3  sing N N 355 
TRP CG  CD1  doub Y N 356 
TRP CG  CD2  sing Y N 357 
TRP CD1 NE1  sing Y N 358 
TRP CD1 HD1  sing N N 359 
TRP CD2 CE2  doub Y N 360 
TRP CD2 CE3  sing Y N 361 
TRP NE1 CE2  sing Y N 362 
TRP NE1 HE1  sing N N 363 
TRP CE2 CZ2  sing Y N 364 
TRP CE3 CZ3  doub Y N 365 
TRP CE3 HE3  sing N N 366 
TRP CZ2 CH2  doub Y N 367 
TRP CZ2 HZ2  sing N N 368 
TRP CZ3 CH2  sing Y N 369 
TRP CZ3 HZ3  sing N N 370 
TRP CH2 HH2  sing N N 371 
TRP OXT HXT  sing N N 372 
TYR N   CA   sing N N 373 
TYR N   H    sing N N 374 
TYR N   H2   sing N N 375 
TYR CA  C    sing N N 376 
TYR CA  CB   sing N N 377 
TYR CA  HA   sing N N 378 
TYR C   O    doub N N 379 
TYR C   OXT  sing N N 380 
TYR CB  CG   sing N N 381 
TYR CB  HB2  sing N N 382 
TYR CB  HB3  sing N N 383 
TYR CG  CD1  doub Y N 384 
TYR CG  CD2  sing Y N 385 
TYR CD1 CE1  sing Y N 386 
TYR CD1 HD1  sing N N 387 
TYR CD2 CE2  doub Y N 388 
TYR CD2 HD2  sing N N 389 
TYR CE1 CZ   doub Y N 390 
TYR CE1 HE1  sing N N 391 
TYR CE2 CZ   sing Y N 392 
TYR CE2 HE2  sing N N 393 
TYR CZ  OH   sing N N 394 
TYR OH  HH   sing N N 395 
TYR OXT HXT  sing N N 396 
VAL N   CA   sing N N 397 
VAL N   H    sing N N 398 
VAL N   H2   sing N N 399 
VAL CA  C    sing N N 400 
VAL CA  CB   sing N N 401 
VAL CA  HA   sing N N 402 
VAL C   O    doub N N 403 
VAL C   OXT  sing N N 404 
VAL CB  CG1  sing N N 405 
VAL CB  CG2  sing N N 406 
VAL CB  HB   sing N N 407 
VAL CG1 HG11 sing N N 408 
VAL CG1 HG12 sing N N 409 
VAL CG1 HG13 sing N N 410 
VAL CG2 HG21 sing N N 411 
VAL CG2 HG22 sing N N 412 
VAL CG2 HG23 sing N N 413 
VAL OXT HXT  sing N N 414 
# 
_atom_sites.entry_id                    1XJT 
_atom_sites.fract_transf_matrix[1][1]   0.01651255 
_atom_sites.fract_transf_matrix[1][2]   0.00473170 
_atom_sites.fract_transf_matrix[1][3]   -0.00197652 
_atom_sites.fract_transf_matrix[2][1]   0.00771834 
_atom_sites.fract_transf_matrix[2][2]   0.00958659 
_atom_sites.fract_transf_matrix[2][3]   0.01215790 
_atom_sites.fract_transf_matrix[3][1]   0.00176822 
_atom_sites.fract_transf_matrix[3][2]   -0.00499453 
_atom_sites.fract_transf_matrix[3][3]   0.00281568 
_atom_sites.fract_transf_vector[1]      0.020673 
_atom_sites.fract_transf_vector[2]      0.559288 
_atom_sites.fract_transf_vector[3]      0.057898 
# 
loop_
_atom_type.symbol 
C  
N  
O  
S  
SE 
# 
loop_
_atom_site.group_PDB 
_atom_site.id 
_atom_site.type_symbol 
_atom_site.label_atom_id 
_atom_site.label_alt_id 
_atom_site.label_comp_id 
_atom_site.label_asym_id 
_atom_site.label_entity_id 
_atom_site.label_seq_id 
_atom_site.pdbx_PDB_ins_code 
_atom_site.Cartn_x 
_atom_site.Cartn_y 
_atom_site.Cartn_z 
_atom_site.occupancy 
_atom_site.B_iso_or_equiv 
_atom_site.pdbx_formal_charge 
_atom_site.auth_seq_id 
_atom_site.auth_comp_id 
_atom_site.auth_asym_id 
_atom_site.auth_atom_id 
_atom_site.pdbx_PDB_model_num 
ATOM   1    N  N   . GLY A 1 9   ? -4.811  7.741   28.544  1.00 46.06 ? 9   GLY A N   1 
ATOM   2    C  CA  . GLY A 1 9   ? -4.339  8.900   27.735  1.00 46.00 ? 9   GLY A CA  1 
ATOM   3    C  C   . GLY A 1 9   ? -4.650  8.722   26.263  1.00 46.00 ? 9   GLY A C   1 
ATOM   4    O  O   . GLY A 1 9   ? -5.249  7.722   25.861  1.00 45.91 ? 9   GLY A O   1 
ATOM   5    N  N   . GLY A 1 10  ? -4.243  9.694   25.455  1.00 46.00 ? 10  GLY A N   1 
ATOM   6    C  CA  . GLY A 1 10  ? -4.488  9.639   24.021  1.00 45.97 ? 10  GLY A CA  1 
ATOM   7    C  C   . GLY A 1 10  ? -3.410  10.333  23.214  1.00 45.91 ? 10  GLY A C   1 
ATOM   8    O  O   . GLY A 1 10  ? -3.180  11.534  23.376  1.00 46.09 ? 10  GLY A O   1 
ATOM   9    N  N   . ALA A 1 11  ? -2.721  9.552   22.386  1.00 45.69 ? 11  ALA A N   1 
ATOM   10   C  CA  . ALA A 1 11  ? -1.843  10.058  21.328  1.00 45.55 ? 11  ALA A CA  1 
ATOM   11   C  C   . ALA A 1 11  ? -2.033  9.198   20.081  1.00 45.48 ? 11  ALA A C   1 
ATOM   12   O  O   . ALA A 1 11  ? -1.871  9.655   18.944  1.00 45.70 ? 11  ALA A O   1 
ATOM   13   C  CB  . ALA A 1 11  ? -0.394  10.026  21.777  1.00 45.55 ? 11  ALA A CB  1 
ATOM   14   N  N   . ILE A 1 12  ? -2.382  7.937   20.310  1.00 45.17 ? 12  ILE A N   1 
ATOM   15   C  CA  . ILE A 1 12  ? -2.650  6.999   19.245  1.00 44.83 ? 12  ILE A CA  1 
ATOM   16   C  C   . ILE A 1 12  ? -4.091  7.175   18.790  1.00 44.61 ? 12  ILE A C   1 
ATOM   17   O  O   . ILE A 1 12  ? -5.000  7.249   19.617  1.00 44.43 ? 12  ILE A O   1 
ATOM   18   C  CB  . ILE A 1 12  ? -2.425  5.563   19.751  1.00 45.03 ? 12  ILE A CB  1 
ATOM   19   C  CG1 . ILE A 1 12  ? -1.072  5.465   20.466  1.00 45.32 ? 12  ILE A CG1 1 
ATOM   20   C  CG2 . ILE A 1 12  ? -2.512  4.565   18.605  1.00 45.02 ? 12  ILE A CG2 1 
ATOM   21   C  CD1 . ILE A 1 12  ? -0.679  4.052   20.862  1.00 45.36 ? 12  ILE A CD1 1 
ATOM   22   N  N   . CYS A 1 13  ? -4.300  7.241   17.476  1.00 44.00 ? 13  CYS A N   1 
ATOM   23   C  CA  . CYS A 1 13  ? -5.635  7.433   16.927  1.00 43.73 ? 13  CYS A CA  1 
ATOM   24   C  C   . CYS A 1 13  ? -6.182  6.109   16.422  1.00 43.28 ? 13  CYS A C   1 
ATOM   25   O  O   . CYS A 1 13  ? -5.459  5.112   16.356  1.00 43.20 ? 13  CYS A O   1 
ATOM   26   C  CB  . CYS A 1 13  ? -5.605  8.466   15.807  1.00 43.61 ? 13  CYS A CB  1 
ATOM   27   S  SG  . CYS A 1 13  ? -4.109  8.344   14.816  1.00 43.02 ? 13  CYS A SG  1 
ATOM   28   N  N   . ALA A 1 14  ? -7.467  6.112   16.076  1.00 42.91 ? 14  ALA A N   1 
ATOM   29   C  CA  . ALA A 1 14  ? -8.181  4.894   15.717  1.00 42.61 ? 14  ALA A CA  1 
ATOM   30   C  C   . ALA A 1 14  ? -8.229  4.681   14.206  1.00 42.17 ? 14  ALA A C   1 
ATOM   31   O  O   . ALA A 1 14  ? -8.798  5.487   13.472  1.00 41.34 ? 14  ALA A O   1 
ATOM   32   C  CB  . ALA A 1 14  ? -9.592  4.933   16.284  1.00 42.55 ? 14  ALA A CB  1 
ATOM   33   N  N   . ILE A 1 15  ? -7.633  3.585   13.760  1.00 42.14 ? 15  ILE A N   1 
ATOM   34   C  CA  . ILE A 1 15  ? -7.677  3.202   12.348  1.00 42.64 ? 15  ILE A CA  1 
ATOM   35   C  C   . ILE A 1 15  ? -9.125  2.989   11.893  1.00 42.36 ? 15  ILE A C   1 
ATOM   36   O  O   . ILE A 1 15  ? -9.550  3.526   10.873  1.00 42.69 ? 15  ILE A O   1 
ATOM   37   C  CB  . ILE A 1 15  ? -6.834  1.922   12.120  1.00 42.42 ? 15  ILE A CB  1 
ATOM   38   C  CG1 . ILE A 1 15  ? -5.345  2.259   12.151  1.00 42.86 ? 15  ILE A CG1 1 
ATOM   39   C  CG2 . ILE A 1 15  ? -7.164  1.270   10.793  1.00 43.22 ? 15  ILE A CG2 1 
ATOM   40   C  CD1 . ILE A 1 15  ? -4.489  1.099   12.586  1.00 43.35 ? 15  ILE A CD1 1 
ATOM   41   N  N   . ALA A 1 16  ? -9.875  2.222   12.679  1.00 42.08 ? 16  ALA A N   1 
ATOM   42   C  CA  . ALA A 1 16  ? -11.270 1.935   12.381  1.00 41.83 ? 16  ALA A CA  1 
ATOM   43   C  C   . ALA A 1 16  ? -12.066 3.218   12.119  1.00 41.60 ? 16  ALA A C   1 
ATOM   44   O  O   . ALA A 1 16  ? -12.894 3.277   11.215  1.00 41.22 ? 16  ALA A O   1 
ATOM   45   C  CB  . ALA A 1 16  ? -11.884 1.145   13.515  1.00 42.03 ? 16  ALA A CB  1 
ATOM   46   N  N   . VAL A 1 17  ? -11.802 4.260   12.895  1.00 41.25 ? 17  VAL A N   1 
ATOM   47   C  CA  . VAL A 1 17  ? -12.510 5.512   12.687  1.00 41.05 ? 17  VAL A CA  1 
ATOM   48   C  C   . VAL A 1 17  ? -12.066 6.196   11.395  1.00 40.37 ? 17  VAL A C   1 
ATOM   49   O  O   . VAL A 1 17  ? -12.877 6.805   10.694  1.00 40.22 ? 17  VAL A O   1 
ATOM   50   C  CB  . VAL A 1 17  ? -12.354 6.470   13.889  1.00 41.08 ? 17  VAL A CB  1 
ATOM   51   C  CG1 . VAL A 1 17  ? -12.944 7.833   13.566  1.00 41.73 ? 17  VAL A CG1 1 
ATOM   52   C  CG2 . VAL A 1 17  ? -13.041 5.884   15.109  1.00 41.18 ? 17  VAL A CG2 1 
HETATM 53   N  N   . MSE A 1 18  ? -10.774 6.122   11.101  1.00 39.72 ? 18  MSE A N   1 
HETATM 54   C  CA  . MSE A 1 18  ? -10.252 6.694   9.870   1.00 39.51 ? 18  MSE A CA  1 
HETATM 55   C  C   . MSE A 1 18  ? -10.825 5.951   8.652   1.00 38.03 ? 18  MSE A C   1 
HETATM 56   O  O   . MSE A 1 18  ? -11.152 6.551   7.627   1.00 37.17 ? 18  MSE A O   1 
HETATM 57   C  CB  . MSE A 1 18  ? -8.742  6.543   9.792   1.00 40.28 ? 18  MSE A CB  1 
HETATM 58   C  CG  . MSE A 1 18  ? -7.889  7.288   10.754  1.00 41.38 ? 18  MSE A CG  1 
HETATM 59   SE SE  . MSE A 1 18  ? -8.414  9.007   11.472  1.00 45.51 ? 18  MSE A SE  1 
HETATM 60   C  CE  . MSE A 1 18  ? -9.596  9.918   10.265  1.00 42.78 ? 18  MSE A CE  1 
ATOM   61   N  N   . ILE A 1 19  ? -10.930 4.644   8.776   1.00 37.15 ? 19  ILE A N   1 
ATOM   62   C  CA  . ILE A 1 19  ? -11.514 3.851   7.695   1.00 36.90 ? 19  ILE A CA  1 
ATOM   63   C  C   . ILE A 1 19  ? -12.953 4.298   7.386   1.00 36.41 ? 19  ILE A C   1 
ATOM   64   O  O   . ILE A 1 19  ? -13.294 4.502   6.242   1.00 35.53 ? 19  ILE A O   1 
ATOM   65   C  CB  . ILE A 1 19  ? -11.430 2.345   8.001   1.00 36.59 ? 19  ILE A CB  1 
ATOM   66   C  CG1 . ILE A 1 19  ? -9.967  1.871   7.960   1.00 36.33 ? 19  ILE A CG1 1 
ATOM   67   C  CG2 . ILE A 1 19  ? -12.254 1.589   6.997   1.00 37.27 ? 19  ILE A CG2 1 
ATOM   68   C  CD1 . ILE A 1 19  ? -9.736  0.441   8.445   1.00 36.85 ? 19  ILE A CD1 1 
ATOM   69   N  N   . THR A 1 20  ? -13.794 4.486   8.403   1.00 37.08 ? 20  THR A N   1 
ATOM   70   C  CA  . THR A 1 20  ? -15.181 4.875   8.146   1.00 37.40 ? 20  THR A CA  1 
ATOM   71   C  C   . THR A 1 20  ? -15.267 6.228   7.432   1.00 37.57 ? 20  THR A C   1 
ATOM   72   O  O   . THR A 1 20  ? -16.104 6.427   6.570   1.00 37.68 ? 20  THR A O   1 
ATOM   73   C  CB  . THR A 1 20  ? -16.042 4.890   9.454   1.00 37.73 ? 20  THR A CB  1 
ATOM   74   O  OG1 . THR A 1 20  ? -15.788 6.074   10.203  1.00 38.91 ? 20  THR A OG1 1 
ATOM   75   C  CG2 . THR A 1 20  ? -15.671 3.757   10.396  1.00 38.06 ? 20  THR A CG2 1 
ATOM   76   N  N   . ILE A 1 21  ? -14.398 7.163   7.778   1.00 37.77 ? 21  ILE A N   1 
ATOM   77   C  CA  . ILE A 1 21  ? -14.404 8.465   7.119   1.00 38.13 ? 21  ILE A CA  1 
ATOM   78   C  C   . ILE A 1 21  ? -13.998 8.366   5.641   1.00 38.72 ? 21  ILE A C   1 
ATOM   79   O  O   . ILE A 1 21  ? -14.632 8.945   4.762   1.00 38.23 ? 21  ILE A O   1 
ATOM   80   C  CB  . ILE A 1 21  ? -13.451 9.423   7.841   1.00 38.20 ? 21  ILE A CB  1 
ATOM   81   C  CG1 . ILE A 1 21  ? -14.063 9.859   9.179   1.00 37.96 ? 21  ILE A CG1 1 
ATOM   82   C  CG2 . ILE A 1 21  ? -13.182 10.639  6.973   1.00 38.50 ? 21  ILE A CG2 1 
ATOM   83   C  CD1 . ILE A 1 21  ? -13.058 10.457  10.166  1.00 38.03 ? 21  ILE A CD1 1 
ATOM   84   N  N   . VAL A 1 22  ? -12.923 7.636   5.387   1.00 39.58 ? 22  VAL A N   1 
ATOM   85   C  CA  . VAL A 1 22  ? -12.373 7.546   4.047   1.00 39.90 ? 22  VAL A CA  1 
ATOM   86   C  C   . VAL A 1 22  ? -13.360 6.805   3.169   1.00 40.82 ? 22  VAL A C   1 
ATOM   87   O  O   . VAL A 1 22  ? -13.667 7.247   2.075   1.00 41.21 ? 22  VAL A O   1 
ATOM   88   C  CB  . VAL A 1 22  ? -11.016 6.832   4.080   1.00 40.89 ? 22  VAL A CB  1 
ATOM   89   C  CG1 . VAL A 1 22  ? -10.595 6.337   2.675   1.00 40.47 ? 22  VAL A CG1 1 
ATOM   90   C  CG2 . VAL A 1 22  ? -9.987  7.716   4.709   1.00 41.48 ? 22  VAL A CG2 1 
HETATM 91   N  N   . MSE A 1 23  ? -13.862 5.667   3.643   1.00 40.70 ? 23  MSE A N   1 
HETATM 92   C  CA  . MSE A 1 23  ? -14.888 4.960   2.910   1.00 42.04 ? 23  MSE A CA  1 
HETATM 93   C  C   . MSE A 1 23  ? -16.144 5.788   2.709   1.00 42.66 ? 23  MSE A C   1 
HETATM 94   O  O   . MSE A 1 23  ? -16.815 5.670   1.691   1.00 43.41 ? 23  MSE A O   1 
HETATM 95   C  CB  . MSE A 1 23  ? -15.241 3.648   3.609   1.00 41.79 ? 23  MSE A CB  1 
HETATM 96   C  CG  . MSE A 1 23  ? -14.134 2.639   3.540   1.00 42.13 ? 23  MSE A CG  1 
HETATM 97   SE SE  . MSE A 1 23  ? -14.645 0.922   4.360   1.00 45.67 ? 23  MSE A SE  1 
HETATM 98   C  CE  . MSE A 1 23  ? -16.441 0.849   3.761   1.00 45.72 ? 23  MSE A CE  1 
ATOM   99   N  N   . GLY A 1 24  ? -16.491 6.605   3.695   1.00 43.14 ? 24  GLY A N   1 
ATOM   100  C  CA  . GLY A 1 24  ? -17.678 7.426   3.581   1.00 43.48 ? 24  GLY A CA  1 
ATOM   101  C  C   . GLY A 1 24  ? -17.571 8.446   2.466   1.00 44.35 ? 24  GLY A C   1 
ATOM   102  O  O   . GLY A 1 24  ? -18.585 8.800   1.855   1.00 45.31 ? 24  GLY A O   1 
ATOM   103  N  N   . ASN A 1 25  ? -16.362 8.932   2.196   1.00 44.05 ? 25  ASN A N   1 
ATOM   104  C  CA  . ASN A 1 25  ? -16.182 9.996   1.189   1.00 44.35 ? 25  ASN A CA  1 
ATOM   105  C  C   . ASN A 1 25  ? -16.460 9.540   -0.221  1.00 44.13 ? 25  ASN A C   1 
ATOM   106  O  O   . ASN A 1 25  ? -16.809 10.333  -1.072  1.00 45.03 ? 25  ASN A O   1 
ATOM   107  C  CB  . ASN A 1 25  ? -14.793 10.590  1.237   1.00 43.94 ? 25  ASN A CB  1 
ATOM   108  C  CG  . ASN A 1 25  ? -14.564 11.434  2.457   1.00 45.22 ? 25  ASN A CG  1 
ATOM   109  O  OD1 . ASN A 1 25  ? -15.507 11.865  3.118   1.00 45.68 ? 25  ASN A OD1 1 
ATOM   110  N  ND2 . ASN A 1 25  ? -13.306 11.695  2.760   1.00 46.84 ? 25  ASN A ND2 1 
ATOM   111  N  N   . GLY A 1 26  ? -16.253 8.270   -0.488  1.00 43.78 ? 26  GLY A N   1 
ATOM   112  C  CA  . GLY A 1 26  ? -16.721 7.706   -1.730  1.00 43.74 ? 26  GLY A CA  1 
ATOM   113  C  C   . GLY A 1 26  ? -15.747 7.960   -2.846  1.00 43.43 ? 26  GLY A C   1 
ATOM   114  O  O   . GLY A 1 26  ? -16.098 7.833   -4.007  1.00 43.87 ? 26  GLY A O   1 
ATOM   115  N  N   . ASN A 1 27  ? -14.506 8.269   -2.489  1.00 42.86 ? 27  ASN A N   1 
ATOM   116  C  CA  . ASN A 1 27  ? -13.446 8.367   -3.478  1.00 42.09 ? 27  ASN A CA  1 
ATOM   117  C  C   . ASN A 1 27  ? -12.604 7.113   -3.616  1.00 42.33 ? 27  ASN A C   1 
ATOM   118  O  O   . ASN A 1 27  ? -12.383 6.651   -4.714  1.00 42.53 ? 27  ASN A O   1 
ATOM   119  C  CB  . ASN A 1 27  ? -12.571 9.574   -3.172  1.00 42.22 ? 27  ASN A CB  1 
ATOM   120  C  CG  . ASN A 1 27  ? -13.329 10.870  -3.297  1.00 40.47 ? 27  ASN A CG  1 
ATOM   121  O  OD1 . ASN A 1 27  ? -14.017 11.094  -4.279  1.00 42.73 ? 27  ASN A OD1 1 
ATOM   122  N  ND2 . ASN A 1 27  ? -13.245 11.729  -2.271  1.00 42.79 ? 27  ASN A ND2 1 
ATOM   123  N  N   . VAL A 1 28  ? -12.145 6.532   -2.519  1.00 42.01 ? 28  VAL A N   1 
ATOM   124  C  CA  . VAL A 1 28  ? -11.254 5.394   -2.662  1.00 42.22 ? 28  VAL A CA  1 
ATOM   125  C  C   . VAL A 1 28  ? -12.016 4.111   -3.020  1.00 42.47 ? 28  VAL A C   1 
ATOM   126  O  O   . VAL A 1 28  ? -13.124 3.869   -2.546  1.00 42.46 ? 28  VAL A O   1 
ATOM   127  C  CB  . VAL A 1 28  ? -10.362 5.185   -1.403  1.00 42.89 ? 28  VAL A CB  1 
ATOM   128  C  CG1 . VAL A 1 28  ? -9.591  6.468   -1.047  1.00 42.00 ? 28  VAL A CG1 1 
ATOM   129  C  CG2 . VAL A 1 28  ? -11.134 4.713   -0.239  1.00 44.01 ? 28  VAL A CG2 1 
ATOM   130  N  N   . ARG A 1 29  ? -11.438 3.330   -3.918  1.00 41.83 ? 29  ARG A N   1 
ATOM   131  C  CA  . ARG A 1 29  ? -11.966 2.003   -4.232  1.00 41.79 ? 29  ARG A CA  1 
ATOM   132  C  C   . ARG A 1 29  ? -11.523 0.952   -3.242  1.00 42.05 ? 29  ARG A C   1 
ATOM   133  O  O   . ARG A 1 29  ? -12.267 -0.010  -2.980  1.00 40.29 ? 29  ARG A O   1 
ATOM   134  C  CB  . ARG A 1 29  ? -11.561 1.578   -5.644  1.00 41.93 ? 29  ARG A CB  1 
ATOM   135  C  CG  . ARG A 1 29  ? -12.099 0.244   -6.085  1.00 41.29 ? 29  ARG A CG  1 
ATOM   136  C  CD  . ARG A 1 29  ? -11.807 -0.090  -7.530  1.00 42.80 ? 29  ARG A CD  1 
ATOM   137  N  NE  . ARG A 1 29  ? -12.044 -1.517  -7.726  1.00 38.74 ? 29  ARG A NE  1 
ATOM   138  C  CZ  . ARG A 1 29  ? -11.562 -2.281  -8.695  1.00 39.90 ? 29  ARG A CZ  1 
ATOM   139  N  NH1 . ARG A 1 29  ? -10.762 -1.801  -9.630  1.00 38.95 ? 29  ARG A NH1 1 
ATOM   140  N  NH2 . ARG A 1 29  ? -11.876 -3.589  -8.709  1.00 39.52 ? 29  ARG A NH2 1 
ATOM   141  N  N   . THR A 1 30  ? -10.324 1.067   -2.689  1.00 42.23 ? 30  THR A N   1 
ATOM   142  C  CA  . THR A 1 30  ? -9.893  -0.032  -1.880  1.00 42.09 ? 30  THR A CA  1 
ATOM   143  C  C   . THR A 1 30  ? -10.863 -0.314  -0.742  1.00 42.03 ? 30  THR A C   1 
ATOM   144  O  O   . THR A 1 30  ? -11.479 0.605   -0.159  1.00 42.69 ? 30  THR A O   1 
ATOM   145  C  CB  . THR A 1 30  ? -8.354  -0.034  -1.464  1.00 44.28 ? 30  THR A CB  1 
ATOM   146  O  OG1 . THR A 1 30  ? -8.145  0.339   -0.117  1.00 49.13 ? 30  THR A OG1 1 
ATOM   147  C  CG2 . THR A 1 30  ? -7.541  0.846   -2.281  1.00 40.59 ? 30  THR A CG2 1 
ATOM   148  N  N   . ASN A 1 31  ? -11.066 -1.606  -0.503  1.00 41.39 ? 31  ASN A N   1 
ATOM   149  C  CA  . ASN A 1 31  ? -12.088 -2.077  0.402   1.00 41.34 ? 31  ASN A CA  1 
ATOM   150  C  C   . ASN A 1 31  ? -11.628 -2.071  1.844   1.00 41.40 ? 31  ASN A C   1 
ATOM   151  O  O   . ASN A 1 31  ? -10.474 -1.771  2.149   1.00 42.05 ? 31  ASN A O   1 
ATOM   152  C  CB  . ASN A 1 31  ? -12.574 -3.486  -0.040  1.00 41.34 ? 31  ASN A CB  1 
ATOM   153  C  CG  . ASN A 1 31  ? -11.474 -4.552  -0.070  1.00 41.22 ? 31  ASN A CG  1 
ATOM   154  O  OD1 . ASN A 1 31  ? -10.432 -4.410  0.549   1.00 41.50 ? 31  ASN A OD1 1 
ATOM   155  N  ND2 . ASN A 1 31  ? -11.754 -5.680  -0.762  1.00 38.92 ? 31  ASN A ND2 1 
ATOM   156  N  N   . GLN A 1 32  ? -12.542 -2.387  2.731   1.00 42.12 ? 32  GLN A N   1 
ATOM   157  C  CA  . GLN A 1 32  ? -12.238 -2.469  4.151   1.00 42.57 ? 32  GLN A CA  1 
ATOM   158  C  C   . GLN A 1 32  ? -10.987 -3.275  4.500   1.00 42.05 ? 32  GLN A C   1 
ATOM   159  O  O   . GLN A 1 32  ? -10.122 -2.808  5.234   1.00 41.67 ? 32  GLN A O   1 
ATOM   160  C  CB  . GLN A 1 32  ? -13.429 -3.076  4.844   1.00 43.29 ? 32  GLN A CB  1 
ATOM   161  C  CG  . GLN A 1 32  ? -13.204 -3.415  6.287   1.00 45.68 ? 32  GLN A CG  1 
ATOM   162  C  CD  . GLN A 1 32  ? -13.729 -2.354  7.185   1.00 46.86 ? 32  GLN A CD  1 
ATOM   163  O  OE1 . GLN A 1 32  ? -14.417 -1.440  6.738   1.00 50.35 ? 32  GLN A OE1 1 
ATOM   164  N  NE2 . GLN A 1 32  ? -13.401 -2.454  8.455   1.00 47.18 ? 32  GLN A NE2 1 
ATOM   165  N  N   . ALA A 1 33  ? -10.903 -4.495  3.979   1.00 41.52 ? 33  ALA A N   1 
ATOM   166  C  CA  . ALA A 1 33  ? -9.765  -5.365  4.247   1.00 41.20 ? 33  ALA A CA  1 
ATOM   167  C  C   . ALA A 1 33  ? -8.441  -4.733  3.839   1.00 40.47 ? 33  ALA A C   1 
ATOM   168  O  O   . ALA A 1 33  ? -7.446  -4.875  4.553   1.00 40.15 ? 33  ALA A O   1 
ATOM   169  C  CB  . ALA A 1 33  ? -9.945  -6.703  3.527   1.00 40.54 ? 33  ALA A CB  1 
ATOM   170  N  N   . GLY A 1 34  ? -8.427  -4.066  2.682   1.00 40.41 ? 34  GLY A N   1 
ATOM   171  C  CA  . GLY A 1 34  ? -7.277  -3.344  2.207   1.00 40.40 ? 34  GLY A CA  1 
ATOM   172  C  C   . GLY A 1 34  ? -6.920  -2.170  3.112   1.00 40.11 ? 34  GLY A C   1 
ATOM   173  O  O   . GLY A 1 34  ? -5.758  -1.951  3.421   1.00 39.28 ? 34  GLY A O   1 
ATOM   174  N  N   . LEU A 1 35  ? -7.914  -1.403  3.534   1.00 40.97 ? 35  LEU A N   1 
ATOM   175  C  CA  . LEU A 1 35  ? -7.634  -0.250  4.411   1.00 40.94 ? 35  LEU A CA  1 
ATOM   176  C  C   . LEU A 1 35  ? -7.143  -0.760  5.780   1.00 41.13 ? 35  LEU A C   1 
ATOM   177  O  O   . LEU A 1 35  ? -6.212  -0.201  6.376   1.00 41.16 ? 35  LEU A O   1 
ATOM   178  C  CB  . LEU A 1 35  ? -8.886  0.649   4.523   1.00 41.34 ? 35  LEU A CB  1 
ATOM   179  C  CG  . LEU A 1 35  ? -9.371  1.256   3.183   1.00 40.74 ? 35  LEU A CG  1 
ATOM   180  C  CD1 . LEU A 1 35  ? -10.752 1.969   3.287   1.00 40.67 ? 35  LEU A CD1 1 
ATOM   181  C  CD2 . LEU A 1 35  ? -8.319  2.168   2.544   1.00 42.89 ? 35  LEU A CD2 1 
ATOM   182  N  N   . GLU A 1 36  ? -7.743  -1.837  6.263   1.00 41.19 ? 36  GLU A N   1 
ATOM   183  C  CA  . GLU A 1 36  ? -7.301  -2.459  7.514   1.00 41.73 ? 36  GLU A CA  1 
ATOM   184  C  C   . GLU A 1 36  ? -5.845  -2.925  7.390   1.00 41.34 ? 36  GLU A C   1 
ATOM   185  O  O   . GLU A 1 36  ? -5.034  -2.686  8.283   1.00 40.89 ? 36  GLU A O   1 
ATOM   186  C  CB  . GLU A 1 36  ? -8.207  -3.624  7.896   1.00 42.03 ? 36  GLU A CB  1 
ATOM   187  C  CG  . GLU A 1 36  ? -9.549  -3.237  8.501   1.00 42.93 ? 36  GLU A CG  1 
ATOM   188  C  CD  . GLU A 1 36  ? -10.435 -4.443  8.789   1.00 44.06 ? 36  GLU A CD  1 
ATOM   189  O  OE1 . GLU A 1 36  ? -11.558 -4.258  9.300   1.00 47.65 ? 36  GLU A OE1 1 
ATOM   190  O  OE2 . GLU A 1 36  ? -10.011 -5.594  8.532   1.00 48.34 ? 36  GLU A OE2 1 
ATOM   191  N  N   . LEU A 1 37  ? -5.502  -3.551  6.261   1.00 41.00 ? 37  LEU A N   1 
ATOM   192  C  CA  . LEU A 1 37  ? -4.153  -4.073  6.069   1.00 41.15 ? 37  LEU A CA  1 
ATOM   193  C  C   . LEU A 1 37  ? -3.153  -2.933  6.082   1.00 40.29 ? 37  LEU A C   1 
ATOM   194  O  O   . LEU A 1 37  ? -2.151  -2.969  6.795   1.00 40.14 ? 37  LEU A O   1 
ATOM   195  C  CB  . LEU A 1 37  ? -4.046  -4.835  4.735   1.00 41.24 ? 37  LEU A CB  1 
ATOM   196  C  CG  . LEU A 1 37  ? -2.855  -5.786  4.624   1.00 41.91 ? 37  LEU A CG  1 
ATOM   197  C  CD1 . LEU A 1 37  ? -3.179  -6.832  3.569   1.00 43.04 ? 37  LEU A CD1 1 
ATOM   198  C  CD2 . LEU A 1 37  ? -1.552  -5.082  4.293   1.00 40.68 ? 37  LEU A CD2 1 
ATOM   199  N  N   . ILE A 1 38  ? -3.436  -1.916  5.283   1.00 39.98 ? 38  ILE A N   1 
ATOM   200  C  CA  . ILE A 1 38  ? -2.573  -0.748  5.209   1.00 39.69 ? 38  ILE A CA  1 
ATOM   201  C  C   . ILE A 1 38  ? -2.468  -0.025  6.567   1.00 39.99 ? 38  ILE A C   1 
ATOM   202  O  O   . ILE A 1 38  ? -1.380  0.376   6.986   1.00 40.42 ? 38  ILE A O   1 
ATOM   203  C  CB  . ILE A 1 38  ? -3.110  0.229   4.141   1.00 39.72 ? 38  ILE A CB  1 
ATOM   204  C  CG1 . ILE A 1 38  ? -2.986  -0.373  2.732   1.00 41.42 ? 38  ILE A CG1 1 
ATOM   205  C  CG2 . ILE A 1 38  ? -2.388  1.553   4.207   1.00 39.35 ? 38  ILE A CG2 1 
ATOM   206  C  CD1 . ILE A 1 38  ? -3.672  0.485   1.645   1.00 38.33 ? 38  ILE A CD1 1 
ATOM   207  N  N   . GLY A 1 39  ? -3.606  0.135   7.244   1.00 39.94 ? 39  GLY A N   1 
ATOM   208  C  CA  . GLY A 1 39  ? -3.661  0.917   8.487   1.00 40.13 ? 39  GLY A CA  1 
ATOM   209  C  C   . GLY A 1 39  ? -2.893  0.266   9.614   1.00 40.95 ? 39  GLY A C   1 
ATOM   210  O  O   . GLY A 1 39  ? -2.137  0.927   10.318  1.00 41.01 ? 39  GLY A O   1 
ATOM   211  N  N   . ASN A 1 40  ? -3.091  -1.037  9.792   1.00 42.02 ? 40  ASN A N   1 
ATOM   212  C  CA  . ASN A 1 40  ? -2.382  -1.777  10.831  1.00 43.28 ? 40  ASN A CA  1 
ATOM   213  C  C   . ASN A 1 40  ? -0.869  -1.887  10.592  1.00 43.66 ? 40  ASN A C   1 
ATOM   214  O  O   . ASN A 1 40  ? -0.090  -1.854  11.544  1.00 44.00 ? 40  ASN A O   1 
ATOM   215  C  CB  . ASN A 1 40  ? -3.002  -3.161  11.024  1.00 43.44 ? 40  ASN A CB  1 
ATOM   216  C  CG  . ASN A 1 40  ? -4.352  -3.093  11.697  1.00 44.47 ? 40  ASN A CG  1 
ATOM   217  O  OD1 . ASN A 1 40  ? -5.357  -3.575  11.164  1.00 47.49 ? 40  ASN A OD1 1 
ATOM   218  N  ND2 . ASN A 1 40  ? -4.389  -2.476  12.872  1.00 46.48 ? 40  ASN A ND2 1 
ATOM   219  N  N   . ALA A 1 41  ? -0.455  -2.010  9.336   1.00 44.16 ? 41  ALA A N   1 
ATOM   220  C  CA  . ALA A 1 41  ? 0.970   -1.972  9.007   1.00 44.57 ? 41  ALA A CA  1 
ATOM   221  C  C   . ALA A 1 41  ? 1.612   -0.679  9.528   1.00 45.09 ? 41  ALA A C   1 
ATOM   222  O  O   . ALA A 1 41  ? 2.647   -0.702  10.213  1.00 45.71 ? 41  ALA A O   1 
ATOM   223  C  CB  . ALA A 1 41  ? 1.160   -2.084  7.502   1.00 44.58 ? 41  ALA A CB  1 
ATOM   224  N  N   . GLU A 1 42  ? 0.972   0.445   9.219   1.00 45.61 ? 42  GLU A N   1 
ATOM   225  C  CA  . GLU A 1 42  ? 1.495   1.771   9.551   1.00 45.96 ? 42  GLU A CA  1 
ATOM   226  C  C   . GLU A 1 42  ? 1.239   2.165   10.997  1.00 46.10 ? 42  GLU A C   1 
ATOM   227  O  O   . GLU A 1 42  ? 2.080   2.793   11.640  1.00 46.06 ? 42  GLU A O   1 
ATOM   228  C  CB  . GLU A 1 42  ? 0.837   2.827   8.655   1.00 46.34 ? 42  GLU A CB  1 
ATOM   229  C  CG  . GLU A 1 42  ? 1.085   2.634   7.174   1.00 47.74 ? 42  GLU A CG  1 
ATOM   230  C  CD  . GLU A 1 42  ? 2.542   2.823   6.787   1.00 49.35 ? 42  GLU A CD  1 
ATOM   231  O  OE1 . GLU A 1 42  ? 3.331   3.342   7.619   1.00 51.79 ? 42  GLU A OE1 1 
ATOM   232  O  OE2 . GLU A 1 42  ? 2.890   2.448   5.646   1.00 51.66 ? 42  GLU A OE2 1 
ATOM   233  N  N   . GLY A 1 43  ? 0.065   1.816   11.505  1.00 46.14 ? 43  GLY A N   1 
ATOM   234  C  CA  . GLY A 1 43  ? -0.377  2.345   12.782  1.00 46.00 ? 43  GLY A CA  1 
ATOM   235  C  C   . GLY A 1 43  ? -0.906  3.754   12.576  1.00 46.03 ? 43  GLY A C   1 
ATOM   236  O  O   . GLY A 1 43  ? -0.824  4.305   11.470  1.00 46.14 ? 43  GLY A O   1 
ATOM   237  N  N   . CYS A 1 44  ? -1.445  4.335   13.642  1.00 45.98 ? 44  CYS A N   1 
ATOM   238  C  CA  . CYS A 1 44  ? -2.067  5.653   13.582  1.00 45.80 ? 44  CYS A CA  1 
ATOM   239  C  C   . CYS A 1 44  ? -1.599  6.525   14.751  1.00 45.70 ? 44  CYS A C   1 
ATOM   240  O  O   . CYS A 1 44  ? -1.706  6.132   15.916  1.00 45.37 ? 44  CYS A O   1 
ATOM   241  C  CB  . CYS A 1 44  ? -3.591  5.496   13.583  1.00 45.79 ? 44  CYS A CB  1 
ATOM   242  S  SG  . CYS A 1 44  ? -4.505  7.030   13.305  1.00 45.54 ? 44  CYS A SG  1 
ATOM   243  N  N   . ARG A 1 45  ? -1.097  7.718   14.419  1.00 45.70 ? 45  ARG A N   1 
ATOM   244  C  CA  . ARG A 1 45  ? -0.418  8.603   15.376  1.00 45.67 ? 45  ARG A CA  1 
ATOM   245  C  C   . ARG A 1 45  ? -0.736  10.090  15.134  1.00 45.62 ? 45  ARG A C   1 
ATOM   246  O  O   . ARG A 1 45  ? -0.491  10.609  14.050  1.00 45.71 ? 45  ARG A O   1 
ATOM   247  C  CB  . ARG A 1 45  ? 1.104   8.405   15.263  1.00 45.65 ? 45  ARG A CB  1 
ATOM   248  C  CG  . ARG A 1 45  ? 1.641   7.048   15.726  1.00 45.70 ? 45  ARG A CG  1 
ATOM   249  C  CD  . ARG A 1 45  ? 1.249   6.695   17.157  1.00 46.36 ? 45  ARG A CD  1 
ATOM   250  N  NE  . ARG A 1 45  ? 2.266   5.919   17.869  1.00 46.71 ? 45  ARG A NE  1 
ATOM   251  C  CZ  . ARG A 1 45  ? 2.466   4.609   17.726  1.00 46.96 ? 45  ARG A CZ  1 
ATOM   252  N  NH1 . ARG A 1 45  ? 3.414   4.012   18.436  1.00 47.16 ? 45  ARG A NH1 1 
ATOM   253  N  NH2 . ARG A 1 45  ? 1.733   3.890   16.882  1.00 46.73 ? 45  ARG A NH2 1 
ATOM   254  N  N   . ARG A 1 46  ? -1.252  10.785  16.143  1.00 45.71 ? 46  ARG A N   1 
ATOM   255  C  CA  . ARG A 1 46  ? -1.474  12.231  16.022  1.00 45.84 ? 46  ARG A CA  1 
ATOM   256  C  C   . ARG A 1 46  ? -0.180  13.043  16.175  1.00 45.71 ? 46  ARG A C   1 
ATOM   257  O  O   . ARG A 1 46  ? -0.088  14.183  15.714  1.00 45.85 ? 46  ARG A O   1 
ATOM   258  C  CB  . ARG A 1 46  ? -2.485  12.709  17.057  1.00 46.06 ? 46  ARG A CB  1 
ATOM   259  C  CG  . ARG A 1 46  ? -3.919  12.361  16.730  1.00 46.32 ? 46  ARG A CG  1 
ATOM   260  C  CD  . ARG A 1 46  ? -4.910  12.957  17.724  1.00 46.67 ? 46  ARG A CD  1 
ATOM   261  N  NE  . ARG A 1 46  ? -6.208  12.291  17.707  1.00 47.58 ? 46  ARG A NE  1 
ATOM   262  C  CZ  . ARG A 1 46  ? -6.422  11.048  18.129  1.00 48.40 ? 46  ARG A CZ  1 
ATOM   263  N  NH1 . ARG A 1 46  ? -7.643  10.532  18.077  1.00 48.75 ? 46  ARG A NH1 1 
ATOM   264  N  NH2 . ARG A 1 46  ? -5.424  10.306  18.591  1.00 49.01 ? 46  ARG A NH2 1 
ATOM   265  N  N   . ASP A 1 47  ? 0.812   12.455  16.835  1.00 45.48 ? 47  ASP A N   1 
ATOM   266  C  CA  . ASP A 1 47  ? 2.088   13.114  17.034  1.00 45.33 ? 47  ASP A CA  1 
ATOM   267  C  C   . ASP A 1 47  ? 3.097   12.627  15.990  1.00 45.12 ? 47  ASP A C   1 
ATOM   268  O  O   . ASP A 1 47  ? 3.324   11.423  15.851  1.00 45.11 ? 47  ASP A O   1 
ATOM   269  C  CB  . ASP A 1 47  ? 2.606   12.843  18.452  1.00 45.35 ? 47  ASP A CB  1 
ATOM   270  C  CG  . ASP A 1 47  ? 1.740   13.499  19.533  1.00 45.81 ? 47  ASP A CG  1 
ATOM   271  O  OD1 . ASP A 1 47  ? 1.682   12.960  20.661  1.00 45.91 ? 47  ASP A OD1 1 
ATOM   272  O  OD2 . ASP A 1 47  ? 1.082   14.550  19.354  1.00 46.22 ? 47  ASP A OD2 1 
ATOM   273  N  N   . PRO A 1 48  ? 3.684   13.557  15.238  1.00 44.93 ? 48  PRO A N   1 
ATOM   274  C  CA  . PRO A 1 48  ? 4.712   13.214  14.259  1.00 45.04 ? 48  PRO A CA  1 
ATOM   275  C  C   . PRO A 1 48  ? 5.889   12.447  14.866  1.00 45.13 ? 48  PRO A C   1 
ATOM   276  O  O   . PRO A 1 48  ? 6.361   12.811  15.948  1.00 45.05 ? 48  PRO A O   1 
ATOM   277  C  CB  . PRO A 1 48  ? 5.177   14.584  13.751  1.00 44.88 ? 48  PRO A CB  1 
ATOM   278  C  CG  . PRO A 1 48  ? 4.035   15.499  13.994  1.00 44.47 ? 48  PRO A CG  1 
ATOM   279  C  CD  . PRO A 1 48  ? 3.383   15.000  15.238  1.00 44.82 ? 48  PRO A CD  1 
ATOM   280  N  N   . TYR A 1 49  ? 6.366   11.410  14.175  1.00 45.23 ? 49  TYR A N   1 
ATOM   281  C  CA  . TYR A 1 49  ? 7.507   10.622  14.662  1.00 45.67 ? 49  TYR A CA  1 
ATOM   282  C  C   . TYR A 1 49  ? 8.604   10.382  13.606  1.00 46.23 ? 49  TYR A C   1 
ATOM   283  O  O   . TYR A 1 49  ? 8.401   10.606  12.412  1.00 45.87 ? 49  TYR A O   1 
ATOM   284  C  CB  . TYR A 1 49  ? 7.030   9.302   15.285  1.00 44.85 ? 49  TYR A CB  1 
ATOM   285  C  CG  . TYR A 1 49  ? 6.306   8.374   14.343  1.00 44.30 ? 49  TYR A CG  1 
ATOM   286  C  CD1 . TYR A 1 49  ? 4.938   8.488   14.132  1.00 43.32 ? 49  TYR A CD1 1 
ATOM   287  C  CD2 . TYR A 1 49  ? 6.989   7.367   13.677  1.00 43.84 ? 49  TYR A CD2 1 
ATOM   288  C  CE1 . TYR A 1 49  ? 4.278   7.631   13.271  1.00 43.43 ? 49  TYR A CE1 1 
ATOM   289  C  CE2 . TYR A 1 49  ? 6.333   6.510   12.813  1.00 43.15 ? 49  TYR A CE2 1 
ATOM   290  C  CZ  . TYR A 1 49  ? 4.984   6.646   12.617  1.00 43.35 ? 49  TYR A CZ  1 
ATOM   291  O  OH  . TYR A 1 49  ? 4.344   5.782   11.756  1.00 43.29 ? 49  TYR A OH  1 
HETATM 292  N  N   . MSE A 1 50  ? 9.771   9.941   14.080  1.00 47.45 ? 50  MSE A N   1 
HETATM 293  C  CA  . MSE A 1 50  ? 10.993  9.822   13.268  1.00 48.16 ? 50  MSE A CA  1 
HETATM 294  C  C   . MSE A 1 50  ? 11.297  8.379   12.850  1.00 48.16 ? 50  MSE A C   1 
HETATM 295  O  O   . MSE A 1 50  ? 11.508  7.513   13.698  1.00 48.09 ? 50  MSE A O   1 
HETATM 296  C  CB  . MSE A 1 50  ? 12.196  10.343  14.070  1.00 49.76 ? 50  MSE A CB  1 
HETATM 297  C  CG  . MSE A 1 50  ? 12.490  11.841  13.937  1.00 52.42 ? 50  MSE A CG  1 
HETATM 298  SE SE  . MSE A 1 50  ? 13.041  12.347  12.119  1.00 62.41 ? 50  MSE A SE  1 
HETATM 299  C  CE  . MSE A 1 50  ? 13.917  14.013  12.535  1.00 56.51 ? 50  MSE A CE  1 
ATOM   300  N  N   . CYS A 1 51  ? 11.344  8.123   11.547  1.00 48.06 ? 51  CYS A N   1 
ATOM   301  C  CA  . CYS A 1 51  ? 11.743  6.804   11.049  1.00 47.95 ? 51  CYS A CA  1 
ATOM   302  C  C   . CYS A 1 51  ? 13.202  6.879   10.612  1.00 48.12 ? 51  CYS A C   1 
ATOM   303  O  O   . CYS A 1 51  ? 13.755  7.976   10.544  1.00 47.86 ? 51  CYS A O   1 
ATOM   304  C  CB  . CYS A 1 51  ? 10.814  6.346   9.926   1.00 47.84 ? 51  CYS A CB  1 
ATOM   305  S  SG  . CYS A 1 51  ? 9.239   5.684   10.534  0.50 46.49 ? 51  CYS A SG  1 
ATOM   306  N  N   . PRO A 1 52  ? 13.847  5.741   10.342  1.00 48.34 ? 52  PRO A N   1 
ATOM   307  C  CA  . PRO A 1 52  ? 15.292  5.747   10.069  1.00 48.35 ? 52  PRO A CA  1 
ATOM   308  C  C   . PRO A 1 52  ? 15.569  6.392   8.714   1.00 48.56 ? 52  PRO A C   1 
ATOM   309  O  O   . PRO A 1 52  ? 14.766  6.256   7.787   1.00 48.51 ? 52  PRO A O   1 
ATOM   310  C  CB  . PRO A 1 52  ? 15.682  4.261   10.089  1.00 48.20 ? 52  PRO A CB  1 
ATOM   311  C  CG  . PRO A 1 52  ? 14.472  3.540   10.615  1.00 48.58 ? 52  PRO A CG  1 
ATOM   312  C  CD  . PRO A 1 52  ? 13.281  4.386   10.236  1.00 48.23 ? 52  PRO A CD  1 
ATOM   313  N  N   . ALA A 1 53  ? 16.691  7.101   8.608   1.00 48.97 ? 53  ALA A N   1 
ATOM   314  C  CA  . ALA A 1 53  ? 16.838  8.076   7.539   1.00 49.11 ? 53  ALA A CA  1 
ATOM   315  C  C   . ALA A 1 53  ? 15.759  9.137   7.773   1.00 49.21 ? 53  ALA A C   1 
ATOM   316  O  O   . ALA A 1 53  ? 14.862  9.344   6.953   1.00 48.93 ? 53  ALA A O   1 
ATOM   317  C  CB  . ALA A 1 53  ? 16.676  7.415   6.178   1.00 49.12 ? 53  ALA A CB  1 
ATOM   318  N  N   . GLY A 1 54  ? 15.909  9.818   8.909   1.00 49.47 ? 54  GLY A N   1 
ATOM   319  C  CA  . GLY A 1 54  ? 14.829  10.541  9.576   1.00 49.44 ? 54  GLY A CA  1 
ATOM   320  C  C   . GLY A 1 54  ? 14.091  11.621  8.819   1.00 49.34 ? 54  GLY A C   1 
ATOM   321  O  O   . GLY A 1 54  ? 14.581  12.740  8.665   1.00 49.69 ? 54  GLY A O   1 
ATOM   322  N  N   . VAL A 1 55  ? 12.886  11.292  8.376   1.00 49.34 ? 55  VAL A N   1 
ATOM   323  C  CA  . VAL A 1 55  ? 11.974  12.311  7.896   1.00 49.25 ? 55  VAL A CA  1 
ATOM   324  C  C   . VAL A 1 55  ? 10.597  12.084  8.520   1.00 48.59 ? 55  VAL A C   1 
ATOM   325  O  O   . VAL A 1 55  ? 10.058  10.967  8.504   1.00 48.67 ? 55  VAL A O   1 
ATOM   326  C  CB  . VAL A 1 55  ? 11.934  12.385  6.344   1.00 49.29 ? 55  VAL A CB  1 
ATOM   327  C  CG1 . VAL A 1 55  ? 10.722  11.658  5.771   1.00 49.79 ? 55  VAL A CG1 1 
ATOM   328  C  CG2 . VAL A 1 55  ? 11.974  13.866  5.905   1.00 50.23 ? 55  VAL A CG2 1 
ATOM   329  N  N   . TRP A 1 56  ? 10.056  13.164  9.077   1.00 47.89 ? 56  TRP A N   1 
ATOM   330  C  CA  . TRP A 1 56  ? 8.883   13.115  9.931   1.00 47.17 ? 56  TRP A CA  1 
ATOM   331  C  C   . TRP A 1 56  ? 7.668   12.452  9.296   1.00 47.06 ? 56  TRP A C   1 
ATOM   332  O  O   . TRP A 1 56  ? 7.416   12.586  8.092   1.00 47.16 ? 56  TRP A O   1 
ATOM   333  C  CB  . TRP A 1 56  ? 8.537   14.530  10.397  1.00 46.98 ? 56  TRP A CB  1 
ATOM   334  C  CG  . TRP A 1 56  ? 9.518   15.028  11.390  1.00 47.00 ? 56  TRP A CG  1 
ATOM   335  C  CD1 . TRP A 1 56  ? 10.540  15.916  11.178  1.00 46.73 ? 56  TRP A CD1 1 
ATOM   336  C  CD2 . TRP A 1 56  ? 9.603   14.642  12.762  1.00 46.97 ? 56  TRP A CD2 1 
ATOM   337  N  NE1 . TRP A 1 56  ? 11.248  16.107  12.339  1.00 46.18 ? 56  TRP A NE1 1 
ATOM   338  C  CE2 . TRP A 1 56  ? 10.694  15.334  13.327  1.00 46.25 ? 56  TRP A CE2 1 
ATOM   339  C  CE3 . TRP A 1 56  ? 8.866   13.774  13.576  1.00 46.45 ? 56  TRP A CE3 1 
ATOM   340  C  CZ2 . TRP A 1 56  ? 11.056  15.191  14.663  1.00 46.80 ? 56  TRP A CZ2 1 
ATOM   341  C  CZ3 . TRP A 1 56  ? 9.230   13.636  14.902  1.00 46.65 ? 56  TRP A CZ3 1 
ATOM   342  C  CH2 . TRP A 1 56  ? 10.313  14.337  15.431  1.00 46.64 ? 56  TRP A CH2 1 
ATOM   343  N  N   . THR A 1 57  ? 6.918   11.734  10.132  1.00 46.87 ? 57  THR A N   1 
ATOM   344  C  CA  . THR A 1 57  ? 5.751   10.970  9.696   1.00 46.59 ? 57  THR A CA  1 
ATOM   345  C  C   . THR A 1 57  ? 4.513   11.381  10.493  1.00 46.39 ? 57  THR A C   1 
ATOM   346  O  O   . THR A 1 57  ? 4.605   11.666  11.685  1.00 46.16 ? 57  THR A O   1 
ATOM   347  C  CB  . THR A 1 57  ? 6.023   9.463   9.876   1.00 46.58 ? 57  THR A CB  1 
ATOM   348  O  OG1 . THR A 1 57  ? 7.156   9.087   9.083   1.00 47.03 ? 57  THR A OG1 1 
ATOM   349  C  CG2 . THR A 1 57  ? 4.877   8.601   9.314   1.00 46.62 ? 57  THR A CG2 1 
ATOM   350  N  N   . ASP A 1 58  ? 3.368   11.405  9.814   1.00 46.35 ? 58  ASP A N   1 
ATOM   351  C  CA  . ASP A 1 58  ? 2.079   11.773  10.413  1.00 46.33 ? 58  ASP A CA  1 
ATOM   352  C  C   . ASP A 1 58  ? 1.088   10.623  10.365  1.00 45.39 ? 58  ASP A C   1 
ATOM   353  O  O   . ASP A 1 58  ? 1.302   9.641   9.657   1.00 44.70 ? 58  ASP A O   1 
ATOM   354  C  CB  . ASP A 1 58  ? 1.430   12.912  9.628   1.00 46.82 ? 58  ASP A CB  1 
ATOM   355  C  CG  . ASP A 1 58  ? 1.847   14.237  10.097  1.00 47.71 ? 58  ASP A CG  1 
ATOM   356  O  OD1 . ASP A 1 58  ? 2.892   14.318  10.767  1.00 52.23 ? 58  ASP A OD1 1 
ATOM   357  O  OD2 . ASP A 1 58  ? 1.191   15.266  9.847   1.00 49.51 ? 58  ASP A OD2 1 
ATOM   358  N  N   . GLY A 1 59  ? -0.015  10.784  11.099  1.00 44.52 ? 59  GLY A N   1 
ATOM   359  C  CA  . GLY A 1 59  ? -1.200  9.931   10.935  1.00 44.13 ? 59  GLY A CA  1 
ATOM   360  C  C   . GLY A 1 59  ? -0.846  8.491   10.641  1.00 43.71 ? 59  GLY A C   1 
ATOM   361  O  O   . GLY A 1 59  ? -0.194  7.833   11.447  1.00 43.56 ? 59  GLY A O   1 
ATOM   362  N  N   . ILE A 1 60  ? -1.265  8.015   9.471   1.00 43.00 ? 60  ILE A N   1 
ATOM   363  C  CA  . ILE A 1 60  ? -1.095  6.625   9.085   1.00 42.86 ? 60  ILE A CA  1 
ATOM   364  C  C   . ILE A 1 60  ? -0.046  6.528   7.975   1.00 42.94 ? 60  ILE A C   1 
ATOM   365  O  O   . ILE A 1 60  ? -0.362  6.382   6.805   1.00 42.41 ? 60  ILE A O   1 
ATOM   366  C  CB  . ILE A 1 60  ? -2.466  6.047   8.662   1.00 42.82 ? 60  ILE A CB  1 
ATOM   367  C  CG1 . ILE A 1 60  ? -3.435  6.167   9.857   1.00 42.93 ? 60  ILE A CG1 1 
ATOM   368  C  CG2 . ILE A 1 60  ? -2.325  4.590   8.150   1.00 42.83 ? 60  ILE A CG2 1 
ATOM   369  C  CD1 . ILE A 1 60  ? -4.885  5.781   9.577   1.00 42.63 ? 60  ILE A CD1 1 
ATOM   370  N  N   . GLY A 1 61  ? 1.217   6.657   8.354   1.00 42.95 ? 61  GLY A N   1 
ATOM   371  C  CA  . GLY A 1 61  ? 2.298   6.609   7.382   1.00 43.04 ? 61  GLY A CA  1 
ATOM   372  C  C   . GLY A 1 61  ? 2.349   7.789   6.415   1.00 43.09 ? 61  GLY A C   1 
ATOM   373  O  O   . GLY A 1 61  ? 2.868   7.649   5.303   1.00 42.92 ? 61  GLY A O   1 
ATOM   374  N  N   . ASN A 1 62  ? 1.817   8.944   6.816   1.00 42.17 ? 62  ASN A N   1 
ATOM   375  C  CA  . ASN A 1 62  ? 1.916   10.128  5.976   1.00 42.57 ? 62  ASN A CA  1 
ATOM   376  C  C   . ASN A 1 62  ? 3.230   10.908  6.200   1.00 42.85 ? 62  ASN A C   1 
ATOM   377  O  O   . ASN A 1 62  ? 3.639   11.122  7.348   1.00 42.10 ? 62  ASN A O   1 
ATOM   378  C  CB  . ASN A 1 62  ? 0.736   11.057  6.222   1.00 42.05 ? 62  ASN A CB  1 
ATOM   379  C  CG  . ASN A 1 62  ? 0.877   12.362  5.473   1.00 42.52 ? 62  ASN A CG  1 
ATOM   380  O  OD1 . ASN A 1 62  ? 0.721   12.390  4.256   1.00 43.08 ? 62  ASN A OD1 1 
ATOM   381  N  ND2 . ASN A 1 62  ? 1.201   13.449  6.191   1.00 38.95 ? 62  ASN A ND2 1 
ATOM   382  N  N   . THR A 1 63  ? 3.875   11.342  5.112   1.00 43.42 ? 63  THR A N   1 
ATOM   383  C  CA  . THR A 1 63  ? 5.098   12.159  5.194   1.00 44.20 ? 63  THR A CA  1 
ATOM   384  C  C   . THR A 1 63  ? 4.997   13.488  4.431   1.00 44.87 ? 63  THR A C   1 
ATOM   385  O  O   . THR A 1 63  ? 5.999   14.160  4.228   1.00 45.12 ? 63  THR A O   1 
ATOM   386  C  CB  . THR A 1 63  ? 6.310   11.363  4.681   1.00 44.33 ? 63  THR A CB  1 
ATOM   387  O  OG1 . THR A 1 63  ? 5.967   10.680  3.470   1.00 42.93 ? 63  THR A OG1 1 
ATOM   388  C  CG2 . THR A 1 63  ? 6.669   10.241  5.640   1.00 44.79 ? 63  THR A CG2 1 
ATOM   389  N  N   . HIS A 1 64  ? 3.787   13.859  4.015   1.00 45.90 ? 64  HIS A N   1 
ATOM   390  C  CA  . HIS A 1 64  ? 3.550   15.125  3.319   1.00 46.45 ? 64  HIS A CA  1 
ATOM   391  C  C   . HIS A 1 64  ? 2.818   16.108  4.231   1.00 46.68 ? 64  HIS A C   1 
ATOM   392  O  O   . HIS A 1 64  ? 1.867   15.743  4.925   1.00 46.38 ? 64  HIS A O   1 
ATOM   393  C  CB  . HIS A 1 64  ? 2.746   14.883  2.031   1.00 47.38 ? 64  HIS A CB  1 
ATOM   394  C  CG  . HIS A 1 64  ? 1.850   16.021  1.650   1.00 49.55 ? 64  HIS A CG  1 
ATOM   395  N  ND1 . HIS A 1 64  ? 0.528   16.087  2.034   1.00 53.64 ? 64  HIS A ND1 1 
ATOM   396  C  CD2 . HIS A 1 64  ? 2.084   17.140  0.922   1.00 51.90 ? 64  HIS A CD2 1 
ATOM   397  C  CE1 . HIS A 1 64  ? -0.012  17.203  1.572   1.00 51.56 ? 64  HIS A CE1 1 
ATOM   398  N  NE2 . HIS A 1 64  ? 0.911   17.857  0.889   1.00 53.38 ? 64  HIS A NE2 1 
ATOM   399  N  N   . GLY A 1 65  ? 3.270   17.363  4.230   1.00 46.85 ? 65  GLY A N   1 
ATOM   400  C  CA  . GLY A 1 65  ? 2.653   18.384  5.060   1.00 47.02 ? 65  GLY A CA  1 
ATOM   401  C  C   . GLY A 1 65  ? 2.876   18.124  6.561   1.00 47.12 ? 65  GLY A C   1 
ATOM   402  O  O   . GLY A 1 65  ? 1.997   18.392  7.421   1.00 47.34 ? 65  GLY A O   1 
ATOM   403  N  N   . VAL A 1 66  ? 4.058   17.616  6.887   1.00 46.76 ? 66  VAL A N   1 
ATOM   404  C  CA  . VAL A 1 66  ? 4.326   17.181  8.245   1.00 46.42 ? 66  VAL A CA  1 
ATOM   405  C  C   . VAL A 1 66  ? 5.241   18.170  8.981   1.00 46.17 ? 66  VAL A C   1 
ATOM   406  O  O   . VAL A 1 66  ? 6.363   18.452  8.548   1.00 45.69 ? 66  VAL A O   1 
ATOM   407  C  CB  . VAL A 1 66  ? 4.930   15.766  8.262   1.00 46.69 ? 66  VAL A CB  1 
ATOM   408  C  CG1 . VAL A 1 66  ? 6.120   15.674  7.316   1.00 47.39 ? 66  VAL A CG1 1 
ATOM   409  C  CG2 . VAL A 1 66  ? 5.316   15.366  9.670   1.00 46.04 ? 66  VAL A CG2 1 
ATOM   410  N  N   . THR A 1 67  ? 4.743   18.691  10.098  1.00 45.72 ? 67  THR A N   1 
ATOM   411  C  CA  . THR A 1 67  ? 5.540   19.605  10.912  1.00 45.82 ? 67  THR A CA  1 
ATOM   412  C  C   . THR A 1 67  ? 5.644   19.099  12.364  1.00 45.68 ? 67  THR A C   1 
ATOM   413  O  O   . THR A 1 67  ? 4.621   18.955  13.094  1.00 45.88 ? 67  THR A O   1 
ATOM   414  C  CB  . THR A 1 67  ? 4.970   21.069  10.832  1.00 45.80 ? 67  THR A CB  1 
ATOM   415  O  OG1 . THR A 1 67  ? 5.387   21.848  11.981  1.00 46.31 ? 67  THR A OG1 1 
ATOM   416  C  CG2 . THR A 1 67  ? 3.447   21.090  10.888  1.00 45.42 ? 67  THR A CG2 1 
ATOM   417  N  N   . PRO A 1 68  ? 6.901   18.816  12.774  1.00 45.60 ? 68  PRO A N   1 
ATOM   418  C  CA  . PRO A 1 68  ? 7.186   18.329  14.123  1.00 45.61 ? 68  PRO A CA  1 
ATOM   419  C  C   . PRO A 1 68  ? 6.428   19.101  15.208  1.00 45.52 ? 68  PRO A C   1 
ATOM   420  O  O   . PRO A 1 68  ? 6.343   20.343  15.157  1.00 45.47 ? 68  PRO A O   1 
ATOM   421  C  CB  . PRO A 1 68  ? 8.689   18.583  14.275  1.00 45.54 ? 68  PRO A CB  1 
ATOM   422  C  CG  . PRO A 1 68  ? 9.224   18.509  12.903  1.00 45.53 ? 68  PRO A CG  1 
ATOM   423  C  CD  . PRO A 1 68  ? 8.152   18.984  11.983  1.00 45.58 ? 68  PRO A CD  1 
ATOM   424  N  N   . GLY A 1 69  ? 5.881   18.361  16.179  1.00 45.46 ? 69  GLY A N   1 
ATOM   425  C  CA  . GLY A 1 69  ? 5.187   18.973  17.306  1.00 45.43 ? 69  GLY A CA  1 
ATOM   426  C  C   . GLY A 1 69  ? 3.791   19.458  16.964  1.00 45.41 ? 69  GLY A C   1 
ATOM   427  O  O   . GLY A 1 69  ? 3.096   20.001  17.818  1.00 45.38 ? 69  GLY A O   1 
ATOM   428  N  N   . VAL A 1 70  ? 3.366   19.260  15.720  1.00 45.37 ? 70  VAL A N   1 
ATOM   429  C  CA  . VAL A 1 70  ? 2.058   19.740  15.293  1.00 45.49 ? 70  VAL A CA  1 
ATOM   430  C  C   . VAL A 1 70  ? 1.071   18.577  15.152  1.00 45.57 ? 70  VAL A C   1 
ATOM   431  O  O   . VAL A 1 70  ? 1.152   17.748  14.229  1.00 45.58 ? 70  VAL A O   1 
ATOM   432  C  CB  . VAL A 1 70  ? 2.155   20.564  14.002  1.00 45.46 ? 70  VAL A CB  1 
ATOM   433  C  CG1 . VAL A 1 70  ? 0.849   21.306  13.743  1.00 45.64 ? 70  VAL A CG1 1 
ATOM   434  C  CG2 . VAL A 1 70  ? 3.316   21.559  14.112  1.00 45.24 ? 70  VAL A CG2 1 
ATOM   435  N  N   . ARG A 1 71  ? 0.140   18.549  16.100  1.00 45.75 ? 71  ARG A N   1 
ATOM   436  C  CA  . ARG A 1 71  ? -0.813  17.464  16.275  1.00 45.87 ? 71  ARG A CA  1 
ATOM   437  C  C   . ARG A 1 71  ? -2.032  17.675  15.382  1.00 45.79 ? 71  ARG A C   1 
ATOM   438  O  O   . ARG A 1 71  ? -2.663  18.730  15.432  1.00 45.94 ? 71  ARG A O   1 
ATOM   439  C  CB  . ARG A 1 71  ? -1.237  17.429  17.743  1.00 45.96 ? 71  ARG A CB  1 
ATOM   440  C  CG  . ARG A 1 71  ? -1.866  16.139  18.170  1.00 46.02 ? 71  ARG A CG  1 
ATOM   441  C  CD  . ARG A 1 71  ? -2.535  16.214  19.520  1.00 46.49 ? 71  ARG A CD  1 
ATOM   442  N  NE  . ARG A 1 71  ? -3.217  14.958  19.802  1.00 47.69 ? 71  ARG A NE  1 
ATOM   443  C  CZ  . ARG A 1 71  ? -2.859  14.093  20.743  1.00 47.83 ? 71  ARG A CZ  1 
ATOM   444  N  NH1 . ARG A 1 71  ? -1.830  14.341  21.547  1.00 47.24 ? 71  ARG A NH1 1 
ATOM   445  N  NH2 . ARG A 1 71  ? -3.555  12.970  20.890  1.00 47.84 ? 71  ARG A NH2 1 
ATOM   446  N  N   . LYS A 1 72  ? -2.372  16.671  14.580  1.00 45.77 ? 72  LYS A N   1 
ATOM   447  C  CA  . LYS A 1 72  ? -3.402  16.833  13.555  1.00 45.69 ? 72  LYS A CA  1 
ATOM   448  C  C   . LYS A 1 72  ? -4.793  16.386  14.004  1.00 46.02 ? 72  LYS A C   1 
ATOM   449  O  O   . LYS A 1 72  ? -4.929  15.496  14.852  1.00 46.31 ? 72  LYS A O   1 
ATOM   450  C  CB  . LYS A 1 72  ? -2.994  16.091  12.274  1.00 45.50 ? 72  LYS A CB  1 
ATOM   451  C  CG  . LYS A 1 72  ? -2.036  16.879  11.381  1.00 45.25 ? 72  LYS A CG  1 
ATOM   452  C  CD  . LYS A 1 72  ? -1.746  16.143  10.074  1.00 44.84 ? 72  LYS A CD  1 
ATOM   453  C  CE  . LYS A 1 72  ? -0.970  16.999  9.069   1.00 44.37 ? 72  LYS A CE  1 
ATOM   454  N  NZ  . LYS A 1 72  ? -0.465  16.206  7.899   1.00 45.04 ? 72  LYS A NZ  1 
ATOM   455  N  N   . THR A 1 73  ? -5.813  17.027  13.419  1.00 46.18 ? 73  THR A N   1 
ATOM   456  C  CA  . THR A 1 73  ? -7.227  16.618  13.525  1.00 45.99 ? 73  THR A CA  1 
ATOM   457  C  C   . THR A 1 73  ? -7.375  15.136  13.273  1.00 46.40 ? 73  THR A C   1 
ATOM   458  O  O   . THR A 1 73  ? -6.551  14.544  12.576  1.00 46.74 ? 73  THR A O   1 
ATOM   459  C  CB  . THR A 1 73  ? -8.063  17.281  12.405  1.00 45.46 ? 73  THR A CB  1 
ATOM   460  O  OG1 . THR A 1 73  ? -7.358  18.381  11.822  1.00 47.01 ? 73  THR A OG1 1 
ATOM   461  C  CG2 . THR A 1 73  ? -9.372  17.849  12.912  1.00 46.07 ? 73  THR A CG2 1 
ATOM   462  N  N   . ASP A 1 74  ? -8.461  14.550  13.767  1.00 46.68 ? 74  ASP A N   1 
ATOM   463  C  CA  . ASP A 1 74  ? -8.856  13.221  13.316  1.00 46.84 ? 74  ASP A CA  1 
ATOM   464  C  C   . ASP A 1 74  ? -9.245  13.270  11.837  1.00 46.78 ? 74  ASP A C   1 
ATOM   465  O  O   . ASP A 1 74  ? -8.836  12.401  11.070  1.00 46.12 ? 74  ASP A O   1 
ATOM   466  C  CB  . ASP A 1 74  ? -10.000 12.651  14.163  1.00 47.03 ? 74  ASP A CB  1 
ATOM   467  C  CG  . ASP A 1 74  ? -9.515  11.671  15.222  1.00 47.72 ? 74  ASP A CG  1 
ATOM   468  O  OD1 . ASP A 1 74  ? -8.310  11.702  15.566  1.00 48.02 ? 74  ASP A OD1 1 
ATOM   469  O  OD2 . ASP A 1 74  ? -10.269 10.829  15.760  1.00 48.73 ? 74  ASP A OD2 1 
ATOM   470  N  N   . GLN A 1 75  ? -9.988  14.304  11.426  1.00 46.99 ? 75  GLN A N   1 
ATOM   471  C  CA  . GLN A 1 75  ? -10.397 14.408  10.015  1.00 47.08 ? 75  GLN A CA  1 
ATOM   472  C  C   . GLN A 1 75  ? -9.240  14.758  9.085   1.00 46.83 ? 75  GLN A C   1 
ATOM   473  O  O   . GLN A 1 75  ? -9.225  14.332  7.938   1.00 46.45 ? 75  GLN A O   1 
ATOM   474  C  CB  . GLN A 1 75  ? -11.499 15.446  9.792   1.00 47.10 ? 75  GLN A CB  1 
ATOM   475  C  CG  . GLN A 1 75  ? -11.977 15.449  8.326   1.00 47.32 ? 75  GLN A CG  1 
ATOM   476  C  CD  . GLN A 1 75  ? -13.228 16.260  8.086   1.00 48.71 ? 75  GLN A CD  1 
ATOM   477  O  OE1 . GLN A 1 75  ? -14.277 15.699  7.747   1.00 52.70 ? 75  GLN A OE1 1 
ATOM   478  N  NE2 . GLN A 1 75  ? -13.131 17.577  8.258   1.00 48.16 ? 75  GLN A NE2 1 
ATOM   479  N  N   . GLN A 1 76  ? -8.299  15.570  9.564   1.00 46.36 ? 76  GLN A N   1 
ATOM   480  C  CA  . GLN A 1 76  ? -7.126  15.901  8.757   1.00 46.19 ? 76  GLN A CA  1 
ATOM   481  C  C   . GLN A 1 76  ? -6.267  14.662  8.534   1.00 45.50 ? 76  GLN A C   1 
ATOM   482  O  O   . GLN A 1 76  ? -5.676  14.502  7.456   1.00 45.08 ? 76  GLN A O   1 
ATOM   483  C  CB  . GLN A 1 76  ? -6.304  17.031  9.399   1.00 46.39 ? 76  GLN A CB  1 
ATOM   484  C  CG  . GLN A 1 76  ? -4.939  17.329  8.723   1.00 46.87 ? 76  GLN A CG  1 
ATOM   485  C  CD  . GLN A 1 76  ? -5.049  17.988  7.337   1.00 47.16 ? 76  GLN A CD  1 
ATOM   486  O  OE1 . GLN A 1 76  ? -4.977  19.224  7.226   1.00 46.92 ? 76  GLN A OE1 1 
ATOM   487  N  NE2 . GLN A 1 76  ? -5.202  17.174  6.289   1.00 44.52 ? 76  GLN A NE2 1 
ATOM   488  N  N   . ILE A 1 77  ? -6.192  13.772  9.520   1.00 44.72 ? 77  ILE A N   1 
ATOM   489  C  CA  . ILE A 1 77  ? -5.366  12.586  9.305   1.00 44.53 ? 77  ILE A CA  1 
ATOM   490  C  C   . ILE A 1 77  ? -6.019  11.624  8.319   1.00 43.98 ? 77  ILE A C   1 
ATOM   491  O  O   . ILE A 1 77  ? -5.313  10.917  7.610   1.00 43.24 ? 77  ILE A O   1 
ATOM   492  C  CB  . ILE A 1 77  ? -4.902  11.865  10.621  1.00 44.76 ? 77  ILE A CB  1 
ATOM   493  C  CG1 . ILE A 1 77  ? -5.882  10.780  11.069  1.00 45.12 ? 77  ILE A CG1 1 
ATOM   494  C  CG2 . ILE A 1 77  ? -4.609  12.850  11.730  1.00 44.90 ? 77  ILE A CG2 1 
ATOM   495  C  CD1 . ILE A 1 77  ? -5.171  9.468   11.420  1.00 43.50 ? 77  ILE A CD1 1 
ATOM   496  N  N   . ALA A 1 78  ? -7.352  11.638  8.240   1.00 43.77 ? 78  ALA A N   1 
ATOM   497  C  CA  . ALA A 1 78  ? -8.097  10.830  7.243   1.00 44.02 ? 78  ALA A CA  1 
ATOM   498  C  C   . ALA A 1 78  ? -7.973  11.416  5.850   1.00 43.78 ? 78  ALA A C   1 
ATOM   499  O  O   . ALA A 1 78  ? -7.940  10.691  4.839   1.00 42.70 ? 78  ALA A O   1 
ATOM   500  C  CB  . ALA A 1 78  ? -9.571  10.755  7.600   1.00 44.10 ? 78  ALA A CB  1 
ATOM   501  N  N   . ALA A 1 79  ? -7.984  12.745  5.816   1.00 43.17 ? 79  ALA A N   1 
ATOM   502  C  CA  . ALA A 1 79  ? -7.797  13.490  4.589   1.00 43.23 ? 79  ALA A CA  1 
ATOM   503  C  C   . ALA A 1 79  ? -6.448  13.101  4.007   1.00 42.83 ? 79  ALA A C   1 
ATOM   504  O  O   . ALA A 1 79  ? -6.369  12.693  2.849   1.00 43.11 ? 79  ALA A O   1 
ATOM   505  C  CB  . ALA A 1 79  ? -7.852  14.993  4.877   1.00 43.02 ? 79  ALA A CB  1 
ATOM   506  N  N   . ASP A 1 80  ? -5.404  13.216  4.832   1.00 42.86 ? 80  ASP A N   1 
ATOM   507  C  CA  . ASP A 1 80  ? -4.042  12.840  4.458   1.00 42.74 ? 80  ASP A CA  1 
ATOM   508  C  C   . ASP A 1 80  ? -3.986  11.398  3.955   1.00 42.73 ? 80  ASP A C   1 
ATOM   509  O  O   . ASP A 1 80  ? -3.344  11.092  2.929   1.00 42.00 ? 80  ASP A O   1 
ATOM   510  C  CB  . ASP A 1 80  ? -3.106  12.957  5.666   1.00 42.99 ? 80  ASP A CB  1 
ATOM   511  C  CG  . ASP A 1 80  ? -2.886  14.403  6.128   1.00 43.03 ? 80  ASP A CG  1 
ATOM   512  O  OD1 . ASP A 1 80  ? -3.465  15.352  5.545   1.00 43.18 ? 80  ASP A OD1 1 
ATOM   513  O  OD2 . ASP A 1 80  ? -2.151  14.671  7.105   1.00 44.60 ? 80  ASP A OD2 1 
ATOM   514  N  N   . TRP A 1 81  ? -4.638  10.497  4.690   1.00 42.12 ? 81  TRP A N   1 
ATOM   515  C  CA  . TRP A 1 81  ? -4.576  9.077   4.349   1.00 41.78 ? 81  TRP A CA  1 
ATOM   516  C  C   . TRP A 1 81  ? -5.242  8.855   3.012   1.00 41.69 ? 81  TRP A C   1 
ATOM   517  O  O   . TRP A 1 81  ? -4.675  8.183   2.151   1.00 42.04 ? 81  TRP A O   1 
ATOM   518  C  CB  . TRP A 1 81  ? -5.258  8.218   5.410   1.00 41.52 ? 81  TRP A CB  1 
ATOM   519  C  CG  . TRP A 1 81  ? -4.938  6.753   5.359   1.00 41.46 ? 81  TRP A CG  1 
ATOM   520  C  CD1 . TRP A 1 81  ? -3.787  6.170   4.899   1.00 40.97 ? 81  TRP A CD1 1 
ATOM   521  C  CD2 . TRP A 1 81  ? -5.763  5.682   5.838   1.00 41.64 ? 81  TRP A CD2 1 
ATOM   522  N  NE1 . TRP A 1 81  ? -3.860  4.804   5.048   1.00 41.55 ? 81  TRP A NE1 1 
ATOM   523  C  CE2 . TRP A 1 81  ? -5.066  4.479   5.616   1.00 40.42 ? 81  TRP A CE2 1 
ATOM   524  C  CE3 . TRP A 1 81  ? -7.034  5.617   6.425   1.00 41.06 ? 81  TRP A CE3 1 
ATOM   525  C  CZ2 . TRP A 1 81  ? -5.580  3.244   5.980   1.00 41.25 ? 81  TRP A CZ2 1 
ATOM   526  C  CZ3 . TRP A 1 81  ? -7.547  4.383   6.767   1.00 41.08 ? 81  TRP A CZ3 1 
ATOM   527  C  CH2 . TRP A 1 81  ? -6.825  3.212   6.541   1.00 40.77 ? 81  TRP A CH2 1 
ATOM   528  N  N   . GLU A 1 82  ? -6.435  9.424   2.846   1.00 41.47 ? 82  GLU A N   1 
ATOM   529  C  CA  . GLU A 1 82  ? -7.144  9.381   1.570   1.00 41.50 ? 82  GLU A CA  1 
ATOM   530  C  C   . GLU A 1 82  ? -6.216  9.792   0.435   1.00 41.27 ? 82  GLU A C   1 
ATOM   531  O  O   . GLU A 1 82  ? -6.124  9.130   -0.573  1.00 40.62 ? 82  GLU A O   1 
ATOM   532  C  CB  . GLU A 1 82  ? -8.385  10.300  1.582   1.00 41.90 ? 82  GLU A CB  1 
ATOM   533  C  CG  . GLU A 1 82  ? -9.373  10.041  0.443   1.00 41.51 ? 82  GLU A CG  1 
ATOM   534  C  CD  . GLU A 1 82  ? -10.583 10.962  0.429   1.00 41.14 ? 82  GLU A CD  1 
ATOM   535  O  OE1 . GLU A 1 82  ? -11.642 10.531  -0.037  1.00 39.75 ? 82  GLU A OE1 1 
ATOM   536  O  OE2 . GLU A 1 82  ? -10.502 12.122  0.873   1.00 45.45 ? 82  GLU A OE2 1 
ATOM   537  N  N   . LYS A 1 83  ? -5.556  10.918  0.580   1.00 41.94 ? 83  LYS A N   1 
ATOM   538  C  CA  . LYS A 1 83  ? -4.742  11.428  -0.519  1.00 42.23 ? 83  LYS A CA  1 
ATOM   539  C  C   . LYS A 1 83  ? -3.672  10.424  -0.932  1.00 41.17 ? 83  LYS A C   1 
ATOM   540  O  O   . LYS A 1 83  ? -3.437  10.178  -2.118  1.00 40.93 ? 83  LYS A O   1 
ATOM   541  C  CB  . LYS A 1 83  ? -4.095  12.734  -0.093  1.00 42.15 ? 83  LYS A CB  1 
ATOM   542  C  CG  . LYS A 1 83  ? -3.299  13.446  -1.190  1.00 44.00 ? 83  LYS A CG  1 
ATOM   543  C  CD  . LYS A 1 83  ? -2.672  14.751  -0.647  1.00 44.37 ? 83  LYS A CD  1 
ATOM   544  C  CE  . LYS A 1 83  ? -2.151  15.737  -1.765  1.00 45.40 ? 83  LYS A CE  1 
ATOM   545  N  NZ  . LYS A 1 83  ? -1.608  17.059  -1.263  1.00 49.08 ? 83  LYS A NZ  1 
ATOM   546  N  N   . ASN A 1 84  ? -3.035  9.825   0.067   1.00 41.03 ? 84  ASN A N   1 
ATOM   547  C  CA  . ASN A 1 84  ? -1.977  8.864   -0.182  1.00 40.16 ? 84  ASN A CA  1 
ATOM   548  C  C   . ASN A 1 84  ? -2.533  7.591   -0.785  1.00 39.87 ? 84  ASN A C   1 
ATOM   549  O  O   . ASN A 1 84  ? -1.914  7.021   -1.694  1.00 41.16 ? 84  ASN A O   1 
ATOM   550  C  CB  . ASN A 1 84  ? -1.195  8.595   1.098   1.00 39.91 ? 84  ASN A CB  1 
ATOM   551  C  CG  . ASN A 1 84  ? -0.328  9.764   1.481   1.00 41.77 ? 84  ASN A CG  1 
ATOM   552  O  OD1 . ASN A 1 84  ? 0.336   10.352  0.626   1.00 40.17 ? 84  ASN A OD1 1 
ATOM   553  N  ND2 . ASN A 1 84  ? -0.360  10.141  2.762   1.00 40.91 ? 84  ASN A ND2 1 
ATOM   554  N  N   . ILE A 1 85  ? -3.688  7.150   -0.309  1.00 39.56 ? 85  ILE A N   1 
ATOM   555  C  CA  . ILE A 1 85  ? -4.366  6.009   -0.926  1.00 39.23 ? 85  ILE A CA  1 
ATOM   556  C  C   . ILE A 1 85  ? -4.685  6.244   -2.410  1.00 39.27 ? 85  ILE A C   1 
ATOM   557  O  O   . ILE A 1 85  ? -4.476  5.378   -3.253  1.00 39.84 ? 85  ILE A O   1 
ATOM   558  C  CB  . ILE A 1 85  ? -5.670  5.630   -0.189  1.00 39.23 ? 85  ILE A CB  1 
ATOM   559  C  CG1 . ILE A 1 85  ? -5.375  5.174   1.244   1.00 39.92 ? 85  ILE A CG1 1 
ATOM   560  C  CG2 . ILE A 1 85  ? -6.351  4.438   -0.893  1.00 39.65 ? 85  ILE A CG2 1 
ATOM   561  C  CD1 . ILE A 1 85  ? -6.598  5.214   2.178   1.00 38.78 ? 85  ILE A CD1 1 
ATOM   562  N  N   . LEU A 1 86  ? -5.213  7.394   -2.737  1.00 39.91 ? 86  LEU A N   1 
ATOM   563  C  CA  . LEU A 1 86  ? -5.569  7.671   -4.124  1.00 40.67 ? 86  LEU A CA  1 
ATOM   564  C  C   . LEU A 1 86  ? -4.375  7.710   -5.075  1.00 41.89 ? 86  LEU A C   1 
ATOM   565  O  O   . LEU A 1 86  ? -4.487  7.326   -6.243  1.00 43.25 ? 86  LEU A O   1 
ATOM   566  C  CB  . LEU A 1 86  ? -6.347  8.967   -4.188  1.00 40.82 ? 86  LEU A CB  1 
ATOM   567  C  CG  . LEU A 1 86  ? -7.746  8.807   -3.586  1.00 39.62 ? 86  LEU A CG  1 
ATOM   568  C  CD1 . LEU A 1 86  ? -8.428  10.155  -3.443  1.00 42.50 ? 86  LEU A CD1 1 
ATOM   569  C  CD2 . LEU A 1 86  ? -8.575  7.892   -4.463  1.00 41.04 ? 86  LEU A CD2 1 
ATOM   570  N  N   . ILE A 1 87  ? -3.236  8.208   -4.595  1.00 41.74 ? 87  ILE A N   1 
ATOM   571  C  CA  . ILE A 1 87  ? -1.995  8.103   -5.351  1.00 41.77 ? 87  ILE A CA  1 
ATOM   572  C  C   . ILE A 1 87  ? -1.633  6.632   -5.672  1.00 41.33 ? 87  ILE A C   1 
ATOM   573  O  O   . ILE A 1 87  ? -1.300  6.295   -6.817  1.00 41.63 ? 87  ILE A O   1 
ATOM   574  C  CB  . ILE A 1 87  ? -0.848  8.802   -4.570  1.00 42.01 ? 87  ILE A CB  1 
ATOM   575  C  CG1 . ILE A 1 87  ? -1.109  10.282  -4.507  1.00 43.18 ? 87  ILE A CG1 1 
ATOM   576  C  CG2 . ILE A 1 87  ? 0.513   8.499   -5.211  1.00 42.93 ? 87  ILE A CG2 1 
ATOM   577  C  CD1 . ILE A 1 87  ? -0.242  11.009  -3.515  1.00 43.26 ? 87  ILE A CD1 1 
ATOM   578  N  N   . ALA A 1 88  ? -1.739  5.765   -4.672  1.00 40.42 ? 88  ALA A N   1 
ATOM   579  C  CA  . ALA A 1 88  ? -1.467  4.351   -4.844  1.00 40.51 ? 88  ALA A CA  1 
ATOM   580  C  C   . ALA A 1 88  ? -2.477  3.706   -5.804  1.00 40.72 ? 88  ALA A C   1 
ATOM   581  O  O   . ALA A 1 88  ? -2.083  2.922   -6.675  1.00 40.09 ? 88  ALA A O   1 
ATOM   582  C  CB  . ALA A 1 88  ? -1.433  3.647   -3.514  1.00 39.69 ? 88  ALA A CB  1 
ATOM   583  N  N   . GLU A 1 89  ? -3.760  4.063   -5.676  1.00 40.49 ? 89  GLU A N   1 
ATOM   584  C  CA  . GLU A 1 89  ? -4.807  3.609   -6.612  1.00 40.91 ? 89  GLU A CA  1 
ATOM   585  C  C   . GLU A 1 89  ? -4.560  4.091   -8.041  1.00 41.29 ? 89  GLU A C   1 
ATOM   586  O  O   . GLU A 1 89  ? -4.790  3.369   -9.001  1.00 41.64 ? 89  GLU A O   1 
ATOM   587  C  CB  . GLU A 1 89  ? -6.199  4.062   -6.113  1.00 40.71 ? 89  GLU A CB  1 
ATOM   588  C  CG  . GLU A 1 89  ? -6.540  3.385   -4.800  1.00 39.10 ? 89  GLU A CG  1 
ATOM   589  C  CD  . GLU A 1 89  ? -8.009  3.443   -4.406  1.00 41.10 ? 89  GLU A CD  1 
ATOM   590  O  OE1 . GLU A 1 89  ? -8.839  4.023   -5.119  1.00 42.04 ? 89  GLU A OE1 1 
ATOM   591  O  OE2 . GLU A 1 89  ? -8.337  2.847   -3.364  1.00 41.61 ? 89  GLU A OE2 1 
ATOM   592  N  N   . ARG A 1 90  ? -4.093  5.317   -8.209  1.00 41.91 ? 90  ARG A N   1 
ATOM   593  C  CA  . ARG A 1 90  ? -3.734  5.764   -9.527  1.00 43.35 ? 90  ARG A CA  1 
ATOM   594  C  C   . ARG A 1 90  ? -2.654  4.909   -10.154 1.00 42.31 ? 90  ARG A C   1 
ATOM   595  O  O   . ARG A 1 90  ? -2.639  4.692   -11.357 1.00 42.97 ? 90  ARG A O   1 
ATOM   596  C  CB  . ARG A 1 90  ? -3.194  7.211   -9.428  1.00 43.29 ? 90  ARG A CB  1 
ATOM   597  C  CG  . ARG A 1 90  ? -3.261  8.015   -10.662 1.00 47.27 ? 90  ARG A CG  1 
ATOM   598  C  CD  . ARG A 1 90  ? -3.030  9.512   -10.349 1.00 48.68 ? 90  ARG A CD  1 
ATOM   599  N  NE  . ARG A 1 90  ? -3.795  9.856   -9.137  1.00 54.75 ? 90  ARG A NE  1 
ATOM   600  C  CZ  . ARG A 1 90  ? -3.431  10.709  -8.170  1.00 54.01 ? 90  ARG A CZ  1 
ATOM   601  N  NH1 . ARG A 1 90  ? -2.290  11.384  -8.229  1.00 55.86 ? 90  ARG A NH1 1 
ATOM   602  N  NH2 . ARG A 1 90  ? -4.237  10.876  -7.120  1.00 53.00 ? 90  ARG A NH2 1 
ATOM   603  N  N   . CYS A 1 91  ? -1.698  4.468   -9.344  1.00 41.99 ? 91  CYS A N   1 
ATOM   604  C  CA  . CYS A 1 91  ? -0.609  3.645   -9.845  1.00 41.85 ? 91  CYS A CA  1 
ATOM   605  C  C   . CYS A 1 91  ? -1.182  2.368   -10.444 1.00 41.53 ? 91  CYS A C   1 
ATOM   606  O  O   . CYS A 1 91  ? -0.848  1.991   -11.555 1.00 41.72 ? 91  CYS A O   1 
ATOM   607  C  CB  . CYS A 1 91  ? 0.339   3.286   -8.699  1.00 41.92 ? 91  CYS A CB  1 
ATOM   608  S  SG  . CYS A 1 91  ? 1.531   2.000   -9.074  1.00 42.20 ? 91  CYS A SG  1 
ATOM   609  N  N   . ILE A 1 92  ? -2.044  1.728   -9.683  1.00 40.84 ? 92  ILE A N   1 
ATOM   610  C  CA  . ILE A 1 92  ? -2.601  0.436   -10.056 1.00 40.99 ? 92  ILE A CA  1 
ATOM   611  C  C   . ILE A 1 92  ? -3.459  0.583   -11.280 1.00 41.28 ? 92  ILE A C   1 
ATOM   612  O  O   . ILE A 1 92  ? -3.410  -0.275  -12.152 1.00 41.21 ? 92  ILE A O   1 
ATOM   613  C  CB  . ILE A 1 92  ? -3.340  -0.197  -8.888  1.00 41.04 ? 92  ILE A CB  1 
ATOM   614  C  CG1 . ILE A 1 92  ? -2.386  -0.400  -7.711  1.00 41.31 ? 92  ILE A CG1 1 
ATOM   615  C  CG2 . ILE A 1 92  ? -3.901  -1.602  -9.243  1.00 39.43 ? 92  ILE A CG2 1 
ATOM   616  C  CD1 . ILE A 1 92  ? -1.032  -0.937  -8.088  1.00 39.86 ? 92  ILE A CD1 1 
ATOM   617  N  N   . ASN A 1 93  ? -4.239  1.661   -11.354 1.00 41.05 ? 93  ASN A N   1 
ATOM   618  C  CA  . ASN A 1 93  ? -5.095  1.902   -12.504 1.00 42.85 ? 93  ASN A CA  1 
ATOM   619  C  C   . ASN A 1 93  ? -4.314  2.247   -13.773 1.00 43.24 ? 93  ASN A C   1 
ATOM   620  O  O   . ASN A 1 93  ? -4.538  1.634   -14.815 1.00 42.41 ? 93  ASN A O   1 
ATOM   621  C  CB  . ASN A 1 93  ? -6.067  3.052   -12.248 1.00 42.91 ? 93  ASN A CB  1 
ATOM   622  C  CG  . ASN A 1 93  ? -7.252  2.637   -11.388 1.00 42.78 ? 93  ASN A CG  1 
ATOM   623  O  OD1 . ASN A 1 93  ? -7.652  1.468   -11.390 1.00 42.81 ? 93  ASN A OD1 1 
ATOM   624  N  ND2 . ASN A 1 93  ? -7.843  3.614   -10.672 1.00 41.72 ? 93  ASN A ND2 1 
ATOM   625  N  N   . GLN A 1 94  ? -3.368  3.193   -13.666 1.00 44.33 ? 94  GLN A N   1 
ATOM   626  C  CA  . GLN A 1 94  ? -2.572  3.588   -14.817 1.00 44.32 ? 94  GLN A CA  1 
ATOM   627  C  C   . GLN A 1 94  ? -1.626  2.488   -15.287 1.00 44.22 ? 94  GLN A C   1 
ATOM   628  O  O   . GLN A 1 94  ? -1.416  2.355   -16.485 1.00 44.61 ? 94  GLN A O   1 
ATOM   629  C  CB  . GLN A 1 94  ? -1.789  4.891   -14.547 1.00 45.20 ? 94  GLN A CB  1 
ATOM   630  C  CG  . GLN A 1 94  ? -2.650  6.071   -14.109 1.00 47.11 ? 94  GLN A CG  1 
ATOM   631  C  CD  . GLN A 1 94  ? -1.836  7.368   -13.903 1.00 48.44 ? 94  GLN A CD  1 
ATOM   632  O  OE1 . GLN A 1 94  ? -0.613  7.325   -13.721 1.00 52.58 ? 94  GLN A OE1 1 
ATOM   633  N  NE2 . GLN A 1 94  ? -2.521  8.511   -13.918 1.00 53.89 ? 94  GLN A NE2 1 
ATOM   634  N  N   . HIS A 1 95  ? -1.074  1.656   -14.387 1.00 42.90 ? 95  HIS A N   1 
ATOM   635  C  CA  . HIS A 1 95  ? 0.030   0.800   -14.789 1.00 42.22 ? 95  HIS A CA  1 
ATOM   636  C  C   . HIS A 1 95  ? -0.173  -0.706  -14.644 1.00 42.05 ? 95  HIS A C   1 
ATOM   637  O  O   . HIS A 1 95  ? 0.662   -1.499  -15.103 1.00 43.00 ? 95  HIS A O   1 
ATOM   638  C  CB  . HIS A 1 95  ? 1.318   1.285   -14.083 1.00 42.28 ? 95  HIS A CB  1 
ATOM   639  C  CG  . HIS A 1 95  ? 1.736   2.667   -14.489 1.00 41.13 ? 95  HIS A CG  1 
ATOM   640  N  ND1 . HIS A 1 95  ? 2.114   2.979   -15.777 1.00 42.25 ? 95  HIS A ND1 1 
ATOM   641  C  CD2 . HIS A 1 95  ? 1.790   3.838   -13.794 1.00 39.36 ? 95  HIS A CD2 1 
ATOM   642  C  CE1 . HIS A 1 95  ? 2.392   4.268   -15.859 1.00 40.08 ? 95  HIS A CE1 1 
ATOM   643  N  NE2 . HIS A 1 95  ? 2.191   4.818   -14.675 1.00 40.75 ? 95  HIS A NE2 1 
ATOM   644  N  N   . PHE A 1 96  ? -1.269  -1.107  -13.992 1.00 41.36 ? 96  PHE A N   1 
ATOM   645  C  CA  . PHE A 1 96  ? -1.507  -2.532  -13.699 1.00 41.84 ? 96  PHE A CA  1 
ATOM   646  C  C   . PHE A 1 96  ? -2.902  -2.999  -14.056 1.00 41.20 ? 96  PHE A C   1 
ATOM   647  O  O   . PHE A 1 96  ? -3.365  -4.014  -13.556 1.00 41.35 ? 96  PHE A O   1 
ATOM   648  C  CB  . PHE A 1 96  ? -1.179  -2.797  -12.227 1.00 42.21 ? 96  PHE A CB  1 
ATOM   649  C  CG  . PHE A 1 96  ? 0.277   -2.561  -11.913 1.00 40.72 ? 96  PHE A CG  1 
ATOM   650  C  CD1 . PHE A 1 96  ? 0.720   -1.302  -11.532 1.00 41.41 ? 96  PHE A CD1 1 
ATOM   651  C  CD2 . PHE A 1 96  ? 1.198   -3.570  -12.069 1.00 43.08 ? 96  PHE A CD2 1 
ATOM   652  C  CE1 . PHE A 1 96  ? 2.028   -1.099  -11.290 1.00 40.56 ? 96  PHE A CE1 1 
ATOM   653  C  CE2 . PHE A 1 96  ? 2.559   -3.333  -11.816 1.00 41.02 ? 96  PHE A CE2 1 
ATOM   654  C  CZ  . PHE A 1 96  ? 2.939   -2.074  -11.454 1.00 39.80 ? 96  PHE A CZ  1 
ATOM   655  N  N   . ARG A 1 97  ? -3.566  -2.259  -14.944 1.00 42.13 ? 97  ARG A N   1 
ATOM   656  C  CA  . ARG A 1 97  ? -4.944  -2.565  -15.325 1.00 41.87 ? 97  ARG A CA  1 
ATOM   657  C  C   . ARG A 1 97  ? -5.909  -2.644  -14.136 1.00 41.60 ? 97  ARG A C   1 
ATOM   658  O  O   . ARG A 1 97  ? -6.785  -3.519  -14.080 1.00 41.37 ? 97  ARG A O   1 
ATOM   659  C  CB  . ARG A 1 97  ? -4.994  -3.863  -16.143 1.00 41.95 ? 97  ARG A CB  1 
ATOM   660  C  CG  . ARG A 1 97  ? -4.375  -3.724  -17.523 1.00 43.46 ? 97  ARG A CG  1 
ATOM   661  C  CD  . ARG A 1 97  ? -4.512  -4.950  -18.390 1.00 42.29 ? 97  ARG A CD  1 
ATOM   662  N  NE  . ARG A 1 97  ? -5.910  -5.285  -18.638 1.00 45.07 ? 97  ARG A NE  1 
ATOM   663  C  CZ  . ARG A 1 97  ? -6.301  -6.403  -19.240 1.00 43.94 ? 97  ARG A CZ  1 
ATOM   664  N  NH1 . ARG A 1 97  ? -5.397  -7.290  -19.631 1.00 44.93 ? 97  ARG A NH1 1 
ATOM   665  N  NH2 . ARG A 1 97  ? -7.588  -6.664  -19.423 1.00 45.56 ? 97  ARG A NH2 1 
ATOM   666  N  N   . GLY A 1 98  ? -5.794  -1.711  -13.196 1.00 40.43 ? 98  GLY A N   1 
ATOM   667  C  CA  . GLY A 1 98  ? -6.606  -1.801  -11.961 1.00 40.86 ? 98  GLY A CA  1 
ATOM   668  C  C   . GLY A 1 98  ? -8.100  -1.883  -12.251 1.00 41.08 ? 98  GLY A C   1 
ATOM   669  O  O   . GLY A 1 98  ? -8.878  -2.601  -11.559 1.00 39.84 ? 98  GLY A O   1 
ATOM   670  N  N   . LYS A 1 99  ? -8.502  -1.198  -13.307 1.00 40.72 ? 99  LYS A N   1 
ATOM   671  C  CA  . LYS A 1 99  ? -9.932  -1.082  -13.638 1.00 42.05 ? 99  LYS A CA  1 
ATOM   672  C  C   . LYS A 1 99  ? -10.505 -2.421  -14.030 1.00 41.36 ? 99  LYS A C   1 
ATOM   673  O  O   . LYS A 1 99  ? -11.693 -2.631  -13.928 1.00 41.19 ? 99  LYS A O   1 
ATOM   674  C  CB  . LYS A 1 99  ? -10.177 -0.113  -14.783 1.00 43.46 ? 99  LYS A CB  1 
ATOM   675  C  CG  . LYS A 1 99  ? -9.795  1.336   -14.467 1.00 49.74 ? 99  LYS A CG  1 
ATOM   676  C  CD  . LYS A 1 99  ? -10.817 2.357   -14.886 1.00 54.57 ? 99  LYS A CD  1 
ATOM   677  C  CE  . LYS A 1 99  ? -11.618 1.955   -16.130 1.00 57.62 ? 99  LYS A CE  1 
ATOM   678  N  NZ  . LYS A 1 99  ? -13.082 2.285   -15.966 1.00 59.84 ? 99  LYS A NZ  1 
ATOM   679  N  N   . ASP A 1 100 ? -9.658  -3.331  -14.476 1.00 41.85 ? 100 ASP A N   1 
ATOM   680  C  CA  . ASP A 1 100 ? -10.126 -4.640  -14.921 1.00 42.10 ? 100 ASP A CA  1 
ATOM   681  C  C   . ASP A 1 100 ? -10.093 -5.761  -13.861 1.00 42.64 ? 100 ASP A C   1 
ATOM   682  O  O   . ASP A 1 100 ? -10.650 -6.833  -14.094 1.00 41.55 ? 100 ASP A O   1 
ATOM   683  C  CB  . ASP A 1 100 ? -9.316  -5.108  -16.138 1.00 42.76 ? 100 ASP A CB  1 
ATOM   684  C  CG  . ASP A 1 100 ? -9.475  -4.215  -17.339 1.00 43.16 ? 100 ASP A CG  1 
ATOM   685  O  OD1 . ASP A 1 100 ? -10.568 -3.698  -17.594 1.00 44.37 ? 100 ASP A OD1 1 
ATOM   686  O  OD2 . ASP A 1 100 ? -8.533  -3.984  -18.105 1.00 47.17 ? 100 ASP A OD2 1 
HETATM 687  N  N   . MSE A 1 101 ? -9.401  -5.554  -12.748 1.00 42.66 ? 101 MSE A N   1 
HETATM 688  C  CA  . MSE A 1 101 ? -9.232  -6.600  -11.756 1.00 42.05 ? 101 MSE A CA  1 
HETATM 689  C  C   . MSE A 1 101 ? -10.290 -6.473  -10.689 1.00 41.05 ? 101 MSE A C   1 
HETATM 690  O  O   . MSE A 1 101 ? -10.952 -5.437  -10.595 1.00 41.19 ? 101 MSE A O   1 
HETATM 691  C  CB  . MSE A 1 101 ? -7.846  -6.570  -11.131 1.00 41.80 ? 101 MSE A CB  1 
HETATM 692  C  CG  . MSE A 1 101 ? -7.604  -5.448  -10.176 1.00 41.18 ? 101 MSE A CG  1 
HETATM 693  SE SE  . MSE A 1 101 ? -5.749  -5.398  -9.536  1.00 44.05 ? 101 MSE A SE  1 
HETATM 694  C  CE  . MSE A 1 101 ? -4.827  -5.014  -11.275 1.00 42.35 ? 101 MSE A CE  1 
ATOM   695  N  N   . PRO A 1 102 ? -10.555 -7.538  -9.956  1.00 40.91 ? 102 PRO A N   1 
ATOM   696  C  CA  . PRO A 1 102 ? -11.538 -7.420  -8.883  1.00 41.13 ? 102 PRO A CA  1 
ATOM   697  C  C   . PRO A 1 102 ? -11.058 -6.586  -7.689  1.00 41.69 ? 102 PRO A C   1 
ATOM   698  O  O   . PRO A 1 102 ? -9.851  -6.286  -7.554  1.00 41.75 ? 102 PRO A O   1 
ATOM   699  C  CB  . PRO A 1 102 ? -11.803 -8.877  -8.470  1.00 41.68 ? 102 PRO A CB  1 
ATOM   700  C  CG  . PRO A 1 102 ? -11.197 -9.652  -9.516  1.00 41.55 ? 102 PRO A CG  1 
ATOM   701  C  CD  . PRO A 1 102 ? -10.059 -8.913  -10.103 1.00 40.94 ? 102 PRO A CD  1 
ATOM   702  N  N   . ASP A 1 103 ? -11.987 -6.300  -6.787  1.00 41.27 ? 103 ASP A N   1 
ATOM   703  C  CA  . ASP A 1 103 ? -11.710 -5.417  -5.670  1.00 40.96 ? 103 ASP A CA  1 
ATOM   704  C  C   . ASP A 1 103 ? -10.610 -5.910  -4.747  1.00 41.15 ? 103 ASP A C   1 
ATOM   705  O  O   . ASP A 1 103 ? -9.822  -5.096  -4.279  1.00 41.81 ? 103 ASP A O   1 
ATOM   706  C  CB  . ASP A 1 103 ? -12.984 -5.223  -4.837  1.00 41.80 ? 103 ASP A CB  1 
ATOM   707  C  CG  . ASP A 1 103 ? -13.921 -4.152  -5.392  1.00 43.55 ? 103 ASP A CG  1 
ATOM   708  O  OD1 . ASP A 1 103 ? -13.658 -3.533  -6.435  1.00 45.64 ? 103 ASP A OD1 1 
ATOM   709  O  OD2 . ASP A 1 103 ? -14.978 -3.857  -4.801  1.00 46.02 ? 103 ASP A OD2 1 
ATOM   710  N  N   . ASN A 1 104 ? -10.599 -7.202  -4.418  1.00 39.59 ? 104 ASN A N   1 
ATOM   711  C  CA  . ASN A 1 104 ? -9.607  -7.760  -3.471  1.00 40.32 ? 104 ASN A CA  1 
ATOM   712  C  C   . ASN A 1 104 ? -8.182  -7.673  -4.026  1.00 40.67 ? 104 ASN A C   1 
ATOM   713  O  O   . ASN A 1 104 ? -7.296  -7.158  -3.352  1.00 40.48 ? 104 ASN A O   1 
ATOM   714  C  CB  . ASN A 1 104 ? -9.921  -9.189  -3.075  1.00 40.14 ? 104 ASN A CB  1 
ATOM   715  C  CG  . ASN A 1 104 ? -11.019 -9.304  -2.035  1.00 40.32 ? 104 ASN A CG  1 
ATOM   716  O  OD1 . ASN A 1 104 ? -11.198 -8.437  -1.176  1.00 40.93 ? 104 ASN A OD1 1 
ATOM   717  N  ND2 . ASN A 1 104 ? -11.719 -10.428 -2.063  1.00 38.57 ? 104 ASN A ND2 1 
ATOM   718  N  N   . ALA A 1 105 ? -8.007  -8.070  -5.278  1.00 40.78 ? 105 ALA A N   1 
ATOM   719  C  CA  . ALA A 1 105 ? -6.717  -7.874  -5.961  1.00 40.74 ? 105 ALA A CA  1 
ATOM   720  C  C   . ALA A 1 105 ? -6.366  -6.375  -6.040  1.00 40.31 ? 105 ALA A C   1 
ATOM   721  O  O   . ALA A 1 105 ? -5.239  -5.980  -5.724  1.00 39.42 ? 105 ALA A O   1 
ATOM   722  C  CB  . ALA A 1 105 ? -6.714  -8.548  -7.369  1.00 40.69 ? 105 ALA A CB  1 
ATOM   723  N  N   . PHE A 1 106 ? -7.325  -5.532  -6.428  1.00 41.63 ? 106 PHE A N   1 
ATOM   724  C  CA  . PHE A 1 106 ? -7.042  -4.121  -6.532  1.00 41.58 ? 106 PHE A CA  1 
ATOM   725  C  C   . PHE A 1 106 ? -6.593  -3.536  -5.191  1.00 41.32 ? 106 PHE A C   1 
ATOM   726  O  O   . PHE A 1 106 ? -5.695  -2.710  -5.118  1.00 39.77 ? 106 PHE A O   1 
ATOM   727  C  CB  . PHE A 1 106 ? -8.277  -3.355  -7.055  1.00 41.43 ? 106 PHE A CB  1 
ATOM   728  C  CG  . PHE A 1 106 ? -8.081  -1.885  -7.131  1.00 40.97 ? 106 PHE A CG  1 
ATOM   729  C  CD1 . PHE A 1 106 ? -7.513  -1.293  -8.267  1.00 38.21 ? 106 PHE A CD1 1 
ATOM   730  C  CD2 . PHE A 1 106 ? -8.428  -1.066  -6.061  1.00 39.90 ? 106 PHE A CD2 1 
ATOM   731  C  CE1 . PHE A 1 106 ? -7.333  0.102   -8.332  1.00 38.09 ? 106 PHE A CE1 1 
ATOM   732  C  CE2 . PHE A 1 106 ? -8.234  0.299   -6.130  1.00 40.33 ? 106 PHE A CE2 1 
ATOM   733  C  CZ  . PHE A 1 106 ? -7.674  0.877   -7.261  1.00 39.29 ? 106 PHE A CZ  1 
ATOM   734  N  N   . SER A 1 107 ? -7.276  -3.934  -4.124  1.00 40.28 ? 107 SER A N   1 
ATOM   735  C  CA  . SER A 1 107 ? -6.971  -3.414  -2.802  1.00 40.46 ? 107 SER A CA  1 
ATOM   736  C  C   . SER A 1 107 ? -5.596  -3.862  -2.311  1.00 40.40 ? 107 SER A C   1 
ATOM   737  O  O   . SER A 1 107 ? -4.891  -3.094  -1.659  1.00 40.34 ? 107 SER A O   1 
ATOM   738  C  CB  . SER A 1 107 ? -8.061  -3.853  -1.822  1.00 41.04 ? 107 SER A CB  1 
ATOM   739  O  OG  . SER A 1 107 ? -9.330  -3.425  -2.234  1.00 39.24 ? 107 SER A OG  1 
ATOM   740  N  N   . ALA A 1 108 ? -5.228  -5.094  -2.626  1.00 40.10 ? 108 ALA A N   1 
ATOM   741  C  CA  . ALA A 1 108 ? -3.906  -5.639  -2.238  1.00 40.93 ? 108 ALA A CA  1 
ATOM   742  C  C   . ALA A 1 108 ? -2.793  -4.960  -2.991  1.00 40.62 ? 108 ALA A C   1 
ATOM   743  O  O   . ALA A 1 108 ? -1.808  -4.558  -2.424  1.00 40.80 ? 108 ALA A O   1 
ATOM   744  C  CB  . ALA A 1 108 ? -3.868  -7.126  -2.499  1.00 40.32 ? 108 ALA A CB  1 
HETATM 745  N  N   . MSE A 1 109 ? -2.984  -4.829  -4.287  1.00 40.88 ? 109 MSE A N   1 
HETATM 746  C  CA  . MSE A 1 109 ? -2.061  -4.031  -5.127  1.00 41.65 ? 109 MSE A CA  1 
HETATM 747  C  C   . MSE A 1 109 ? -1.884  -2.605  -4.675  1.00 40.95 ? 109 MSE A C   1 
HETATM 748  O  O   . MSE A 1 109 ? -0.753  -2.077  -4.668  1.00 40.32 ? 109 MSE A O   1 
HETATM 749  C  CB  . MSE A 1 109 ? -2.514  -4.084  -6.583  1.00 42.43 ? 109 MSE A CB  1 
HETATM 750  C  CG  . MSE A 1 109 ? -2.387  -5.438  -7.200  1.00 41.01 ? 109 MSE A CG  1 
HETATM 751  SE SE  . MSE A 1 109 ? -0.547  -6.249  -7.261  1.00 44.48 ? 109 MSE A SE  1 
HETATM 752  C  CE  . MSE A 1 109 ? 0.227   -5.087  -8.647  1.00 43.99 ? 109 MSE A CE  1 
ATOM   753  N  N   . THR A 1 110 ? -3.001  -1.920  -4.368  1.00 40.78 ? 110 THR A N   1 
ATOM   754  C  CA  . THR A 1 110 ? -2.972  -0.574  -3.814  1.00 40.82 ? 110 THR A CA  1 
ATOM   755  C  C   . THR A 1 110 ? -2.130  -0.548  -2.537  1.00 40.90 ? 110 THR A C   1 
ATOM   756  O  O   . THR A 1 110 ? -1.312  0.334   -2.342  1.00 39.84 ? 110 THR A O   1 
ATOM   757  C  CB  . THR A 1 110 ? -4.415  -0.050  -3.554  1.00 40.43 ? 110 THR A CB  1 
ATOM   758  O  OG1 . THR A 1 110 ? -5.077  0.138   -4.807  1.00 40.46 ? 110 THR A OG1 1 
ATOM   759  C  CG2 . THR A 1 110 ? -4.406  1.348   -2.941  1.00 39.97 ? 110 THR A CG2 1 
ATOM   760  N  N   . SER A 1 111 ? -2.280  -1.560  -1.697  1.00 41.25 ? 111 SER A N   1 
ATOM   761  C  CA  . SER A 1 111 ? -1.503  -1.589  -0.462  1.00 40.69 ? 111 SER A CA  1 
ATOM   762  C  C   . SER A 1 111 ? -0.011  -1.674  -0.803  1.00 40.12 ? 111 SER A C   1 
ATOM   763  O  O   . SER A 1 111 ? 0.810   -0.990  -0.197  1.00 39.83 ? 111 SER A O   1 
ATOM   764  C  CB  . SER A 1 111 ? -1.921  -2.779  0.383   1.00 40.60 ? 111 SER A CB  1 
ATOM   765  O  OG  . SER A 1 111 ? -1.104  -2.882  1.516   1.00 42.03 ? 111 SER A OG  1 
ATOM   766  N  N   . ALA A 1 112 ? 0.326   -2.508  -1.775  1.00 40.23 ? 112 ALA A N   1 
ATOM   767  C  CA  . ALA A 1 112 ? 1.719   -2.654  -2.191  1.00 39.78 ? 112 ALA A CA  1 
ATOM   768  C  C   . ALA A 1 112 ? 2.291   -1.342  -2.728  1.00 40.24 ? 112 ALA A C   1 
ATOM   769  O  O   . ALA A 1 112 ? 3.418   -0.956  -2.392  1.00 38.28 ? 112 ALA A O   1 
ATOM   770  C  CB  . ALA A 1 112 ? 1.839   -3.749  -3.263  1.00 40.91 ? 112 ALA A CB  1 
ATOM   771  N  N   . ALA A 1 113 ? 1.516   -0.657  -3.572  1.00 39.85 ? 113 ALA A N   1 
ATOM   772  C  CA  . ALA A 1 113 ? 1.969   0.593   -4.134  1.00 40.66 ? 113 ALA A CA  1 
ATOM   773  C  C   . ALA A 1 113 ? 2.064   1.683   -3.064  1.00 40.99 ? 113 ALA A C   1 
ATOM   774  O  O   . ALA A 1 113 ? 2.932   2.572   -3.153  1.00 41.94 ? 113 ALA A O   1 
ATOM   775  C  CB  . ALA A 1 113 ? 1.066   1.018   -5.275  1.00 40.19 ? 113 ALA A CB  1 
ATOM   776  N  N   . PHE A 1 114 ? 1.169   1.656   -2.072  1.00 40.79 ? 114 PHE A N   1 
ATOM   777  C  CA  . PHE A 1 114 ? 1.188   2.630   -0.985  1.00 41.13 ? 114 PHE A CA  1 
ATOM   778  C  C   . PHE A 1 114 ? 2.491   2.530   -0.221  1.00 40.87 ? 114 PHE A C   1 
ATOM   779  O  O   . PHE A 1 114 ? 3.085   3.556   0.188   1.00 40.43 ? 114 PHE A O   1 
ATOM   780  C  CB  . PHE A 1 114 ? -0.012  2.337   -0.051  1.00 41.74 ? 114 PHE A CB  1 
ATOM   781  C  CG  . PHE A 1 114 ? -0.197  3.309   1.079   1.00 40.80 ? 114 PHE A CG  1 
ATOM   782  C  CD1 . PHE A 1 114 ? 0.550   3.203   2.237   1.00 41.14 ? 114 PHE A CD1 1 
ATOM   783  C  CD2 . PHE A 1 114 ? -1.188  4.277   1.024   1.00 41.69 ? 114 PHE A CD2 1 
ATOM   784  C  CE1 . PHE A 1 114 ? 0.345   4.067   3.291   1.00 41.14 ? 114 PHE A CE1 1 
ATOM   785  C  CE2 . PHE A 1 114 ? -1.397  5.136   2.083   1.00 42.61 ? 114 PHE A CE2 1 
ATOM   786  C  CZ  . PHE A 1 114 ? -0.610  5.042   3.207   1.00 42.04 ? 114 PHE A CZ  1 
ATOM   787  N  N   . ASN A 1 115 ? 2.923   1.288   -0.036  1.00 40.64 ? 115 ASN A N   1 
ATOM   788  C  CA  . ASN A 1 115 ? 4.119   0.959   0.754   1.00 41.01 ? 115 ASN A CA  1 
ATOM   789  C  C   . ASN A 1 115 ? 5.419   1.103   -0.011  1.00 41.30 ? 115 ASN A C   1 
ATOM   790  O  O   . ASN A 1 115 ? 6.367   1.701   0.499   1.00 40.32 ? 115 ASN A O   1 
ATOM   791  C  CB  . ASN A 1 115 ? 3.960   -0.457  1.286   1.00 41.24 ? 115 ASN A CB  1 
ATOM   792  C  CG  . ASN A 1 115 ? 5.123   -0.916  2.150   1.00 41.52 ? 115 ASN A CG  1 
ATOM   793  O  OD1 . ASN A 1 115 ? 5.525   -2.075  2.043   1.00 42.30 ? 115 ASN A OD1 1 
ATOM   794  N  ND2 . ASN A 1 115 ? 5.644   -0.050  3.003   1.00 41.00 ? 115 ASN A ND2 1 
HETATM 795  N  N   . MSE A 1 116 ? 5.460   0.588   -1.235  1.00 41.55 ? 116 MSE A N   1 
HETATM 796  C  CA  . MSE A 1 116 ? 6.718   0.502   -1.997  1.00 42.34 ? 116 MSE A CA  1 
HETATM 797  C  C   . MSE A 1 116 ? 6.890   1.611   -3.038  1.00 42.33 ? 116 MSE A C   1 
HETATM 798  O  O   . MSE A 1 116 ? 8.009   1.872   -3.530  1.00 41.57 ? 116 MSE A O   1 
HETATM 799  C  CB  . MSE A 1 116 ? 6.768   -0.836  -2.692  1.00 43.19 ? 116 MSE A CB  1 
HETATM 800  C  CG  . MSE A 1 116 ? 6.635   -2.014  -1.727  1.00 45.89 ? 116 MSE A CG  1 
HETATM 801  SE SE  . MSE A 1 116 ? 8.091   -2.020  -0.383  1.00 53.05 ? 116 MSE A SE  1 
HETATM 802  C  CE  . MSE A 1 116 ? 9.415   -2.778  -1.540  1.00 51.47 ? 116 MSE A CE  1 
ATOM   803  N  N   . GLY A 1 117 ? 5.783   2.271   -3.372  1.00 41.13 ? 117 GLY A N   1 
ATOM   804  C  CA  . GLY A 1 117 ? 5.775   3.253   -4.423  1.00 41.08 ? 117 GLY A CA  1 
ATOM   805  C  C   . GLY A 1 117 ? 5.598   2.562   -5.765  1.00 40.57 ? 117 GLY A C   1 
ATOM   806  O  O   . GLY A 1 117 ? 5.955   1.426   -5.936  1.00 41.22 ? 117 GLY A O   1 
ATOM   807  N  N   . CYS A 1 118 ? 5.067   3.291   -6.729  1.00 41.04 ? 118 CYS A N   1 
ATOM   808  C  CA  . CYS A 1 118 ? 4.754   2.748   -8.029  1.00 41.06 ? 118 CYS A CA  1 
ATOM   809  C  C   . CYS A 1 118 ? 5.975   2.296   -8.812  1.00 41.36 ? 118 CYS A C   1 
ATOM   810  O  O   . CYS A 1 118 ? 5.944   1.265   -9.438  1.00 40.41 ? 118 CYS A O   1 
ATOM   811  C  CB  . CYS A 1 118 ? 3.969   3.771   -8.848  1.00 40.90 ? 118 CYS A CB  1 
ATOM   812  S  SG  . CYS A 1 118 ? 2.954   3.016   -10.110 1.00 43.63 ? 118 CYS A SG  1 
ATOM   813  N  N   . ASN A 1 119 ? 7.042   3.079   -8.764  1.00 42.30 ? 119 ASN A N   1 
ATOM   814  C  CA  . ASN A 1 119 ? 8.200   2.817   -9.591  1.00 43.36 ? 119 ASN A CA  1 
ATOM   815  C  C   . ASN A 1 119 ? 8.752   1.412   -9.283  1.00 43.01 ? 119 ASN A C   1 
ATOM   816  O  O   . ASN A 1 119 ? 9.137   0.680   -10.194 1.00 42.73 ? 119 ASN A O   1 
ATOM   817  C  CB  . ASN A 1 119 ? 9.294   3.871   -9.370  1.00 43.64 ? 119 ASN A CB  1 
ATOM   818  C  CG  . ASN A 1 119 ? 9.015   5.210   -10.082 1.00 46.19 ? 119 ASN A CG  1 
ATOM   819  O  OD1 . ASN A 1 119 ? 8.086   5.345   -10.872 1.00 50.12 ? 119 ASN A OD1 1 
ATOM   820  N  ND2 . ASN A 1 119 ? 9.836   6.191   -9.804  1.00 48.87 ? 119 ASN A ND2 1 
ATOM   821  N  N   . SER A 1 120 ? 8.765   1.027   -8.010  1.00 43.29 ? 120 SER A N   1 
ATOM   822  C  CA  . SER A 1 120 ? 9.347   -0.262  -7.594  1.00 43.84 ? 120 SER A CA  1 
ATOM   823  C  C   . SER A 1 120 ? 8.499   -1.463  -7.970  1.00 43.69 ? 120 SER A C   1 
ATOM   824  O  O   . SER A 1 120 ? 8.974   -2.593  -7.937  1.00 44.65 ? 120 SER A O   1 
ATOM   825  C  CB  . SER A 1 120 ? 9.561   -0.294  -6.078  1.00 44.37 ? 120 SER A CB  1 
ATOM   826  O  OG  . SER A 1 120 ? 10.651  0.562   -5.721  1.00 49.39 ? 120 SER A OG  1 
ATOM   827  N  N   . LEU A 1 121 ? 7.226   -1.222  -8.274  1.00 43.64 ? 121 LEU A N   1 
ATOM   828  C  CA  . LEU A 1 121 ? 6.348   -2.299  -8.801  1.00 43.26 ? 121 LEU A CA  1 
ATOM   829  C  C   . LEU A 1 121 ? 6.405   -2.454  -10.309 1.00 42.78 ? 121 LEU A C   1 
ATOM   830  O  O   . LEU A 1 121 ? 6.034   -3.499  -10.834 1.00 44.75 ? 121 LEU A O   1 
ATOM   831  C  CB  . LEU A 1 121 ? 4.888   -2.057  -8.421  1.00 43.85 ? 121 LEU A CB  1 
ATOM   832  C  CG  . LEU A 1 121 ? 4.546   -2.247  -6.945  1.00 46.61 ? 121 LEU A CG  1 
ATOM   833  C  CD1 . LEU A 1 121 ? 3.099   -1.849  -6.710  1.00 47.20 ? 121 LEU A CD1 1 
ATOM   834  C  CD2 . LEU A 1 121 ? 4.760   -3.708  -6.519  1.00 48.70 ? 121 LEU A CD2 1 
ATOM   835  N  N   . ARG A 1 122 ? 6.913   -1.455  -11.004 1.00 42.71 ? 122 ARG A N   1 
ATOM   836  C  CA  . ARG A 1 122 ? 6.859   -1.434  -12.466 1.00 42.89 ? 122 ARG A CA  1 
ATOM   837  C  C   . ARG A 1 122 ? 8.104   -2.031  -13.075 1.00 42.18 ? 122 ARG A C   1 
ATOM   838  O  O   . ARG A 1 122 ? 8.058   -2.724  -14.098 1.00 40.89 ? 122 ARG A O   1 
ATOM   839  C  CB  . ARG A 1 122 ? 6.701   0.020   -12.982 1.00 42.62 ? 122 ARG A CB  1 
ATOM   840  C  CG  . ARG A 1 122 ? 5.348   0.695   -12.729 1.00 43.68 ? 122 ARG A CG  1 
ATOM   841  C  CD  . ARG A 1 122 ? 5.397   2.131   -13.005 1.00 43.61 ? 122 ARG A CD  1 
ATOM   842  N  NE  . ARG A 1 122 ? 5.368   2.379   -14.437 1.00 46.12 ? 122 ARG A NE  1 
ATOM   843  C  CZ  . ARG A 1 122 ? 5.533   3.563   -14.977 1.00 44.91 ? 122 ARG A CZ  1 
ATOM   844  N  NH1 . ARG A 1 122 ? 5.736   4.616   -14.205 1.00 46.55 ? 122 ARG A NH1 1 
ATOM   845  N  NH2 . ARG A 1 122 ? 5.451   3.715   -16.295 1.00 46.56 ? 122 ARG A NH2 1 
ATOM   846  N  N   . THR A 1 123 ? 9.248   -1.700  -12.493 1.00 41.33 ? 123 THR A N   1 
ATOM   847  C  CA  . THR A 1 123 ? 10.521  -2.192  -12.975 1.00 40.67 ? 123 THR A CA  1 
ATOM   848  C  C   . THR A 1 123 ? 11.452  -2.498  -11.820 1.00 40.54 ? 123 THR A C   1 
ATOM   849  O  O   . THR A 1 123 ? 11.203  -2.106  -10.700 1.00 40.05 ? 123 THR A O   1 
ATOM   850  C  CB  . THR A 1 123 ? 11.236  -1.186  -13.926 1.00 41.44 ? 123 THR A CB  1 
ATOM   851  O  OG1 . THR A 1 123 ? 11.639  -0.021  -13.188 1.00 40.55 ? 123 THR A OG1 1 
ATOM   852  C  CG2 . THR A 1 123 ? 10.332  -0.689  -15.020 1.00 41.39 ? 123 THR A CG2 1 
ATOM   853  N  N   . TYR A 1 124 ? 12.532  -3.218  -12.107 1.00 40.12 ? 124 TYR A N   1 
ATOM   854  C  CA  . TYR A 1 124 ? 13.593  -3.461  -11.123 1.00 40.38 ? 124 TYR A CA  1 
ATOM   855  C  C   . TYR A 1 124 ? 14.892  -3.402  -11.876 1.00 39.07 ? 124 TYR A C   1 
ATOM   856  O  O   . TYR A 1 124 ? 14.931  -3.632  -13.088 1.00 38.27 ? 124 TYR A O   1 
ATOM   857  C  CB  . TYR A 1 124 ? 13.455  -4.837  -10.412 1.00 41.49 ? 124 TYR A CB  1 
ATOM   858  C  CG  . TYR A 1 124 ? 13.774  -6.035  -11.275 1.00 41.20 ? 124 TYR A CG  1 
ATOM   859  C  CD1 . TYR A 1 124 ? 15.036  -6.652  -11.221 1.00 42.05 ? 124 TYR A CD1 1 
ATOM   860  C  CD2 . TYR A 1 124 ? 12.844  -6.540  -12.162 1.00 40.65 ? 124 TYR A CD2 1 
ATOM   861  C  CE1 . TYR A 1 124 ? 15.342  -7.715  -12.017 1.00 43.11 ? 124 TYR A CE1 1 
ATOM   862  C  CE2 . TYR A 1 124 ? 13.161  -7.628  -12.977 1.00 44.10 ? 124 TYR A CE2 1 
ATOM   863  C  CZ  . TYR A 1 124 ? 14.398  -8.206  -12.885 1.00 43.10 ? 124 TYR A CZ  1 
ATOM   864  O  OH  . TYR A 1 124 ? 14.737  -9.258  -13.677 1.00 43.92 ? 124 TYR A OH  1 
ATOM   865  N  N   . TYR A 1 125 ? 15.969  -3.133  -11.155 1.00 39.08 ? 125 TYR A N   1 
ATOM   866  C  CA  . TYR A 1 125 ? 17.295  -3.117  -11.757 1.00 37.50 ? 125 TYR A CA  1 
ATOM   867  C  C   . TYR A 1 125 ? 17.870  -4.503  -11.889 1.00 38.22 ? 125 TYR A C   1 
ATOM   868  O  O   . TYR A 1 125 ? 18.129  -5.162  -10.888 1.00 38.34 ? 125 TYR A O   1 
ATOM   869  C  CB  . TYR A 1 125 ? 18.265  -2.225  -10.988 1.00 37.30 ? 125 TYR A CB  1 
ATOM   870  C  CG  . TYR A 1 125 ? 19.512  -2.019  -11.764 1.00 35.18 ? 125 TYR A CG  1 
ATOM   871  C  CD1 . TYR A 1 125 ? 19.583  -1.047  -12.738 1.00 36.66 ? 125 TYR A CD1 1 
ATOM   872  C  CD2 . TYR A 1 125 ? 20.642  -2.801  -11.532 1.00 35.17 ? 125 TYR A CD2 1 
ATOM   873  C  CE1 . TYR A 1 125 ? 20.732  -0.841  -13.441 1.00 35.74 ? 125 TYR A CE1 1 
ATOM   874  C  CE2 . TYR A 1 125 ? 21.780  -2.622  -12.250 1.00 35.55 ? 125 TYR A CE2 1 
ATOM   875  C  CZ  . TYR A 1 125 ? 21.826  -1.650  -13.208 1.00 36.12 ? 125 TYR A CZ  1 
ATOM   876  O  OH  . TYR A 1 125 ? 23.000  -1.471  -13.903 1.00 39.82 ? 125 TYR A OH  1 
ATOM   877  N  N   . SER A 1 126 ? 18.058  -4.943  -13.135 1.00 38.06 ? 126 SER A N   1 
ATOM   878  C  CA  . SER A 1 126 ? 18.702  -6.223  -13.429 1.00 38.19 ? 126 SER A CA  1 
ATOM   879  C  C   . SER A 1 126 ? 20.201  -6.067  -13.474 1.00 38.33 ? 126 SER A C   1 
ATOM   880  O  O   . SER A 1 126 ? 20.753  -5.432  -14.388 1.00 38.77 ? 126 SER A O   1 
ATOM   881  C  CB  . SER A 1 126 ? 18.215  -6.775  -14.785 1.00 38.42 ? 126 SER A CB  1 
ATOM   882  O  OG  . SER A 1 126 ? 18.902  -7.970  -15.124 1.00 35.96 ? 126 SER A OG  1 
ATOM   883  N  N   . LYS A 1 127 ? 20.906  -6.661  -12.511 1.00 39.16 ? 127 LYS A N   1 
ATOM   884  C  CA  . LYS A 1 127 ? 22.341  -6.537  -12.527 1.00 39.63 ? 127 LYS A CA  1 
ATOM   885  C  C   . LYS A 1 127 ? 22.869  -7.339  -13.703 1.00 39.82 ? 127 LYS A C   1 
ATOM   886  O  O   . LYS A 1 127 ? 23.865  -6.986  -14.292 1.00 39.33 ? 127 LYS A O   1 
ATOM   887  C  CB  . LYS A 1 127 ? 22.970  -6.994  -11.220 1.00 40.31 ? 127 LYS A CB  1 
ATOM   888  C  CG  . LYS A 1 127 ? 22.588  -6.176  -9.984  1.00 40.01 ? 127 LYS A CG  1 
ATOM   889  C  CD  . LYS A 1 127 ? 23.298  -6.792  -8.771  1.00 41.09 ? 127 LYS A CD  1 
ATOM   890  C  CE  . LYS A 1 127 ? 23.436  -5.807  -7.616  1.00 42.91 ? 127 LYS A CE  1 
ATOM   891  N  NZ  . LYS A 1 127 ? 22.144  -5.374  -7.064  1.00 44.11 ? 127 LYS A NZ  1 
ATOM   892  N  N   . ALA A 1 128 ? 22.169  -8.410  -14.061 1.00 40.60 ? 128 ALA A N   1 
ATOM   893  C  CA  . ALA A 1 128 ? 22.594  -9.242  -15.199 1.00 41.19 ? 128 ALA A CA  1 
ATOM   894  C  C   . ALA A 1 128 ? 22.553  -8.460  -16.506 1.00 41.40 ? 128 ALA A C   1 
ATOM   895  O  O   . ALA A 1 128 ? 23.486  -8.508  -17.300 1.00 40.69 ? 128 ALA A O   1 
ATOM   896  C  CB  . ALA A 1 128 ? 21.685  -10.450 -15.299 1.00 41.91 ? 128 ALA A CB  1 
ATOM   897  N  N   . ARG A 1 129 ? 21.458  -7.739  -16.716 1.00 41.77 ? 129 ARG A N   1 
ATOM   898  C  CA  . ARG A 1 129 ? 21.238  -6.978  -17.936 1.00 42.52 ? 129 ARG A CA  1 
ATOM   899  C  C   . ARG A 1 129 ? 21.790  -5.558  -17.869 1.00 41.84 ? 129 ARG A C   1 
ATOM   900  O  O   . ARG A 1 129 ? 21.953  -4.913  -18.896 1.00 41.52 ? 129 ARG A O   1 
ATOM   901  C  CB  . ARG A 1 129 ? 19.754  -6.960  -18.282 1.00 43.01 ? 129 ARG A CB  1 
ATOM   902  C  CG  . ARG A 1 129 ? 19.219  -8.366  -18.657 1.00 46.00 ? 129 ARG A CG  1 
ATOM   903  C  CD  . ARG A 1 129 ? 17.804  -8.386  -19.230 1.00 46.77 ? 129 ARG A CD  1 
ATOM   904  N  NE  . ARG A 1 129 ? 17.510  -7.168  -20.000 1.00 52.74 ? 129 ARG A NE  1 
ATOM   905  C  CZ  . ARG A 1 129 ? 18.144  -6.803  -21.126 1.00 52.84 ? 129 ARG A CZ  1 
ATOM   906  N  NH1 . ARG A 1 129 ? 17.810  -5.673  -21.739 1.00 53.29 ? 129 ARG A NH1 1 
ATOM   907  N  NH2 . ARG A 1 129 ? 19.112  -7.546  -21.634 1.00 55.15 ? 129 ARG A NH2 1 
ATOM   908  N  N   . GLY A 1 130 ? 22.119  -5.089  -16.667 1.00 41.41 ? 130 GLY A N   1 
ATOM   909  C  CA  . GLY A 1 130 ? 22.727  -3.766  -16.496 1.00 41.31 ? 130 GLY A CA  1 
ATOM   910  C  C   . GLY A 1 130 ? 21.764  -2.634  -16.807 1.00 40.63 ? 130 GLY A C   1 
ATOM   911  O  O   . GLY A 1 130 ? 22.165  -1.618  -17.350 1.00 40.05 ? 130 GLY A O   1 
HETATM 912  N  N   . MSE A 1 131 ? 20.499  -2.824  -16.461 1.00 40.18 ? 131 MSE A N   1 
HETATM 913  C  CA  . MSE A 1 131 ? 19.439  -1.843  -16.709 1.00 41.69 ? 131 MSE A CA  1 
HETATM 914  C  C   . MSE A 1 131 ? 18.155  -2.249  -15.990 1.00 39.42 ? 131 MSE A C   1 
HETATM 915  O  O   . MSE A 1 131 ? 18.030  -3.381  -15.521 1.00 38.00 ? 131 MSE A O   1 
HETATM 916  C  CB  . MSE A 1 131 ? 19.168  -1.683  -18.212 1.00 41.75 ? 131 MSE A CB  1 
HETATM 917  C  CG  . MSE A 1 131 ? 18.400  -2.835  -18.865 1.00 42.71 ? 131 MSE A CG  1 
HETATM 918  SE SE  . MSE A 1 131 ? 18.656  -2.717  -20.847 1.00 50.29 ? 131 MSE A SE  1 
HETATM 919  C  CE  . MSE A 1 131 ? 17.632  -1.034  -21.141 1.00 47.90 ? 131 MSE A CE  1 
ATOM   920  N  N   . ARG A 1 132 ? 17.201  -1.321  -15.917 1.00 38.00 ? 132 ARG A N   1 
ATOM   921  C  CA  . ARG A 1 132 ? 15.921  -1.596  -15.312 1.00 38.02 ? 132 ARG A CA  1 
ATOM   922  C  C   . ARG A 1 132 ? 15.075  -2.264  -16.364 1.00 38.22 ? 132 ARG A C   1 
ATOM   923  O  O   . ARG A 1 132 ? 15.192  -1.965  -17.551 1.00 38.10 ? 132 ARG A O   1 
ATOM   924  C  CB  . ARG A 1 132 ? 15.219  -0.346  -14.797 1.00 38.18 ? 132 ARG A CB  1 
ATOM   925  C  CG  . ARG A 1 132 ? 16.046  0.426   -13.785 1.00 38.60 ? 132 ARG A CG  1 
ATOM   926  C  CD  . ARG A 1 132 ? 15.256  1.531   -13.180 1.00 38.30 ? 132 ARG A CD  1 
ATOM   927  N  NE  . ARG A 1 132 ? 14.168  1.005   -12.381 1.00 40.54 ? 132 ARG A NE  1 
ATOM   928  C  CZ  . ARG A 1 132 ? 14.280  0.672   -11.101 1.00 42.08 ? 132 ARG A CZ  1 
ATOM   929  N  NH1 . ARG A 1 132 ? 15.451  0.818   -10.467 1.00 43.96 ? 132 ARG A NH1 1 
ATOM   930  N  NH2 . ARG A 1 132 ? 13.216  0.230   -10.457 1.00 43.53 ? 132 ARG A NH2 1 
ATOM   931  N  N   . VAL A 1 133 ? 14.314  -3.257  -15.923 1.00 38.59 ? 133 VAL A N   1 
ATOM   932  C  CA  . VAL A 1 133 ? 13.458  -4.052  -16.783 1.00 38.73 ? 133 VAL A CA  1 
ATOM   933  C  C   . VAL A 1 133 ? 12.107  -4.233  -16.102 1.00 39.32 ? 133 VAL A C   1 
ATOM   934  O  O   . VAL A 1 133 ? 11.970  -4.115  -14.890 1.00 38.73 ? 133 VAL A O   1 
ATOM   935  C  CB  . VAL A 1 133 ? 14.090  -5.412  -17.094 1.00 39.10 ? 133 VAL A CB  1 
ATOM   936  C  CG1 . VAL A 1 133 ? 15.424  -5.192  -17.791 1.00 38.46 ? 133 VAL A CG1 1 
ATOM   937  C  CG2 . VAL A 1 133 ? 14.271  -6.269  -15.828 1.00 40.75 ? 133 VAL A CG2 1 
ATOM   938  N  N   . GLU A 1 134 ? 11.096  -4.478  -16.914 1.00 40.52 ? 134 GLU A N   1 
ATOM   939  C  CA  . GLU A 1 134 ? 9.754   -4.755  -16.444 1.00 40.38 ? 134 GLU A CA  1 
ATOM   940  C  C   . GLU A 1 134 ? 9.727   -5.877  -15.418 1.00 40.69 ? 134 GLU A C   1 
ATOM   941  O  O   . GLU A 1 134 ? 10.364  -6.917  -15.587 1.00 39.91 ? 134 GLU A O   1 
ATOM   942  C  CB  . GLU A 1 134 ? 8.897   -5.172  -17.651 1.00 41.03 ? 134 GLU A CB  1 
ATOM   943  C  CG  . GLU A 1 134 ? 7.405   -5.205  -17.389 1.00 39.38 ? 134 GLU A CG  1 
ATOM   944  C  CD  . GLU A 1 134 ? 6.611   -5.713  -18.577 1.00 41.76 ? 134 GLU A CD  1 
ATOM   945  O  OE1 . GLU A 1 134 ? 5.356   -5.636  -18.510 1.00 40.87 ? 134 GLU A OE1 1 
ATOM   946  O  OE2 . GLU A 1 134 ? 7.235   -6.142  -19.576 1.00 43.49 ? 134 GLU A OE2 1 
ATOM   947  N  N   . THR A 1 135 ? 8.950   -5.682  -14.361 1.00 40.91 ? 135 THR A N   1 
ATOM   948  C  CA  . THR A 1 135 ? 8.730   -6.729  -13.380 1.00 41.13 ? 135 THR A CA  1 
ATOM   949  C  C   . THR A 1 135 ? 7.772   -7.799  -13.918 1.00 41.56 ? 135 THR A C   1 
ATOM   950  O  O   . THR A 1 135 ? 6.915   -7.512  -14.768 1.00 42.93 ? 135 THR A O   1 
ATOM   951  C  CB  . THR A 1 135 ? 8.101   -6.150  -12.122 1.00 40.06 ? 135 THR A CB  1 
ATOM   952  O  OG1 . THR A 1 135 ? 6.921   -5.382  -12.465 1.00 40.19 ? 135 THR A OG1 1 
ATOM   953  C  CG2 . THR A 1 135 ? 9.059   -5.190  -11.398 1.00 40.20 ? 135 THR A CG2 1 
ATOM   954  N  N   . SER A 1 136 ? 7.869   -8.993  -13.362 1.00 42.43 ? 136 SER A N   1 
ATOM   955  C  CA  . SER A 1 136 ? 6.886   -10.055 -13.629 1.00 42.04 ? 136 SER A CA  1 
ATOM   956  C  C   . SER A 1 136 ? 5.489   -9.676  -13.153 1.00 41.64 ? 136 SER A C   1 
ATOM   957  O  O   . SER A 1 136 ? 4.507   -9.965  -13.851 1.00 42.10 ? 136 SER A O   1 
ATOM   958  C  CB  . SER A 1 136 ? 7.304   -11.391 -13.013 1.00 42.97 ? 136 SER A CB  1 
ATOM   959  O  OG  . SER A 1 136 ? 8.533   -11.787 -13.578 1.00 48.18 ? 136 SER A OG  1 
ATOM   960  N  N   . ILE A 1 137 ? 5.396   -8.978  -12.020 1.00 40.41 ? 137 ILE A N   1 
ATOM   961  C  CA  . ILE A 1 137 ? 4.094   -8.616  -11.494 1.00 39.48 ? 137 ILE A CA  1 
ATOM   962  C  C   . ILE A 1 137 ? 3.404   -7.691  -12.481 1.00 40.18 ? 137 ILE A C   1 
ATOM   963  O  O   . ILE A 1 137 ? 2.195   -7.813  -12.737 1.00 40.36 ? 137 ILE A O   1 
ATOM   964  C  CB  . ILE A 1 137 ? 4.209   -8.032  -10.083 1.00 40.28 ? 137 ILE A CB  1 
ATOM   965  C  CG1 . ILE A 1 137 ? 2.831   -8.062  -9.396  1.00 40.23 ? 137 ILE A CG1 1 
ATOM   966  C  CG2 . ILE A 1 137 ? 4.820   -6.630  -10.124 1.00 40.92 ? 137 ILE A CG2 1 
ATOM   967  C  CD1 . ILE A 1 137 ? 2.877   -7.812  -7.913  1.00 38.38 ? 137 ILE A CD1 1 
ATOM   968  N  N   . HIS A 1 138 ? 4.161   -6.776  -13.116 1.00 40.22 ? 138 HIS A N   1 
ATOM   969  C  CA  . HIS A 1 138 ? 3.578   -5.930  -14.146 1.00 40.18 ? 138 HIS A CA  1 
ATOM   970  C  C   . HIS A 1 138 ? 3.178   -6.695  -15.401 1.00 41.27 ? 138 HIS A C   1 
ATOM   971  O  O   . HIS A 1 138 ? 2.130   -6.430  -16.017 1.00 41.35 ? 138 HIS A O   1 
ATOM   972  C  CB  . HIS A 1 138 ? 4.598   -4.835  -14.536 1.00 40.72 ? 138 HIS A CB  1 
ATOM   973  C  CG  . HIS A 1 138 ? 4.074   -3.828  -15.507 1.00 40.83 ? 138 HIS A CG  1 
ATOM   974  N  ND1 . HIS A 1 138 ? 4.296   -3.924  -16.867 1.00 43.35 ? 138 HIS A ND1 1 
ATOM   975  C  CD2 . HIS A 1 138 ? 3.345   -2.705  -15.324 1.00 42.00 ? 138 HIS A CD2 1 
ATOM   976  C  CE1 . HIS A 1 138 ? 3.701   -2.924  -17.476 1.00 40.74 ? 138 HIS A CE1 1 
ATOM   977  N  NE2 . HIS A 1 138 ? 3.115   -2.170  -16.563 1.00 40.97 ? 138 HIS A NE2 1 
ATOM   978  N  N   . LYS A 1 139 ? 4.028   -7.615  -15.806 1.00 41.06 ? 139 LYS A N   1 
ATOM   979  C  CA  . LYS A 1 139 ? 3.732   -8.478  -16.971 1.00 41.62 ? 139 LYS A CA  1 
ATOM   980  C  C   . LYS A 1 139 ? 2.410   -9.206  -16.832 1.00 40.53 ? 139 LYS A C   1 
ATOM   981  O  O   . LYS A 1 139 ? 1.575   -9.208  -17.734 1.00 41.09 ? 139 LYS A O   1 
ATOM   982  C  CB  . LYS A 1 139 ? 4.852   -9.491  -17.146 1.00 42.67 ? 139 LYS A CB  1 
ATOM   983  C  CG  . LYS A 1 139 ? 6.119   -8.842  -17.664 1.00 43.30 ? 139 LYS A CG  1 
ATOM   984  C  CD  . LYS A 1 139 ? 7.288   -9.777  -17.800 1.00 44.55 ? 139 LYS A CD  1 
ATOM   985  C  CE  . LYS A 1 139 ? 8.468   -9.000  -18.400 1.00 43.54 ? 139 LYS A CE  1 
ATOM   986  N  NZ  . LYS A 1 139 ? 9.658   -9.831  -18.553 1.00 46.71 ? 139 LYS A NZ  1 
ATOM   987  N  N   . TRP A 1 140 ? 2.219   -9.802  -15.671 1.00 40.05 ? 140 TRP A N   1 
ATOM   988  C  CA  . TRP A 1 140 ? 1.023   -10.622 -15.422 1.00 40.53 ? 140 TRP A CA  1 
ATOM   989  C  C   . TRP A 1 140 ? -0.196  -9.744  -15.290 1.00 39.87 ? 140 TRP A C   1 
ATOM   990  O  O   . TRP A 1 140 ? -1.306  -10.076 -15.780 1.00 40.24 ? 140 TRP A O   1 
ATOM   991  C  CB  . TRP A 1 140 ? 1.235   -11.531 -14.179 1.00 40.91 ? 140 TRP A CB  1 
ATOM   992  C  CG  . TRP A 1 140 ? 2.205   -12.626 -14.393 1.00 41.15 ? 140 TRP A CG  1 
ATOM   993  C  CD1 . TRP A 1 140 ? 3.334   -12.871 -13.686 1.00 42.14 ? 140 TRP A CD1 1 
ATOM   994  C  CD2 . TRP A 1 140 ? 2.131   -13.643 -15.400 1.00 40.15 ? 140 TRP A CD2 1 
ATOM   995  N  NE1 . TRP A 1 140 ? 3.960   -13.994 -14.165 1.00 42.22 ? 140 TRP A NE1 1 
ATOM   996  C  CE2 . TRP A 1 140 ? 3.255   -14.471 -15.241 1.00 41.98 ? 140 TRP A CE2 1 
ATOM   997  C  CE3 . TRP A 1 140 ? 1.222   -13.930 -16.424 1.00 41.19 ? 140 TRP A CE3 1 
ATOM   998  C  CZ2 . TRP A 1 140 ? 3.493   -15.574 -16.050 1.00 43.77 ? 140 TRP A CZ2 1 
ATOM   999  C  CZ3 . TRP A 1 140 ? 1.453   -15.020 -17.232 1.00 42.52 ? 140 TRP A CZ3 1 
ATOM   1000 C  CH2 . TRP A 1 140 ? 2.591   -15.832 -17.045 1.00 43.82 ? 140 TRP A CH2 1 
ATOM   1001 N  N   . ALA A 1 141 ? -0.027  -8.586  -14.654 1.00 40.71 ? 141 ALA A N   1 
ATOM   1002 C  CA  . ALA A 1 141 ? -1.108  -7.599  -14.600 1.00 40.53 ? 141 ALA A CA  1 
ATOM   1003 C  C   . ALA A 1 141 ? -1.609  -7.175  -15.965 1.00 41.02 ? 141 ALA A C   1 
ATOM   1004 O  O   . ALA A 1 141 ? -2.815  -7.188  -16.209 1.00 41.46 ? 141 ALA A O   1 
ATOM   1005 C  CB  . ALA A 1 141 ? -0.665  -6.413  -13.826 1.00 40.75 ? 141 ALA A CB  1 
ATOM   1006 N  N   . GLN A 1 142 ? -0.673  -6.798  -16.855 1.00 40.33 ? 142 GLN A N   1 
ATOM   1007 C  CA  . GLN A 1 142 ? -1.004  -6.388  -18.214 1.00 40.34 ? 142 GLN A CA  1 
ATOM   1008 C  C   . GLN A 1 142 ? -1.677  -7.507  -19.015 1.00 40.64 ? 142 GLN A C   1 
ATOM   1009 O  O   . GLN A 1 142 ? -2.466  -7.219  -19.912 1.00 40.07 ? 142 GLN A O   1 
ATOM   1010 C  CB  . GLN A 1 142 ? 0.227   -5.877  -18.936 1.00 39.59 ? 142 GLN A CB  1 
ATOM   1011 C  CG  . GLN A 1 142 ? 0.673   -4.500  -18.441 1.00 41.53 ? 142 GLN A CG  1 
ATOM   1012 C  CD  . GLN A 1 142 ? -0.392  -3.441  -18.554 1.00 42.36 ? 142 GLN A CD  1 
ATOM   1013 O  OE1 . GLN A 1 142 ? -1.153  -3.386  -19.554 1.00 44.72 ? 142 GLN A OE1 1 
ATOM   1014 N  NE2 . GLN A 1 142 ? -0.447  -2.568  -17.557 1.00 41.64 ? 142 GLN A NE2 1 
ATOM   1015 N  N   . LYS A 1 143 ? -1.370  -8.769  -18.687 1.00 41.11 ? 143 LYS A N   1 
ATOM   1016 C  CA  . LYS A 1 143 ? -2.034  -9.931  -19.315 1.00 41.74 ? 143 LYS A CA  1 
ATOM   1017 C  C   . LYS A 1 143 ? -3.400  -10.267 -18.682 1.00 41.86 ? 143 LYS A C   1 
ATOM   1018 O  O   . LYS A 1 143 ? -4.120  -11.141 -19.170 1.00 41.05 ? 143 LYS A O   1 
ATOM   1019 C  CB  . LYS A 1 143 ? -1.137  -11.166 -19.244 1.00 41.86 ? 143 LYS A CB  1 
ATOM   1020 C  CG  . LYS A 1 143 ? 0.120   -11.166 -20.110 1.00 43.04 ? 143 LYS A CG  1 
ATOM   1021 C  CD  . LYS A 1 143 ? 0.955   -12.413 -19.795 1.00 44.72 ? 143 LYS A CD  1 
ATOM   1022 C  CE  . LYS A 1 143 ? 2.195   -12.619 -20.695 1.00 47.79 ? 143 LYS A CE  1 
ATOM   1023 N  NZ  . LYS A 1 143 ? 3.402   -11.829 -20.265 1.00 52.24 ? 143 LYS A NZ  1 
ATOM   1024 N  N   . GLY A 1 144 ? -3.770  -9.574  -17.604 1.00 41.59 ? 144 GLY A N   1 
ATOM   1025 C  CA  . GLY A 1 144 ? -5.028  -9.832  -16.926 1.00 41.14 ? 144 GLY A CA  1 
ATOM   1026 C  C   . GLY A 1 144 ? -5.020  -11.159 -16.200 1.00 41.39 ? 144 GLY A C   1 
ATOM   1027 O  O   . GLY A 1 144 ? -6.081  -11.736 -15.920 1.00 40.92 ? 144 GLY A O   1 
ATOM   1028 N  N   . GLU A 1 145 ? -3.821  -11.624 -15.854 1.00 41.13 ? 145 GLU A N   1 
ATOM   1029 C  CA  . GLU A 1 145 ? -3.637  -12.896 -15.184 1.00 41.76 ? 145 GLU A CA  1 
ATOM   1030 C  C   . GLU A 1 145 ? -3.503  -12.645 -13.694 1.00 41.75 ? 145 GLU A C   1 
ATOM   1031 O  O   . GLU A 1 145 ? -2.393  -12.596 -13.142 1.00 42.27 ? 145 GLU A O   1 
ATOM   1032 C  CB  . GLU A 1 145 ? -2.382  -13.563 -15.737 1.00 42.92 ? 145 GLU A CB  1 
ATOM   1033 C  CG  . GLU A 1 145 ? -2.540  -14.034 -17.158 1.00 44.55 ? 145 GLU A CG  1 
ATOM   1034 C  CD  . GLU A 1 145 ? -3.356  -15.292 -17.258 1.00 48.93 ? 145 GLU A CD  1 
ATOM   1035 O  OE1 . GLU A 1 145 ? -3.838  -15.593 -18.380 1.00 52.32 ? 145 GLU A OE1 1 
ATOM   1036 O  OE2 . GLU A 1 145 ? -3.527  -15.994 -16.237 1.00 48.74 ? 145 GLU A OE2 1 
ATOM   1037 N  N   . TRP A 1 146 ? -4.643  -12.413 -13.046 1.00 40.82 ? 146 TRP A N   1 
ATOM   1038 C  CA  . TRP A 1 146 ? -4.605  -11.913 -11.678 1.00 39.79 ? 146 TRP A CA  1 
ATOM   1039 C  C   . TRP A 1 146 ? -3.970  -12.842 -10.688 1.00 39.98 ? 146 TRP A C   1 
ATOM   1040 O  O   . TRP A 1 146 ? -3.325  -12.381 -9.723  1.00 41.60 ? 146 TRP A O   1 
ATOM   1041 C  CB  . TRP A 1 146 ? -5.999  -11.464 -11.155 1.00 40.62 ? 146 TRP A CB  1 
ATOM   1042 C  CG  . TRP A 1 146 ? -6.849  -10.707 -12.209 1.00 40.27 ? 146 TRP A CG  1 
ATOM   1043 C  CD1 . TRP A 1 146 ? -8.090  -11.049 -12.651 1.00 40.96 ? 146 TRP A CD1 1 
ATOM   1044 C  CD2 . TRP A 1 146 ? -6.474  -9.533  -12.943 1.00 39.20 ? 146 TRP A CD2 1 
ATOM   1045 N  NE1 . TRP A 1 146 ? -8.519  -10.174 -13.623 1.00 38.38 ? 146 TRP A NE1 1 
ATOM   1046 C  CE2 . TRP A 1 146 ? -7.542  -9.225  -13.818 1.00 40.65 ? 146 TRP A CE2 1 
ATOM   1047 C  CE3 . TRP A 1 146 ? -5.351  -8.702  -12.946 1.00 39.06 ? 146 TRP A CE3 1 
ATOM   1048 C  CZ2 . TRP A 1 146 ? -7.516  -8.122  -14.673 1.00 41.04 ? 146 TRP A CZ2 1 
ATOM   1049 C  CZ3 . TRP A 1 146 ? -5.336  -7.615  -13.794 1.00 40.36 ? 146 TRP A CZ3 1 
ATOM   1050 C  CH2 . TRP A 1 146 ? -6.412  -7.335  -14.646 1.00 41.22 ? 146 TRP A CH2 1 
ATOM   1051 N  N   . VAL A 1 147 ? -4.177  -14.155 -10.835 1.00 40.21 ? 147 VAL A N   1 
ATOM   1052 C  CA  . VAL A 1 147 ? -3.650  -15.066 -9.829  1.00 40.28 ? 147 VAL A CA  1 
ATOM   1053 C  C   . VAL A 1 147 ? -2.117  -15.037 -9.882  1.00 39.84 ? 147 VAL A C   1 
ATOM   1054 O  O   . VAL A 1 147 ? -1.447  -14.904 -8.838  1.00 38.92 ? 147 VAL A O   1 
ATOM   1055 C  CB  . VAL A 1 147 ? -4.199  -16.461 -10.016 1.00 40.87 ? 147 VAL A CB  1 
ATOM   1056 C  CG1 . VAL A 1 147 ? -3.354  -17.506 -9.241  1.00 40.65 ? 147 VAL A CG1 1 
ATOM   1057 C  CG2 . VAL A 1 147 ? -5.644  -16.521 -9.578  1.00 42.62 ? 147 VAL A CG2 1 
ATOM   1058 N  N   . ASN A 1 148 ? -1.583  -15.089 -11.097 1.00 40.05 ? 148 ASN A N   1 
ATOM   1059 C  CA  . ASN A 1 148 ? -0.136  -15.033 -11.285 1.00 40.47 ? 148 ASN A CA  1 
ATOM   1060 C  C   . ASN A 1 148 ? 0.434   -13.720 -10.749 1.00 40.98 ? 148 ASN A C   1 
ATOM   1061 O  O   . ASN A 1 148 ? 1.506   -13.699 -10.136 1.00 41.64 ? 148 ASN A O   1 
ATOM   1062 C  CB  . ASN A 1 148 ? 0.244   -15.185 -12.764 1.00 41.05 ? 148 ASN A CB  1 
ATOM   1063 C  CG  . ASN A 1 148 ? 0.017   -16.553 -13.301 1.00 42.05 ? 148 ASN A CG  1 
ATOM   1064 O  OD1 . ASN A 1 148 ? -0.175  -17.520 -12.552 1.00 42.48 ? 148 ASN A OD1 1 
ATOM   1065 N  ND2 . ASN A 1 148 ? 0.050   -16.670 -14.623 1.00 44.71 ? 148 ASN A ND2 1 
HETATM 1066 N  N   . MSE A 1 149 ? -0.268  -12.624 -11.008 1.00 41.02 ? 149 MSE A N   1 
HETATM 1067 C  CA  . MSE A 1 149 ? 0.097   -11.276 -10.513 1.00 41.64 ? 149 MSE A CA  1 
HETATM 1068 C  C   . MSE A 1 149 ? 0.205   -11.318 -8.967  1.00 41.57 ? 149 MSE A C   1 
HETATM 1069 O  O   . MSE A 1 149 ? 1.252   -10.999 -8.371  1.00 42.29 ? 149 MSE A O   1 
HETATM 1070 C  CB  . MSE A 1 149 ? -0.930  -10.254 -10.992 1.00 42.45 ? 149 MSE A CB  1 
HETATM 1071 C  CG  . MSE A 1 149 ? -0.674  -8.782  -10.579 1.00 40.57 ? 149 MSE A CG  1 
HETATM 1072 SE SE  . MSE A 1 149 ? -2.163  -7.670  -10.748 1.00 43.38 ? 149 MSE A SE  1 
HETATM 1073 C  CE  . MSE A 1 149 ? -3.331  -8.499  -9.464  1.00 39.83 ? 149 MSE A CE  1 
ATOM   1074 N  N   . CYS A 1 150 ? -0.878  -11.736 -8.328  1.00 40.93 ? 150 CYS A N   1 
ATOM   1075 C  CA  . CYS A 1 150 ? -0.952  -11.809 -6.892  1.00 41.16 ? 150 CYS A CA  1 
ATOM   1076 C  C   . CYS A 1 150 ? 0.209   -12.544 -6.291  1.00 40.89 ? 150 CYS A C   1 
ATOM   1077 O  O   . CYS A 1 150 ? 0.750   -12.155 -5.262  1.00 42.46 ? 150 CYS A O   1 
ATOM   1078 C  CB  . CYS A 1 150 ? -2.228  -12.521 -6.471  1.00 39.91 ? 150 CYS A CB  1 
ATOM   1079 S  SG  . CYS A 1 150 ? -3.759  -11.606 -6.701  1.00 41.42 ? 150 CYS A SG  1 
ATOM   1080 N  N   . ASN A 1 151 ? 0.530   -13.670 -6.912  1.00 40.45 ? 151 ASN A N   1 
ATOM   1081 C  CA  . ASN A 1 151 ? 1.544   -14.580 -6.440  1.00 40.68 ? 151 ASN A CA  1 
ATOM   1082 C  C   . ASN A 1 151 ? 2.954   -14.034 -6.625  1.00 40.42 ? 151 ASN A C   1 
ATOM   1083 O  O   . ASN A 1 151 ? 3.904   -14.653 -6.198  1.00 38.67 ? 151 ASN A O   1 
ATOM   1084 C  CB  . ASN A 1 151 ? 1.368   -15.939 -7.123  1.00 40.99 ? 151 ASN A CB  1 
ATOM   1085 C  CG  . ASN A 1 151 ? 0.349   -16.766 -6.433  1.00 43.50 ? 151 ASN A CG  1 
ATOM   1086 O  OD1 . ASN A 1 151 ? 0.202   -16.635 -5.232  1.00 46.52 ? 151 ASN A OD1 1 
ATOM   1087 N  ND2 . ASN A 1 151 ? -0.342  -17.662 -7.158  1.00 45.19 ? 151 ASN A ND2 1 
ATOM   1088 N  N   . HIS A 1 152 ? 3.081   -12.853 -7.225  1.00 39.44 ? 152 HIS A N   1 
ATOM   1089 C  CA  . HIS A 1 152 ? 4.380   -12.142 -7.287  1.00 39.72 ? 152 HIS A CA  1 
ATOM   1090 C  C   . HIS A 1 152 ? 4.554   -11.051 -6.254  1.00 40.10 ? 152 HIS A C   1 
ATOM   1091 O  O   . HIS A 1 152 ? 5.631   -10.444 -6.147  1.00 41.60 ? 152 HIS A O   1 
ATOM   1092 C  CB  . HIS A 1 152 ? 4.687   -11.623 -8.697  1.00 40.03 ? 152 HIS A CB  1 
ATOM   1093 C  CG  . HIS A 1 152 ? 5.242   -12.687 -9.590  1.00 40.43 ? 152 HIS A CG  1 
ATOM   1094 N  ND1 . HIS A 1 152 ? 6.588   -12.955 -9.668  1.00 41.99 ? 152 HIS A ND1 1 
ATOM   1095 C  CD2 . HIS A 1 152 ? 4.629   -13.596 -10.385 1.00 43.24 ? 152 HIS A CD2 1 
ATOM   1096 C  CE1 . HIS A 1 152 ? 6.791   -13.963 -10.496 1.00 42.11 ? 152 HIS A CE1 1 
ATOM   1097 N  NE2 . HIS A 1 152 ? 5.617   -14.386 -10.931 1.00 42.98 ? 152 HIS A NE2 1 
ATOM   1098 N  N   . LEU A 1 153 ? 3.529   -10.846 -5.450  1.00 39.73 ? 153 LEU A N   1 
ATOM   1099 C  CA  . LEU A 1 153 ? 3.632   -9.887  -4.372  1.00 41.21 ? 153 LEU A CA  1 
ATOM   1100 C  C   . LEU A 1 153 ? 4.830   -10.172 -3.447  1.00 40.85 ? 153 LEU A C   1 
ATOM   1101 O  O   . LEU A 1 153 ? 5.533   -9.228  -3.074  1.00 41.02 ? 153 LEU A O   1 
ATOM   1102 C  CB  . LEU A 1 153 ? 2.316   -9.762  -3.618  1.00 40.46 ? 153 LEU A CB  1 
ATOM   1103 C  CG  . LEU A 1 153 ? 1.318   -8.787  -4.277  1.00 40.94 ? 153 LEU A CG  1 
ATOM   1104 C  CD1 . LEU A 1 153 ? -0.133  -8.996  -3.776  1.00 40.43 ? 153 LEU A CD1 1 
ATOM   1105 C  CD2 . LEU A 1 153 ? 1.766   -7.378  -4.133  1.00 41.87 ? 153 LEU A CD2 1 
ATOM   1106 N  N   . PRO A 1 154 ? 5.088   -11.426 -3.054  1.00 41.50 ? 154 PRO A N   1 
ATOM   1107 C  CA  . PRO A 1 154 ? 6.288   -11.733 -2.281  1.00 41.89 ? 154 PRO A CA  1 
ATOM   1108 C  C   . PRO A 1 154 ? 7.642   -11.440 -2.957  1.00 42.09 ? 154 PRO A C   1 
ATOM   1109 O  O   . PRO A 1 154 ? 8.649   -11.573 -2.312  1.00 41.66 ? 154 PRO A O   1 
ATOM   1110 C  CB  . PRO A 1 154 ? 6.121   -13.233 -1.972  1.00 41.88 ? 154 PRO A CB  1 
ATOM   1111 C  CG  . PRO A 1 154 ? 4.585   -13.466 -2.062  1.00 41.74 ? 154 PRO A CG  1 
ATOM   1112 C  CD  . PRO A 1 154 ? 4.255   -12.636 -3.241  1.00 41.46 ? 154 PRO A CD  1 
ATOM   1113 N  N   . ASP A 1 155 ? 7.678   -10.994 -4.217  1.00 42.70 ? 155 ASP A N   1 
ATOM   1114 C  CA  . ASP A 1 155 ? 8.947   -10.582 -4.817  1.00 42.80 ? 155 ASP A CA  1 
ATOM   1115 C  C   . ASP A 1 155 ? 9.487   -9.329  -4.124  1.00 43.08 ? 155 ASP A C   1 
ATOM   1116 O  O   . ASP A 1 155 ? 10.686  -9.109  -4.114  1.00 43.27 ? 155 ASP A O   1 
ATOM   1117 C  CB  . ASP A 1 155 ? 8.778   -10.233 -6.301  1.00 43.75 ? 155 ASP A CB  1 
ATOM   1118 C  CG  . ASP A 1 155 ? 8.390   -11.420 -7.152  1.00 45.52 ? 155 ASP A CG  1 
ATOM   1119 O  OD1 . ASP A 1 155 ? 8.351   -12.545 -6.613  1.00 41.59 ? 155 ASP A OD1 1 
ATOM   1120 O  OD2 . ASP A 1 155 ? 8.089   -11.291 -8.363  1.00 45.46 ? 155 ASP A OD2 1 
ATOM   1121 N  N   . PHE A 1 156 ? 8.598   -8.516  -3.559  1.00 42.40 ? 156 PHE A N   1 
ATOM   1122 C  CA  . PHE A 1 156 ? 8.927   -7.144  -3.107  1.00 43.03 ? 156 PHE A CA  1 
ATOM   1123 C  C   . PHE A 1 156 ? 9.109   -7.008  -1.582  1.00 43.03 ? 156 PHE A C   1 
ATOM   1124 O  O   . PHE A 1 156 ? 8.310   -6.400  -0.871  1.00 41.36 ? 156 PHE A O   1 
ATOM   1125 C  CB  . PHE A 1 156 ? 7.879   -6.177  -3.667  1.00 43.00 ? 156 PHE A CB  1 
ATOM   1126 C  CG  . PHE A 1 156 ? 7.765   -6.259  -5.165  1.00 42.66 ? 156 PHE A CG  1 
ATOM   1127 C  CD1 . PHE A 1 156 ? 6.855   -7.115  -5.761  1.00 41.06 ? 156 PHE A CD1 1 
ATOM   1128 C  CD2 . PHE A 1 156 ? 8.606   -5.540  -5.981  1.00 45.43 ? 156 PHE A CD2 1 
ATOM   1129 C  CE1 . PHE A 1 156 ? 6.795   -7.257  -7.106  1.00 42.23 ? 156 PHE A CE1 1 
ATOM   1130 C  CE2 . PHE A 1 156 ? 8.518   -5.654  -7.355  1.00 45.51 ? 156 PHE A CE2 1 
ATOM   1131 C  CZ  . PHE A 1 156 ? 7.599   -6.510  -7.915  1.00 46.05 ? 156 PHE A CZ  1 
ATOM   1132 N  N   . VAL A 1 157 ? 10.204  -7.574  -1.103  1.00 43.92 ? 157 VAL A N   1 
ATOM   1133 C  CA  . VAL A 1 157 ? 10.477  -7.645  0.326   1.00 45.41 ? 157 VAL A CA  1 
ATOM   1134 C  C   . VAL A 1 157 ? 11.824  -7.056  0.751   1.00 46.11 ? 157 VAL A C   1 
ATOM   1135 O  O   . VAL A 1 157 ? 12.249  -7.249  1.888   1.00 46.21 ? 157 VAL A O   1 
ATOM   1136 C  CB  . VAL A 1 157 ? 10.448  -9.086  0.790   1.00 45.09 ? 157 VAL A CB  1 
ATOM   1137 C  CG1 . VAL A 1 157 ? 9.029   -9.655  0.635   1.00 45.37 ? 157 VAL A CG1 1 
ATOM   1138 C  CG2 . VAL A 1 157 ? 11.462  -9.906  0.005   1.00 45.26 ? 157 VAL A CG2 1 
ATOM   1139 N  N   . ASN A 1 158 ? 12.483  -6.338  -0.149  1.00 47.40 ? 158 ASN A N   1 
ATOM   1140 C  CA  . ASN A 1 158 ? 13.783  -5.779  0.162   1.00 47.98 ? 158 ASN A CA  1 
ATOM   1141 C  C   . ASN A 1 158 ? 13.708  -4.287  0.456   1.00 48.84 ? 158 ASN A C   1 
ATOM   1142 O  O   . ASN A 1 158 ? 12.925  -3.559  -0.154  1.00 49.13 ? 158 ASN A O   1 
ATOM   1143 C  CB  . ASN A 1 158 ? 14.773  -6.003  -0.981  1.00 48.46 ? 158 ASN A CB  1 
ATOM   1144 C  CG  . ASN A 1 158 ? 14.917  -7.458  -1.356  1.00 49.68 ? 158 ASN A CG  1 
ATOM   1145 O  OD1 . ASN A 1 158 ? 14.956  -8.347  -0.495  1.00 52.79 ? 158 ASN A OD1 1 
ATOM   1146 N  ND2 . ASN A 1 158 ? 14.980  -7.719  -2.661  1.00 52.88 ? 158 ASN A ND2 1 
ATOM   1147 N  N   . SER A 1 159 ? 14.544  -3.841  1.390   1.00 49.25 ? 159 SER A N   1 
ATOM   1148 C  CA  . SER A 1 159 ? 14.755  -2.424  1.631   1.00 49.23 ? 159 SER A CA  1 
ATOM   1149 C  C   . SER A 1 159 ? 16.241  -2.188  1.626   1.00 49.70 ? 159 SER A C   1 
ATOM   1150 O  O   . SER A 1 159 ? 16.975  -2.901  2.303   1.00 48.30 ? 159 SER A O   1 
ATOM   1151 C  CB  . SER A 1 159 ? 14.191  -1.994  2.981   1.00 49.31 ? 159 SER A CB  1 
ATOM   1152 O  OG  . SER A 1 159 ? 14.415  -0.607  3.195   1.00 49.71 ? 159 SER A OG  1 
ATOM   1153 N  N   . ASN A 1 160 ? 16.668  -1.188  0.857   1.00 50.45 ? 160 ASN A N   1 
ATOM   1154 C  CA  . ASN A 1 160 ? 18.081  -0.891  0.674   1.00 51.22 ? 160 ASN A CA  1 
ATOM   1155 C  C   . ASN A 1 160 ? 18.843  -2.164  0.368   1.00 51.40 ? 160 ASN A C   1 
ATOM   1156 O  O   . ASN A 1 160 ? 19.936  -2.376  0.876   1.00 52.15 ? 160 ASN A O   1 
ATOM   1157 C  CB  . ASN A 1 160 ? 18.650  -0.201  1.907   1.00 51.04 ? 160 ASN A CB  1 
ATOM   1158 C  CG  . ASN A 1 160 ? 17.959  1.117   2.203   1.00 52.39 ? 160 ASN A CG  1 
ATOM   1159 O  OD1 . ASN A 1 160 ? 17.831  1.965   1.322   1.00 54.02 ? 160 ASN A OD1 1 
ATOM   1160 N  ND2 . ASN A 1 160 ? 17.507  1.294   3.447   1.00 53.19 ? 160 ASN A ND2 1 
ATOM   1161 N  N   . GLY A 1 161 ? 18.243  -3.013  -0.462  1.00 51.63 ? 161 GLY A N   1 
ATOM   1162 C  CA  . GLY A 1 161 ? 18.887  -4.255  -0.888  1.00 51.59 ? 161 GLY A CA  1 
ATOM   1163 C  C   . GLY A 1 161 ? 19.014  -5.303  0.203   1.00 51.37 ? 161 GLY A C   1 
ATOM   1164 O  O   . GLY A 1 161 ? 19.980  -6.060  0.232   1.00 52.33 ? 161 GLY A O   1 
ATOM   1165 N  N   . VAL A 1 162 ? 18.040  -5.347  1.104   1.00 51.11 ? 162 VAL A N   1 
ATOM   1166 C  CA  . VAL A 1 162 ? 18.011  -6.352  2.164   1.00 50.69 ? 162 VAL A CA  1 
ATOM   1167 C  C   . VAL A 1 162 ? 16.566  -6.731  2.472   1.00 50.34 ? 162 VAL A C   1 
ATOM   1168 O  O   . VAL A 1 162 ? 15.726  -5.857  2.667   1.00 50.42 ? 162 VAL A O   1 
ATOM   1169 C  CB  . VAL A 1 162 ? 18.705  -5.839  3.435   1.00 50.45 ? 162 VAL A CB  1 
ATOM   1170 C  CG1 . VAL A 1 162 ? 18.275  -6.635  4.674   1.00 49.78 ? 162 VAL A CG1 1 
ATOM   1171 C  CG2 . VAL A 1 162 ? 20.210  -5.880  3.253   1.00 50.79 ? 162 VAL A CG2 1 
ATOM   1172 N  N   . PRO A 1 163 ? 16.282  -8.029  2.531   1.00 49.93 ? 163 PRO A N   1 
ATOM   1173 C  CA  . PRO A 1 163 ? 14.933  -8.504  2.784   1.00 49.75 ? 163 PRO A CA  1 
ATOM   1174 C  C   . PRO A 1 163 ? 14.516  -8.267  4.230   1.00 49.56 ? 163 PRO A C   1 
ATOM   1175 O  O   . PRO A 1 163 ? 15.306  -8.505  5.144   1.00 49.20 ? 163 PRO A O   1 
ATOM   1176 C  CB  . PRO A 1 163 ? 15.040  -10.005 2.509   1.00 49.76 ? 163 PRO A CB  1 
ATOM   1177 C  CG  . PRO A 1 163 ? 16.431  -10.326 2.799   1.00 49.86 ? 163 PRO A CG  1 
ATOM   1178 C  CD  . PRO A 1 163 ? 17.234  -9.143  2.385   1.00 49.95 ? 163 PRO A CD  1 
ATOM   1179 N  N   . LEU A 1 164 ? 13.294  -7.792  4.437   1.00 49.20 ? 164 LEU A N   1 
ATOM   1180 C  CA  . LEU A 1 164 ? 12.781  -7.579  5.784   1.00 49.07 ? 164 LEU A CA  1 
ATOM   1181 C  C   . LEU A 1 164 ? 11.705  -8.600  6.135   1.00 48.74 ? 164 LEU A C   1 
ATOM   1182 O  O   . LEU A 1 164 ? 10.785  -8.857  5.348   1.00 48.48 ? 164 LEU A O   1 
ATOM   1183 C  CB  . LEU A 1 164 ? 12.211  -6.164  5.917   1.00 49.00 ? 164 LEU A CB  1 
ATOM   1184 C  CG  . LEU A 1 164 ? 13.152  -5.009  6.295   1.00 49.41 ? 164 LEU A CG  1 
ATOM   1185 C  CD1 . LEU A 1 164 ? 14.634  -5.391  6.338   1.00 48.79 ? 164 LEU A CD1 1 
ATOM   1186 C  CD2 . LEU A 1 164 ? 12.933  -3.855  5.334   1.00 49.56 ? 164 LEU A CD2 1 
ATOM   1187 N  N   . ARG A 1 165 ? 11.847  -9.185  7.318   1.00 48.11 ? 165 ARG A N   1 
ATOM   1188 C  CA  . ARG A 1 165 ? 10.827  -10.048 7.891   1.00 47.76 ? 165 ARG A CA  1 
ATOM   1189 C  C   . ARG A 1 165 ? 9.458   -9.375  7.802   1.00 47.53 ? 165 ARG A C   1 
ATOM   1190 O  O   . ARG A 1 165 ? 8.465   -9.993  7.393   1.00 47.56 ? 165 ARG A O   1 
ATOM   1191 C  CB  . ARG A 1 165 ? 11.191  -10.344 9.345   1.00 47.82 ? 165 ARG A CB  1 
ATOM   1192 C  CG  . ARG A 1 165 ? 10.290  -11.340 10.062  1.00 48.25 ? 165 ARG A CG  1 
ATOM   1193 C  CD  . ARG A 1 165 ? 11.047  -12.287 11.017  1.00 48.57 ? 165 ARG A CD  1 
ATOM   1194 N  NE  . ARG A 1 165 ? 12.219  -11.661 11.639  1.00 49.81 ? 165 ARG A NE  1 
ATOM   1195 C  CZ  . ARG A 1 165 ? 13.093  -12.302 12.416  1.00 50.19 ? 165 ARG A CZ  1 
ATOM   1196 N  NH1 . ARG A 1 165 ? 14.125  -11.650 12.942  1.00 50.51 ? 165 ARG A NH1 1 
ATOM   1197 N  NH2 . ARG A 1 165 ? 12.942  -13.593 12.688  1.00 51.49 ? 165 ARG A NH2 1 
ATOM   1198 N  N   . GLY A 1 166 ? 9.417   -8.094  8.166   1.00 46.94 ? 166 GLY A N   1 
ATOM   1199 C  CA  . GLY A 1 166 ? 8.176   -7.329  8.155   1.00 46.43 ? 166 GLY A CA  1 
ATOM   1200 C  C   . GLY A 1 166 ? 7.569   -7.197  6.770   1.00 45.32 ? 166 GLY A C   1 
ATOM   1201 O  O   . GLY A 1 166 ? 6.348   -7.206  6.620   1.00 45.48 ? 166 GLY A O   1 
ATOM   1202 N  N   . LEU A 1 167 ? 8.415   -7.058  5.757   1.00 44.42 ? 167 LEU A N   1 
ATOM   1203 C  CA  . LEU A 1 167 ? 7.923   -6.955  4.392   1.00 43.97 ? 167 LEU A CA  1 
ATOM   1204 C  C   . LEU A 1 167 ? 7.509   -8.324  3.862   1.00 43.33 ? 167 LEU A C   1 
ATOM   1205 O  O   . LEU A 1 167 ? 6.571   -8.418  3.104   1.00 41.73 ? 167 LEU A O   1 
ATOM   1206 C  CB  . LEU A 1 167 ? 8.947   -6.291  3.466   1.00 44.04 ? 167 LEU A CB  1 
ATOM   1207 C  CG  . LEU A 1 167 ? 9.105   -4.778  3.685   1.00 45.30 ? 167 LEU A CG  1 
ATOM   1208 C  CD1 . LEU A 1 167 ? 10.078  -4.180  2.667   1.00 45.99 ? 167 LEU A CD1 1 
ATOM   1209 C  CD2 . LEU A 1 167 ? 7.735   -4.085  3.623   1.00 47.46 ? 167 LEU A CD2 1 
ATOM   1210 N  N   . LYS A 1 168 ? 8.190   -9.385  4.284   1.00 43.10 ? 168 LYS A N   1 
ATOM   1211 C  CA  . LYS A 1 168 ? 7.727   -10.727 3.953   1.00 43.17 ? 168 LYS A CA  1 
ATOM   1212 C  C   . LYS A 1 168 ? 6.322   -10.920 4.496   1.00 42.90 ? 168 LYS A C   1 
ATOM   1213 O  O   . LYS A 1 168 ? 5.383   -11.261 3.762   1.00 42.56 ? 168 LYS A O   1 
ATOM   1214 C  CB  . LYS A 1 168 ? 8.644   -11.800 4.542   1.00 43.51 ? 168 LYS A CB  1 
ATOM   1215 C  CG  . LYS A 1 168 ? 10.000  -11.882 3.902   1.00 43.70 ? 168 LYS A CG  1 
ATOM   1216 C  CD  . LYS A 1 168 ? 10.854  -12.918 4.600   1.00 44.59 ? 168 LYS A CD  1 
ATOM   1217 C  CE  . LYS A 1 168 ? 12.328  -12.733 4.253   1.00 45.53 ? 168 LYS A CE  1 
ATOM   1218 N  NZ  . LYS A 1 168 ? 12.501  -12.367 2.810   1.00 45.78 ? 168 LYS A NZ  1 
ATOM   1219 N  N   . ILE A 1 169 ? 6.167   -10.671 5.788   1.00 41.73 ? 169 ILE A N   1 
ATOM   1220 C  CA  . ILE A 1 169 ? 4.865   -10.780 6.422   1.00 42.08 ? 169 ILE A CA  1 
ATOM   1221 C  C   . ILE A 1 169 ? 3.825   -9.928  5.674   1.00 41.72 ? 169 ILE A C   1 
ATOM   1222 O  O   . ILE A 1 169 ? 2.723   -10.404 5.363   1.00 42.86 ? 169 ILE A O   1 
ATOM   1223 C  CB  . ILE A 1 169 ? 4.963   -10.371 7.909   1.00 41.56 ? 169 ILE A CB  1 
ATOM   1224 C  CG1 . ILE A 1 169 ? 5.704   -11.450 8.703   1.00 43.10 ? 169 ILE A CG1 1 
ATOM   1225 C  CG2 . ILE A 1 169 ? 3.589   -10.168 8.495   1.00 42.97 ? 169 ILE A CG2 1 
ATOM   1226 C  CD1 . ILE A 1 169 ? 5.877   -11.112 10.162  1.00 42.27 ? 169 ILE A CD1 1 
ATOM   1227 N  N   . ARG A 1 170 ? 4.170   -8.678  5.363   1.00 41.80 ? 170 ARG A N   1 
ATOM   1228 C  CA  . ARG A 1 170 ? 3.212   -7.774  4.712   1.00 41.73 ? 170 ARG A CA  1 
ATOM   1229 C  C   . ARG A 1 170 ? 2.834   -8.249  3.311   1.00 41.48 ? 170 ARG A C   1 
ATOM   1230 O  O   . ARG A 1 170 ? 1.651   -8.223  2.936   1.00 41.60 ? 170 ARG A O   1 
ATOM   1231 C  CB  . ARG A 1 170 ? 3.733   -6.339  4.595   1.00 41.81 ? 170 ARG A CB  1 
ATOM   1232 C  CG  . ARG A 1 170 ? 2.767   -5.423  3.784   1.00 41.07 ? 170 ARG A CG  1 
ATOM   1233 C  CD  . ARG A 1 170 ? 2.945   -3.950  4.065   1.00 42.88 ? 170 ARG A CD  1 
ATOM   1234 N  NE  . ARG A 1 170 ? 1.960   -3.102  3.400   1.00 43.02 ? 170 ARG A NE  1 
ATOM   1235 C  CZ  . ARG A 1 170 ? 1.788   -1.805  3.689   1.00 43.87 ? 170 ARG A CZ  1 
ATOM   1236 N  NH1 . ARG A 1 170 ? 2.518   -1.236  4.630   1.00 41.71 ? 170 ARG A NH1 1 
ATOM   1237 N  NH2 . ARG A 1 170 ? 0.878   -1.084  3.047   1.00 43.20 ? 170 ARG A NH2 1 
ATOM   1238 N  N   . ARG A 1 171 ? 3.834   -8.636  2.523   1.00 41.22 ? 171 ARG A N   1 
ATOM   1239 C  CA  . ARG A 1 171 ? 3.556   -9.054  1.151   1.00 41.59 ? 171 ARG A CA  1 
ATOM   1240 C  C   . ARG A 1 171 ? 2.656   -10.304 1.143   1.00 41.61 ? 171 ARG A C   1 
ATOM   1241 O  O   . ARG A 1 171 ? 1.850   -10.506 0.229   1.00 42.82 ? 171 ARG A O   1 
ATOM   1242 C  CB  . ARG A 1 171 ? 4.842   -9.343  0.375   1.00 41.29 ? 171 ARG A CB  1 
ATOM   1243 C  CG  . ARG A 1 171 ? 5.685   -8.144  0.033   1.00 42.25 ? 171 ARG A CG  1 
ATOM   1244 C  CD  . ARG A 1 171 ? 5.082   -7.155  -0.957  1.00 40.47 ? 171 ARG A CD  1 
ATOM   1245 N  NE  . ARG A 1 171 ? 4.356   -6.074  -0.297  1.00 43.56 ? 171 ARG A NE  1 
ATOM   1246 C  CZ  . ARG A 1 171 ? 4.904   -4.991  0.232   1.00 43.36 ? 171 ARG A CZ  1 
ATOM   1247 N  NH1 . ARG A 1 171 ? 6.214   -4.822  0.269   1.00 46.22 ? 171 ARG A NH1 1 
ATOM   1248 N  NH2 . ARG A 1 171 ? 4.130   -4.073  0.790   1.00 40.55 ? 171 ARG A NH2 1 
ATOM   1249 N  N   . GLU A 1 172 ? 2.795   -11.139 2.162   1.00 41.41 ? 172 GLU A N   1 
ATOM   1250 C  CA  . GLU A 1 172 ? 2.012   -12.365 2.263   1.00 41.49 ? 172 GLU A CA  1 
ATOM   1251 C  C   . GLU A 1 172 ? 0.584   -12.051 2.674   1.00 41.71 ? 172 GLU A C   1 
ATOM   1252 O  O   . GLU A 1 172 ? -0.362  -12.669 2.161   1.00 42.40 ? 172 GLU A O   1 
ATOM   1253 C  CB  . GLU A 1 172 ? 2.689   -13.343 3.217   1.00 41.64 ? 172 GLU A CB  1 
ATOM   1254 C  CG  . GLU A 1 172 ? 1.922   -14.629 3.513   1.00 41.40 ? 172 GLU A CG  1 
ATOM   1255 C  CD  . GLU A 1 172 ? 1.547   -15.432 2.276   1.00 42.14 ? 172 GLU A CD  1 
ATOM   1256 O  OE1 . GLU A 1 172 ? 0.559   -16.200 2.368   1.00 44.28 ? 172 GLU A OE1 1 
ATOM   1257 O  OE2 . GLU A 1 172 ? 2.236   -15.309 1.227   1.00 42.82 ? 172 GLU A OE2 1 
ATOM   1258 N  N   . LYS A 1 173 ? 0.400   -11.086 3.572   1.00 41.34 ? 173 LYS A N   1 
ATOM   1259 C  CA  . LYS A 1 173 ? -0.956  -10.654 3.912   1.00 41.82 ? 173 LYS A CA  1 
ATOM   1260 C  C   . LYS A 1 173 ? -1.631  -10.075 2.666   1.00 40.96 ? 173 LYS A C   1 
ATOM   1261 O  O   . LYS A 1 173 ? -2.816  -10.319 2.409   1.00 41.33 ? 173 LYS A O   1 
ATOM   1262 C  CB  . LYS A 1 173 ? -0.962  -9.610  5.049   1.00 42.38 ? 173 LYS A CB  1 
ATOM   1263 C  CG  . LYS A 1 173 ? -0.667  -10.169 6.423   1.00 43.21 ? 173 LYS A CG  1 
ATOM   1264 C  CD  . LYS A 1 173 ? -0.407  -9.048  7.420   1.00 43.99 ? 173 LYS A CD  1 
ATOM   1265 C  CE  . LYS A 1 173 ? 0.154   -9.550  8.759   1.00 45.99 ? 173 LYS A CE  1 
ATOM   1266 N  NZ  . LYS A 1 173 ? -0.930  -9.929  9.726   1.00 47.81 ? 173 LYS A NZ  1 
ATOM   1267 N  N   . GLU A 1 174 ? -0.879  -9.310  1.886   1.00 40.78 ? 174 GLU A N   1 
ATOM   1268 C  CA  . GLU A 1 174 ? -1.401  -8.714  0.658   1.00 40.39 ? 174 GLU A CA  1 
ATOM   1269 C  C   . GLU A 1 174 ? -1.759  -9.826  -0.356  1.00 40.49 ? 174 GLU A C   1 
ATOM   1270 O  O   . GLU A 1 174 ? -2.815  -9.820  -0.994  1.00 41.22 ? 174 GLU A O   1 
ATOM   1271 C  CB  . GLU A 1 174 ? -0.360  -7.747  0.070   1.00 39.10 ? 174 GLU A CB  1 
ATOM   1272 C  CG  . GLU A 1 174 ? -0.235  -6.416  0.832   1.00 39.09 ? 174 GLU A CG  1 
ATOM   1273 C  CD  . GLU A 1 174 ? 0.929   -5.555  0.391   1.00 40.95 ? 174 GLU A CD  1 
ATOM   1274 O  OE1 . GLU A 1 174 ? 1.044   -4.407  0.903   1.00 40.34 ? 174 GLU A OE1 1 
ATOM   1275 O  OE2 . GLU A 1 174 ? 1.711   -6.008  -0.475  1.00 42.19 ? 174 GLU A OE2 1 
ATOM   1276 N  N   . ARG A 1 175 ? -0.855  -10.768 -0.540  1.00 40.40 ? 175 ARG A N   1 
ATOM   1277 C  CA  . ARG A 1 175 ? -1.114  -11.881 -1.440  1.00 41.51 ? 175 ARG A CA  1 
ATOM   1278 C  C   . ARG A 1 175 ? -2.404  -12.640 -1.059  1.00 40.95 ? 175 ARG A C   1 
ATOM   1279 O  O   . ARG A 1 175 ? -3.202  -13.009 -1.926  1.00 40.49 ? 175 ARG A O   1 
ATOM   1280 C  CB  . ARG A 1 175 ? 0.051   -12.854 -1.374  1.00 41.84 ? 175 ARG A CB  1 
ATOM   1281 C  CG  . ARG A 1 175 ? -0.070  -14.052 -2.257  1.00 44.11 ? 175 ARG A CG  1 
ATOM   1282 C  CD  . ARG A 1 175 ? 0.973   -15.128 -1.899  1.00 45.15 ? 175 ARG A CD  1 
ATOM   1283 N  NE  . ARG A 1 175 ? 0.672   -16.383 -2.550  1.00 52.59 ? 175 ARG A NE  1 
ATOM   1284 C  CZ  . ARG A 1 175 ? 0.244   -17.476 -1.966  1.00 48.97 ? 175 ARG A CZ  1 
ATOM   1285 N  NH1 . ARG A 1 175 ? 0.007   -18.516 -2.735  1.00 53.32 ? 175 ARG A NH1 1 
ATOM   1286 N  NH2 . ARG A 1 175 ? 0.075   -17.585 -0.641  1.00 51.17 ? 175 ARG A NH2 1 
ATOM   1287 N  N   . GLN A 1 176 ? -2.611  -12.871 0.231   1.00 41.53 ? 176 GLN A N   1 
ATOM   1288 C  CA  . GLN A 1 176 ? -3.794  -13.626 0.681   1.00 41.74 ? 176 GLN A CA  1 
ATOM   1289 C  C   . GLN A 1 176 ? -5.054  -12.844 0.372   1.00 41.56 ? 176 GLN A C   1 
ATOM   1290 O  O   . GLN A 1 176 ? -6.033  -13.413 -0.073  1.00 40.61 ? 176 GLN A O   1 
ATOM   1291 C  CB  . GLN A 1 176 ? -3.711  -13.939 2.178   1.00 42.61 ? 176 GLN A CB  1 
ATOM   1292 C  CG  . GLN A 1 176 ? -2.690  -14.989 2.515   1.00 45.62 ? 176 GLN A CG  1 
ATOM   1293 C  CD  . GLN A 1 176 ? -2.993  -16.355 1.875   1.00 49.87 ? 176 GLN A CD  1 
ATOM   1294 O  OE1 . GLN A 1 176 ? -2.117  -16.942 1.209   1.00 50.91 ? 176 GLN A OE1 1 
ATOM   1295 N  NE2 . GLN A 1 176 ? -4.213  -16.869 2.091   1.00 50.75 ? 176 GLN A NE2 1 
ATOM   1296 N  N   . LEU A 1 177 ? -4.999  -11.521 0.546   1.00 40.86 ? 177 LEU A N   1 
ATOM   1297 C  CA  . LEU A 1 177 ? -6.146  -10.690 0.229   1.00 40.73 ? 177 LEU A CA  1 
ATOM   1298 C  C   . LEU A 1 177 ? -6.412  -10.736 -1.272  1.00 40.77 ? 177 LEU A C   1 
ATOM   1299 O  O   . LEU A 1 177 ? -7.539  -10.943 -1.721  1.00 40.04 ? 177 LEU A O   1 
ATOM   1300 C  CB  . LEU A 1 177 ? -5.911  -9.243  0.669   1.00 40.91 ? 177 LEU A CB  1 
ATOM   1301 C  CG  . LEU A 1 177 ? -6.968  -8.258  0.185   1.00 41.52 ? 177 LEU A CG  1 
ATOM   1302 C  CD1 . LEU A 1 177 ? -8.347  -8.591  0.714   1.00 42.38 ? 177 LEU A CD1 1 
ATOM   1303 C  CD2 . LEU A 1 177 ? -6.569  -6.842  0.582   1.00 41.17 ? 177 LEU A CD2 1 
ATOM   1304 N  N   . CYS A 1 178 ? -5.345  -10.507 -2.040  1.00 41.39 ? 178 CYS A N   1 
ATOM   1305 C  CA  . CYS A 1 178 ? -5.365  -10.404 -3.505  1.00 41.30 ? 178 CYS A CA  1 
ATOM   1306 C  C   . CYS A 1 178 ? -6.129  -11.590 -4.102  1.00 41.44 ? 178 CYS A C   1 
ATOM   1307 O  O   . CYS A 1 178 ? -6.955  -11.460 -5.011  1.00 40.54 ? 178 CYS A O   1 
ATOM   1308 C  CB  . CYS A 1 178 ? -3.895  -10.411 -3.997  1.00 42.16 ? 178 CYS A CB  1 
ATOM   1309 S  SG  . CYS A 1 178 ? -3.634  -9.858  -5.694  1.00 42.32 ? 178 CYS A SG  1 
ATOM   1310 N  N   . LEU A 1 179 ? -5.817  -12.748 -3.554  1.00 40.92 ? 179 LEU A N   1 
ATOM   1311 C  CA  . LEU A 1 179 ? -6.297  -14.016 -4.075  1.00 41.81 ? 179 LEU A CA  1 
ATOM   1312 C  C   . LEU A 1 179 ? -7.662  -14.444 -3.532  1.00 42.05 ? 179 LEU A C   1 
ATOM   1313 O  O   . LEU A 1 179 ? -8.275  -15.408 -4.057  1.00 40.22 ? 179 LEU A O   1 
ATOM   1314 C  CB  . LEU A 1 179 ? -5.319  -15.135 -3.742  1.00 42.02 ? 179 LEU A CB  1 
ATOM   1315 C  CG  . LEU A 1 179 ? -3.940  -15.236 -4.397  1.00 41.18 ? 179 LEU A CG  1 
ATOM   1316 C  CD1 . LEU A 1 179 ? -3.104  -16.298 -3.686  1.00 43.05 ? 179 LEU A CD1 1 
ATOM   1317 C  CD2 . LEU A 1 179 ? -4.050  -15.610 -5.841  1.00 38.22 ? 179 LEU A CD2 1 
ATOM   1318 N  N   . THR A 1 180 ? -8.189  -13.753 -2.520  1.00 42.43 ? 180 THR A N   1 
ATOM   1319 C  CA  . THR A 1 180 ? -9.488  -14.247 -2.028  1.00 43.29 ? 180 THR A CA  1 
ATOM   1320 C  C   . THR A 1 180 ? -10.591 -13.927 -3.021  1.00 42.67 ? 180 THR A C   1 
ATOM   1321 O  O   . THR A 1 180 ? -10.684 -12.827 -3.577  1.00 42.33 ? 180 THR A O   1 
ATOM   1322 C  CB  . THR A 1 180 ? -9.814  -13.937 -0.513  1.00 45.54 ? 180 THR A CB  1 
ATOM   1323 O  OG1 . THR A 1 180 ? -11.024 -13.187 -0.302  1.00 48.79 ? 180 THR A OG1 1 
ATOM   1324 C  CG2 . THR A 1 180 ? -8.733  -13.303 0.212   1.00 38.98 ? 180 THR A CG2 1 
ATOM   1325 N  N   . GLY A 1 181 ? -11.370 -14.956 -3.332  1.00 41.96 ? 181 GLY A N   1 
ATOM   1326 C  CA  . GLY A 1 181 ? -12.338 -14.815 -4.419  1.00 41.95 ? 181 GLY A CA  1 
ATOM   1327 C  C   . GLY A 1 181 ? -11.789 -15.236 -5.762  1.00 41.52 ? 181 GLY A C   1 
ATOM   1328 O  O   . GLY A 1 181 ? -12.560 -15.327 -6.716  1.00 40.16 ? 181 GLY A O   1 
ATOM   1329 N  N   . LEU A 1 182 ? -10.477 -15.502 -5.842  1.00 40.90 ? 182 LEU A N   1 
ATOM   1330 C  CA  . LEU A 1 182 ? -9.836  -15.934 -7.087  1.00 41.11 ? 182 LEU A CA  1 
ATOM   1331 C  C   . LEU A 1 182 ? -9.519  -17.415 -7.094  1.00 41.68 ? 182 LEU A C   1 
ATOM   1332 O  O   . LEU A 1 182 ? -9.365  -18.008 -8.164  1.00 42.06 ? 182 LEU A O   1 
ATOM   1333 C  CB  . LEU A 1 182 ? -8.542  -15.161 -7.373  1.00 40.93 ? 182 LEU A CB  1 
ATOM   1334 C  CG  . LEU A 1 182 ? -8.719  -13.658 -7.613  1.00 39.83 ? 182 LEU A CG  1 
ATOM   1335 C  CD1 . LEU A 1 182 ? -7.371  -13.028 -8.052  1.00 40.29 ? 182 LEU A CD1 1 
ATOM   1336 C  CD2 . LEU A 1 182 ? -9.815  -13.326 -8.666  1.00 41.17 ? 182 LEU A CD2 1 
ATOM   1337 N  N   . VAL A 1 183 ? -9.414  -18.005 -5.898  1.00 42.85 ? 183 VAL A N   1 
ATOM   1338 C  CA  . VAL A 1 183 ? -9.078  -19.379 -5.722  1.00 43.44 ? 183 VAL A CA  1 
ATOM   1339 C  C   . VAL A 1 183 ? -10.068 -19.978 -4.713  1.00 43.62 ? 183 VAL A C   1 
ATOM   1340 O  O   . VAL A 1 183 ? -10.832 -19.242 -4.104  1.00 42.89 ? 183 VAL A O   1 
ATOM   1341 C  CB  . VAL A 1 183 ? -7.617  -19.560 -5.210  1.00 43.72 ? 183 VAL A CB  1 
ATOM   1342 C  CG1 . VAL A 1 183 ? -6.623  -18.894 -6.170  1.00 43.74 ? 183 VAL A CG1 1 
ATOM   1343 C  CG2 . VAL A 1 183 ? -7.475  -18.970 -3.832  1.00 44.26 ? 183 VAL A CG2 1 
ATOM   1344 N  N   . ASN A 1 184 ? -10.080 -21.293 -4.575  1.00 43.31 ? 184 ASN A N   1 
ATOM   1345 C  CA  . ASN A 1 184 ? -10.924 -21.941 -3.560  1.00 44.74 ? 184 ASN A CA  1 
ATOM   1346 C  C   . ASN A 1 184 ? -10.554 -21.393 -2.155  1.00 45.95 ? 184 ASN A C   1 
ATOM   1347 O  O   . ASN A 1 184 ? -9.425  -21.551 -1.699  1.00 46.40 ? 184 ASN A O   1 
ATOM   1348 C  CB  . ASN A 1 184 ? -10.818 -23.466 -3.633  1.00 44.14 ? 184 ASN A CB  1 
ATOM   1349 C  CG  . ASN A 1 184 ? -11.807 -24.183 -2.721  1.00 42.87 ? 184 ASN A CG  1 
ATOM   1350 O  OD1 . ASN A 1 184 ? -12.229 -23.676 -1.685  1.00 40.08 ? 184 ASN A OD1 1 
ATOM   1351 N  ND2 . ASN A 1 184 ? -12.201 -25.354 -3.131  1.00 38.31 ? 184 ASN A ND2 1 
ATOM   1352 N  N   . GLU A 1 185 ? -11.539 -20.756 -1.511  1.00 47.14 ? 185 GLU A N   1 
ATOM   1353 C  CA  . GLU A 1 185 ? -11.410 -20.106 -0.217  1.00 47.22 ? 185 GLU A CA  1 
ATOM   1354 C  C   . GLU A 1 185 ? -10.889 -21.106 0.819   1.00 48.21 ? 185 GLU A C   1 
ATOM   1355 O  O   . GLU A 1 185 ? -10.530 -20.723 1.931   1.00 49.07 ? 185 GLU A O   1 
ATOM   1356 C  CB  . GLU A 1 185 ? -12.770 -19.536 0.228   1.00 47.36 ? 185 GLU A CB  1 
ATOM   1357 C  CG  . GLU A 1 185 ? -13.188 -18.192 -0.411  1.00 46.91 ? 185 GLU A CG  1 
ATOM   1358 C  CD  . GLU A 1 185 ? -13.754 -18.328 -1.843  1.00 48.10 ? 185 GLU A CD  1 
ATOM   1359 O  OE1 . GLU A 1 185 ? -13.862 -19.464 -2.349  1.00 49.63 ? 185 GLU A OE1 1 
ATOM   1360 O  OE2 . GLU A 1 185 ? -14.124 -17.308 -2.444  1.00 47.82 ? 185 GLU A OE2 1 
ATOM   1361 N  N   . HIS A 1 186 ? -10.884 -22.390 0.457   1.00 48.64 ? 186 HIS A N   1 
ATOM   1362 C  CA  . HIS A 1 186 ? -10.339 -23.443 1.296   1.00 48.35 ? 186 HIS A CA  1 
ATOM   1363 C  C   . HIS A 1 186 ? -9.389  -24.299 0.472   1.00 48.63 ? 186 HIS A C   1 
ATOM   1364 O  O   . HIS A 1 186 ? -9.430  -25.529 0.563   1.00 49.10 ? 186 HIS A O   1 
ATOM   1365 C  CB  . HIS A 1 186 ? -11.476 -24.314 1.868   1.00 49.23 ? 186 HIS A CB  1 
HETATM 1366 C  C1  . CIT B 2 .   ? 3.905   2.077   -19.411 1.00 47.26 ? 192 CIT A C1  1 
HETATM 1367 O  O1  . CIT B 2 .   ? 4.768   1.232   -19.724 1.00 49.62 ? 192 CIT A O1  1 
HETATM 1368 O  O2  . CIT B 2 .   ? 4.148   2.874   -18.480 1.00 50.51 ? 192 CIT A O2  1 
HETATM 1369 C  C2  . CIT B 2 .   ? 2.583   2.127   -20.153 1.00 46.60 ? 192 CIT A C2  1 
HETATM 1370 C  C3  . CIT B 2 .   ? 1.431   1.598   -19.283 1.00 44.71 ? 192 CIT A C3  1 
HETATM 1371 O  O7  . CIT B 2 .   ? 1.038   2.615   -18.335 1.00 42.81 ? 192 CIT A O7  1 
HETATM 1372 C  C4  . CIT B 2 .   ? 0.274   1.198   -20.186 1.00 46.70 ? 192 CIT A C4  1 
HETATM 1373 C  C5  . CIT B 2 .   ? -0.915  0.638   -19.446 1.00 48.70 ? 192 CIT A C5  1 
HETATM 1374 O  O3  . CIT B 2 .   ? -1.914  0.346   -20.123 1.00 49.46 ? 192 CIT A O3  1 
HETATM 1375 O  O4  . CIT B 2 .   ? -0.939  0.465   -18.204 1.00 47.68 ? 192 CIT A O4  1 
HETATM 1376 C  C6  . CIT B 2 .   ? 1.933   0.376   -18.535 1.00 40.32 ? 192 CIT A C6  1 
HETATM 1377 O  O5  . CIT B 2 .   ? 2.218   0.480   -17.322 1.00 39.00 ? 192 CIT A O5  1 
HETATM 1378 O  O6  . CIT B 2 .   ? 2.066   -0.696  -19.161 1.00 40.94 ? 192 CIT A O6  1 
HETATM 1379 C  C1  . CIT C 2 .   ? 14.456  -11.241 -10.175 1.00 66.72 ? 250 CIT A C1  1 
HETATM 1380 O  O1  . CIT C 2 .   ? 14.302  -12.053 -11.127 1.00 68.36 ? 250 CIT A O1  1 
HETATM 1381 O  O2  . CIT C 2 .   ? 15.519  -10.582 -10.060 1.00 66.90 ? 250 CIT A O2  1 
HETATM 1382 C  C2  . CIT C 2 .   ? 13.370  -11.029 -9.149  1.00 65.89 ? 250 CIT A C2  1 
HETATM 1383 C  C3  . CIT C 2 .   ? 12.500  -9.865  -9.619  1.00 64.75 ? 250 CIT A C3  1 
HETATM 1384 O  O7  . CIT C 2 .   ? 13.336  -8.891  -10.294 1.00 67.14 ? 250 CIT A O7  1 
HETATM 1385 C  C4  . CIT C 2 .   ? 11.568  -10.567 -10.613 1.00 61.92 ? 250 CIT A C4  1 
HETATM 1386 C  C5  . CIT C 2 .   ? 10.638  -9.719  -11.435 1.00 58.01 ? 250 CIT A C5  1 
HETATM 1387 O  O3  . CIT C 2 .   ? 10.362  -10.106 -12.580 1.00 58.38 ? 250 CIT A O3  1 
HETATM 1388 O  O4  . CIT C 2 .   ? 10.142  -8.666  -11.027 1.00 60.64 ? 250 CIT A O4  1 
HETATM 1389 C  C6  . CIT C 2 .   ? 11.952  -9.169  -8.370  1.00 66.05 ? 250 CIT A C6  1 
HETATM 1390 O  O5  . CIT C 2 .   ? 11.683  -7.938  -8.332  1.00 64.36 ? 250 CIT A O5  1 
HETATM 1391 O  O6  . CIT C 2 .   ? 11.833  -9.842  -7.316  1.00 67.91 ? 250 CIT A O6  1 
HETATM 1392 O  O   . HOH D 3 .   ? -9.271  -10.262 -6.365  1.00 27.82 ? 251 HOH A O   1 
HETATM 1393 O  O   . HOH D 3 .   ? 1.921   5.049   -4.014  1.00 33.60 ? 252 HOH A O   1 
HETATM 1394 O  O   . HOH D 3 .   ? -12.762 -8.995  -5.019  1.00 28.15 ? 253 HOH A O   1 
HETATM 1395 O  O   . HOH D 3 .   ? -3.388  -15.950 -13.388 1.00 30.44 ? 254 HOH A O   1 
HETATM 1396 O  O   . HOH D 3 .   ? 2.946   7.405   -8.059  1.00 42.64 ? 255 HOH A O   1 
HETATM 1397 O  O   . HOH D 3 .   ? -4.676  -10.824 4.157   1.00 40.22 ? 256 HOH A O   1 
HETATM 1398 O  O   . HOH D 3 .   ? 15.728  -2.537  -8.385  1.00 46.78 ? 257 HOH A O   1 
HETATM 1399 O  O   . HOH D 3 .   ? 5.540   5.017   -11.415 1.00 48.71 ? 258 HOH A O   1 
HETATM 1400 O  O   . HOH D 3 .   ? 2.032   6.075   0.399   1.00 39.25 ? 259 HOH A O   1 
HETATM 1401 O  O   . HOH D 3 .   ? 9.908   2.033   -12.600 1.00 42.67 ? 260 HOH A O   1 
HETATM 1402 O  O   . HOH D 3 .   ? -6.878  7.264   -7.612  1.00 43.79 ? 261 HOH A O   1 
HETATM 1403 O  O   . HOH D 3 .   ? -2.071  -19.699 -5.694  1.00 48.41 ? 262 HOH A O   1 
HETATM 1404 O  O   . HOH D 3 .   ? -14.146 -10.931 -0.618  1.00 47.47 ? 263 HOH A O   1 
HETATM 1405 O  O   . HOH D 3 .   ? 11.486  -3.090  -7.900  1.00 38.63 ? 264 HOH A O   1 
HETATM 1406 O  O   . HOH D 3 .   ? 3.660   -6.170  -20.308 1.00 42.33 ? 265 HOH A O   1 
HETATM 1407 O  O   . HOH D 3 .   ? 19.889  -9.901  -12.277 1.00 49.45 ? 266 HOH A O   1 
HETATM 1408 O  O   . HOH D 3 .   ? -19.466 5.970   -0.176  1.00 47.70 ? 267 HOH A O   1 
HETATM 1409 O  O   . HOH D 3 .   ? -14.631 -6.000  -1.617  1.00 42.66 ? 268 HOH A O   1 
HETATM 1410 O  O   . HOH D 3 .   ? -4.921  -6.586  8.867   1.00 50.07 ? 269 HOH A O   1 
HETATM 1411 O  O   . HOH D 3 .   ? 4.477   4.312   2.596   1.00 47.04 ? 270 HOH A O   1 
HETATM 1412 O  O   . HOH D 3 .   ? -0.091  10.096  -9.001  1.00 53.82 ? 271 HOH A O   1 
HETATM 1413 O  O   . HOH D 3 .   ? -15.053 5.172   -1.020  1.00 44.03 ? 272 HOH A O   1 
HETATM 1414 O  O   . HOH D 3 .   ? -12.661 8.133   -0.152  1.00 33.84 ? 273 HOH A O   1 
HETATM 1415 O  O   . HOH D 3 .   ? -13.743 1.726   0.182   1.00 44.62 ? 274 HOH A O   1 
HETATM 1416 O  O   . HOH D 3 .   ? -10.087 0.908   -10.271 1.00 41.90 ? 275 HOH A O   1 
HETATM 1417 O  O   . HOH D 3 .   ? -10.155 3.362   -8.636  1.00 43.40 ? 276 HOH A O   1 
HETATM 1418 O  O   . HOH D 3 .   ? -12.230 -8.461  1.200   1.00 40.20 ? 277 HOH A O   1 
HETATM 1419 O  O   . HOH D 3 .   ? -6.869  -6.835  5.883   1.00 47.71 ? 278 HOH A O   1 
HETATM 1420 O  O   . HOH D 3 .   ? 0.843   6.615   -1.934  1.00 41.04 ? 279 HOH A O   1 
HETATM 1421 O  O   . HOH D 3 .   ? 0.360   7.418   -8.723  1.00 45.07 ? 280 HOH A O   1 
HETATM 1422 O  O   . HOH D 3 .   ? 0.756   6.377   -11.509 1.00 43.86 ? 281 HOH A O   1 
HETATM 1423 O  O   . HOH D 3 .   ? -6.955  0.640   -15.064 1.00 41.90 ? 282 HOH A O   1 
HETATM 1424 O  O   . HOH D 3 .   ? -14.291 -12.650 -2.560  1.00 41.64 ? 283 HOH A O   1 
HETATM 1425 O  O   . HOH D 3 .   ? 9.012   3.067   -5.868  1.00 40.65 ? 284 HOH A O   1 
HETATM 1426 O  O   . HOH D 3 .   ? 7.604   -9.208  -9.997  1.00 37.23 ? 285 HOH A O   1 
HETATM 1427 O  O   . HOH D 3 .   ? -8.430  -22.713 -5.819  1.00 47.92 ? 286 HOH A O   1 
HETATM 1428 O  O   . HOH D 3 .   ? -5.959  -15.406 -12.862 1.00 38.95 ? 287 HOH A O   1 
HETATM 1429 O  O   . HOH D 3 .   ? -8.499  -20.350 -9.319  1.00 42.18 ? 288 HOH A O   1 
HETATM 1430 O  O   . HOH D 3 .   ? 12.675  3.961   -11.376 1.00 57.46 ? 289 HOH A O   1 
HETATM 1431 O  O   . HOH D 3 .   ? -7.317  -12.101 -19.537 1.00 56.96 ? 290 HOH A O   1 
HETATM 1432 O  O   . HOH D 3 .   ? 7.155   5.765   -7.481  1.00 43.53 ? 291 HOH A O   1 
HETATM 1433 O  O   . HOH D 3 .   ? 11.775  -5.078  -3.074  1.00 43.30 ? 292 HOH A O   1 
HETATM 1434 O  O   . HOH D 3 .   ? 2.387   -8.391  -20.326 1.00 41.83 ? 293 HOH A O   1 
HETATM 1435 O  O   . HOH D 3 .   ? 0.346   -18.310 -9.801  1.00 42.07 ? 294 HOH A O   1 
HETATM 1436 O  O   . HOH D 3 .   ? -9.476  -16.901 -10.919 1.00 39.26 ? 295 HOH A O   1 
HETATM 1437 O  O   . HOH D 3 .   ? -4.061  12.027  -4.094  1.00 48.42 ? 296 HOH A O   1 
HETATM 1438 O  O   . HOH D 3 .   ? -7.152  6.337   -10.660 1.00 48.19 ? 297 HOH A O   1 
HETATM 1439 O  O   . HOH D 3 .   ? -7.978  13.766  1.311   1.00 44.30 ? 298 HOH A O   1 
HETATM 1440 O  O   . HOH D 3 .   ? -14.704 -8.483  -2.813  1.00 48.49 ? 299 HOH A O   1 
HETATM 1441 O  O   . HOH D 3 .   ? 9.134   -1.727  -18.578 1.00 54.55 ? 300 HOH A O   1 
HETATM 1442 O  O   . HOH D 3 .   ? 18.020  2.243   -11.301 1.00 55.69 ? 301 HOH A O   1 
HETATM 1443 O  O   . HOH D 3 .   ? -11.182 7.140   -6.904  1.00 50.60 ? 302 HOH A O   1 
HETATM 1444 O  O   . HOH D 3 .   ? -14.338 10.207  -7.016  1.00 51.93 ? 303 HOH A O   1 
HETATM 1445 O  O   . HOH D 3 .   ? -15.396 -2.994  1.908   1.00 41.12 ? 304 HOH A O   1 
HETATM 1446 O  O   . HOH D 3 .   ? 6.910   -2.657  -4.501  1.00 39.85 ? 305 HOH A O   1 
HETATM 1447 O  O   . HOH D 3 .   ? -13.546 -6.814  5.254   1.00 42.91 ? 306 HOH A O   1 
HETATM 1448 O  O   . HOH D 3 .   ? 19.449  -8.103  -10.577 1.00 39.96 ? 307 HOH A O   1 
HETATM 1449 O  O   . HOH D 3 .   ? 9.374   -6.228  -21.041 1.00 43.71 ? 308 HOH A O   1 
HETATM 1450 O  O   . HOH D 3 .   ? 4.871   -2.018  6.020   1.00 39.46 ? 309 HOH A O   1 
HETATM 1451 O  O   . HOH D 3 .   ? 4.851   -15.073 1.069   1.00 37.09 ? 310 HOH A O   1 
HETATM 1452 O  O   . HOH D 3 .   ? -6.276  -19.786 -11.541 1.00 44.29 ? 311 HOH A O   1 
HETATM 1453 O  O   . HOH D 3 .   ? -15.230 -5.656  1.122   1.00 47.08 ? 312 HOH A O   1 
HETATM 1454 O  O   . HOH D 3 .   ? 6.150   -12.697 1.370   1.00 42.86 ? 313 HOH A O   1 
HETATM 1455 O  O   . HOH D 3 .   ? -14.655 1.990   -8.709  1.00 60.21 ? 314 HOH A O   1 
HETATM 1456 O  O   . HOH D 3 .   ? -16.920 -3.072  3.754   1.00 46.45 ? 315 HOH A O   1 
HETATM 1457 O  O   . HOH D 3 .   ? 15.215  -5.482  -6.890  1.00 47.25 ? 316 HOH A O   1 
HETATM 1458 O  O   . HOH D 3 .   ? 12.898  -14.066 -6.761  1.00 50.43 ? 317 HOH A O   1 
HETATM 1459 O  O   . HOH D 3 .   ? 11.722  -0.550  -3.098  1.00 59.61 ? 318 HOH A O   1 
HETATM 1460 O  O   . HOH D 3 .   ? 13.923  -8.009  9.181   1.00 42.85 ? 319 HOH A O   1 
HETATM 1461 O  O   . HOH D 3 .   ? -2.784  -18.921 -12.967 1.00 47.95 ? 320 HOH A O   1 
HETATM 1462 O  O   . HOH D 3 .   ? -15.475 -0.455  -0.627  1.00 54.06 ? 321 HOH A O   1 
HETATM 1463 O  O   . HOH D 3 .   ? -2.311  -14.559 -20.868 1.00 60.81 ? 322 HOH A O   1 
HETATM 1464 O  O   . HOH D 3 .   ? -13.011 -6.098  2.442   1.00 46.54 ? 323 HOH A O   1 
HETATM 1465 O  O   . HOH D 3 .   ? -11.657 -11.394 -5.779  1.00 40.54 ? 324 HOH A O   1 
HETATM 1466 O  O   . HOH D 3 .   ? -8.393  -17.503 -0.504  1.00 47.05 ? 325 HOH A O   1 
HETATM 1467 O  O   . HOH D 3 .   ? -8.198  -11.131 -17.211 1.00 45.38 ? 326 HOH A O   1 
HETATM 1468 O  O   . HOH D 3 .   ? 6.971   -2.363  -20.024 1.00 60.30 ? 327 HOH A O   1 
HETATM 1469 O  O   . HOH D 3 .   ? -14.667 -15.166 -1.216  1.00 49.01 ? 328 HOH A O   1 
HETATM 1470 O  O   . HOH D 3 .   ? -4.948  -4.140  -22.241 1.00 61.16 ? 329 HOH A O   1 
HETATM 1471 O  O   . HOH D 3 .   ? -8.881  1.019   15.095  1.00 51.75 ? 330 HOH A O   1 
HETATM 1472 O  O   . HOH D 3 .   ? 25.357  -2.754  -13.910 1.00 40.42 ? 331 HOH A O   1 
HETATM 1473 O  O   . HOH D 3 .   ? 5.491   6.099   -2.216  1.00 56.01 ? 332 HOH A O   1 
HETATM 1474 O  O   . HOH D 3 .   ? 26.050  -9.842  -17.093 1.00 55.29 ? 333 HOH A O   1 
HETATM 1475 O  O   . HOH D 3 .   ? -3.163  -1.901  -20.356 1.00 53.59 ? 334 HOH A O   1 
HETATM 1476 O  O   . HOH D 3 .   ? 11.490  -8.070  -17.908 1.00 45.78 ? 335 HOH A O   1 
HETATM 1477 O  O   . HOH D 3 .   ? 11.779  -5.459  -19.958 1.00 53.64 ? 336 HOH A O   1 
HETATM 1478 O  O   . HOH D 3 .   ? -15.719 0.999   8.144   1.00 45.80 ? 337 HOH A O   1 
HETATM 1479 O  O   . HOH D 3 .   ? -7.735  -28.339 -0.161  1.00 69.88 ? 338 HOH A O   1 
HETATM 1480 O  O   . HOH D 3 .   ? -11.300 15.809  14.391  1.00 56.58 ? 339 HOH A O   1 
HETATM 1481 O  O   . HOH D 3 .   ? -10.643 -10.842 -20.814 1.00 55.96 ? 340 HOH A O   1 
HETATM 1482 O  O   . HOH D 3 .   ? -1.132  5.050   23.651  1.00 48.19 ? 341 HOH A O   1 
HETATM 1483 O  O   . HOH D 3 .   ? -2.608  9.859   7.680   1.00 53.32 ? 342 HOH A O   1 
HETATM 1484 O  O   . HOH D 3 .   ? -1.303  12.212  8.308   1.00 55.61 ? 343 HOH A O   1 
HETATM 1485 O  O   . HOH D 3 .   ? -11.486 -7.033  7.025   1.00 58.54 ? 344 HOH A O   1 
HETATM 1486 O  O   . HOH D 3 .   ? -10.653 -17.376 -2.277  1.00 39.28 ? 345 HOH A O   1 
HETATM 1487 O  O   . HOH D 3 .   ? -7.179  -14.294 -15.126 1.00 45.02 ? 346 HOH A O   1 
HETATM 1488 O  O   . HOH D 3 .   ? -1.205  8.396   5.204   1.00 50.29 ? 347 HOH A O   1 
HETATM 1489 O  O   . HOH D 3 .   ? 3.631   5.774   -5.926  1.00 43.32 ? 348 HOH A O   1 
HETATM 1490 O  O   . HOH D 3 .   ? -14.463 -23.073 0.410   1.00 45.20 ? 349 HOH A O   1 
HETATM 1491 O  O   . HOH D 3 .   ? 6.748   -1.805  -16.267 1.00 45.98 ? 350 HOH A O   1 
HETATM 1492 O  O   . HOH D 3 .   ? -9.889  -14.219 -15.052 1.00 40.45 ? 351 HOH A O   1 
HETATM 1493 O  O   . HOH D 3 .   ? 6.650   -15.293 -13.942 1.00 52.80 ? 352 HOH A O   1 
HETATM 1494 O  O   . HOH D 3 .   ? -9.041  5.468   -7.058  1.00 48.74 ? 353 HOH A O   1 
HETATM 1495 O  O   . HOH D 3 .   ? 10.647  -9.661  -15.206 1.00 51.49 ? 354 HOH A O   1 
HETATM 1496 O  O   . HOH D 3 .   ? -10.990 -10.425 3.102   1.00 50.24 ? 355 HOH A O   1 
HETATM 1497 O  O   . HOH D 3 .   ? -12.671 0.850   -11.404 1.00 60.54 ? 356 HOH A O   1 
HETATM 1498 O  O   . HOH D 3 .   ? -0.934  -13.789 5.995   1.00 49.17 ? 357 HOH A O   1 
HETATM 1499 O  O   . HOH D 3 .   ? 4.559   14.931  19.585  1.00 48.23 ? 358 HOH A O   1 
HETATM 1500 O  O   . HOH D 3 .   ? -9.993  -8.429  -17.841 1.00 54.05 ? 359 HOH A O   1 
HETATM 1501 O  O   . HOH D 3 .   ? 3.096   -16.914 -10.678 1.00 53.84 ? 360 HOH A O   1 
HETATM 1502 O  O   . HOH D 3 .   ? 6.779   16.693  1.064   1.00 69.56 ? 361 HOH A O   1 
HETATM 1503 O  O   . HOH D 3 .   ? 8.152   -17.442 -14.407 1.00 60.35 ? 362 HOH A O   1 
HETATM 1504 O  O   . HOH D 3 .   ? 19.136  3.506   5.910   1.00 52.83 ? 363 HOH A O   1 
HETATM 1505 O  O   . HOH D 3 .   ? -7.404  -2.290  -19.293 1.00 51.60 ? 364 HOH A O   1 
HETATM 1506 O  O   . HOH D 3 .   ? 13.193  -0.876  -7.684  1.00 52.99 ? 365 HOH A O   1 
HETATM 1507 O  O   . HOH D 3 .   ? -18.064 -8.519  -0.197  1.00 57.95 ? 366 HOH A O   1 
HETATM 1508 O  O   . HOH D 3 .   ? -14.143 -1.739  -15.788 1.00 58.52 ? 367 HOH A O   1 
HETATM 1509 O  O   . HOH D 3 .   ? 10.122  -16.249 2.360   1.00 58.26 ? 368 HOH A O   1 
HETATM 1510 O  O   . HOH D 3 .   ? -10.696 10.135  -6.699  1.00 57.84 ? 369 HOH A O   1 
HETATM 1511 O  O   . HOH D 3 .   ? -0.733  13.926  2.891   1.00 55.13 ? 370 HOH A O   1 
HETATM 1512 O  O   . HOH D 3 .   ? 8.018   12.335  1.393   1.00 53.98 ? 371 HOH A O   1 
HETATM 1513 O  O   . HOH D 3 .   ? 1.530   -12.569 6.689   1.00 58.46 ? 372 HOH A O   1 
HETATM 1514 O  O   . HOH D 3 .   ? 0.023   12.912  0.333   1.00 48.64 ? 373 HOH A O   1 
HETATM 1515 O  O   . HOH D 3 .   ? 2.232   17.423  12.018  1.00 52.10 ? 374 HOH A O   1 
HETATM 1516 O  O   . HOH D 3 .   ? -11.401 -28.136 3.707   1.00 53.10 ? 375 HOH A O   1 
HETATM 1517 O  O   . HOH D 3 .   ? -5.306  -17.873 -19.436 0.50 49.51 ? 376 HOH A O   1 
HETATM 1518 O  O   . HOH D 3 .   ? -15.681 6.371   -7.266  1.00 55.21 ? 377 HOH A O   1 
HETATM 1519 O  O   . HOH D 3 .   ? -3.082  -0.172  -16.831 1.00 39.17 ? 378 HOH A O   1 
HETATM 1520 O  O   . HOH D 3 .   ? 7.198   2.144   -19.102 1.00 44.81 ? 379 HOH A O   1 
HETATM 1521 O  O   . HOH D 3 .   ? 5.271   0.377   -16.502 1.00 42.62 ? 380 HOH A O   1 
HETATM 1522 O  O   . HOH D 3 .   ? 4.510   2.279   3.842   1.00 51.96 ? 381 HOH A O   1 
HETATM 1523 O  O   . HOH D 3 .   ? 0.984   0.846   5.135   1.00 52.96 ? 382 HOH A O   1 
HETATM 1524 O  O   . HOH D 3 .   ? 18.009  -9.901  -13.467 1.00 51.74 ? 383 HOH A O   1 
HETATM 1525 O  O   . HOH D 3 .   ? 25.478  -5.990  -19.664 1.00 57.28 ? 384 HOH A O   1 
HETATM 1526 O  O   . HOH D 3 .   ? -9.435  17.350  6.686   1.00 58.51 ? 385 HOH A O   1 
HETATM 1527 O  O   . HOH D 3 .   ? 0.532   5.070   -18.963 1.00 55.82 ? 386 HOH A O   1 
HETATM 1528 O  O   . HOH D 3 .   ? -0.026  -19.880 -15.341 1.00 57.88 ? 387 HOH A O   1 
HETATM 1529 O  O   . HOH D 3 .   ? 5.416   -16.846 -8.237  1.00 62.40 ? 388 HOH A O   1 
HETATM 1530 O  O   . HOH D 3 .   ? -6.222  13.315  -2.971  1.00 51.08 ? 389 HOH A O   1 
HETATM 1531 O  O   . HOH D 3 .   ? -5.215  16.687  3.403   1.00 57.69 ? 390 HOH A O   1 
HETATM 1532 O  O   . HOH D 3 .   ? 14.094  -1.832  -20.010 1.00 44.87 ? 391 HOH A O   1 
HETATM 1533 O  O   . HOH D 3 .   ? -2.445  14.031  -4.840  1.00 54.44 ? 392 HOH A O   1 
HETATM 1534 O  O   . HOH D 3 .   ? 13.113  -10.165 -15.599 1.00 46.97 ? 393 HOH A O   1 
HETATM 1535 O  O   . HOH D 3 .   ? 3.963   -17.112 -3.800  1.00 57.26 ? 394 HOH A O   1 
HETATM 1536 O  O   . HOH D 3 .   ? 3.414   -18.842 -5.916  1.00 57.65 ? 395 HOH A O   1 
HETATM 1537 O  O   . HOH D 3 .   ? -15.024 0.037   -3.579  1.00 59.11 ? 396 HOH A O   1 
HETATM 1538 O  O   . HOH D 3 .   ? -6.391  5.948   -14.591 1.00 59.82 ? 397 HOH A O   1 
HETATM 1539 O  O   . HOH D 3 .   ? 7.974   -17.473 -11.732 1.00 63.59 ? 398 HOH A O   1 
HETATM 1540 O  O   . HOH D 3 .   ? 9.192   4.861   -1.402  1.00 57.59 ? 399 HOH A O   1 
# 
